data_1ZA6
#
_entry.id   1ZA6
#
_cell.length_a   82.540
_cell.length_b   224.200
_cell.length_c   166.590
_cell.angle_alpha   90.00
_cell.angle_beta   90.00
_cell.angle_gamma   90.00
#
_symmetry.space_group_name_H-M   'P 21 21 2'
#
loop_
_entity.id
_entity.type
_entity.pdbx_description
1 polymer 'IGG Light chain'
2 polymer 'IGG Heavy chain'
#
loop_
_entity_poly.entity_id
_entity_poly.type
_entity_poly.pdbx_seq_one_letter_code
_entity_poly.pdbx_strand_id
1 'polypeptide(L)'
;DIVMSQSPDSLAVSLGERVTLNCKSSQSLLYSGNQKNYLAWYQQKPGQSPKLLIYWASARESGVPDRFSGSGSGTDFTLT
ISSVQAEDVAVYYCQQYYSYPLTFGAGTKLELKRTVAAPSVFIFPPSDEQLKSGTASVVCLLNNFYPREAKVQWKVDNAL
QSGNSQESVTEQDSKDSTYSLSSTLTLSKADYEKHKVYACEVTHQGLSSPVTKSFNRGEC
;
A,C,E,G
2 'polypeptide(L)'
;QVQLVQSGAEVVKPGASVKISCKASGYTFTDHAIHWVKQNPGQRLEWIGYFSPGNDDFKYNERFKGKATLTADTSASTAY
VELSSLRSEDTAVYFCTRSLNMAYWGQGTLVTVSSASTKGPSVFPLAPSSKSTSGGTAALGCLVKDYFPEPVTVSWNSGA
LTSGVHTFPAVLQSSGLYSLSSVVTVPSSSLGTQTYICNVNHKPSNTKVDKKVEPKSCDKTHTCPPCGGGSSGGGSGGQP
REPQVYTLPPSRDELTKNQVSLTCLVKGFYPSDIAVEWESNGQPENNYKTTPPVLDSDGSFFLYSKLTVDKSRWQQGNVF
SCSVMHEALHNHYTQKSLSLSPGK
;
B,D,F,H
#
# COMPACT_ATOMS: atom_id res chain seq x y z
N ASP A 1 14.24 0.58 -31.10
CA ASP A 1 13.97 -0.86 -30.79
C ASP A 1 14.25 -1.01 -29.31
N ILE A 2 13.41 -1.80 -28.61
CA ILE A 2 13.60 -1.99 -27.18
C ILE A 2 14.70 -2.99 -27.00
N VAL A 3 15.60 -2.69 -26.09
CA VAL A 3 16.75 -3.56 -25.79
C VAL A 3 16.55 -4.26 -24.45
N MET A 4 16.78 -5.56 -24.38
CA MET A 4 16.61 -6.24 -23.10
C MET A 4 17.94 -6.66 -22.53
N SER A 5 18.23 -6.26 -21.32
CA SER A 5 19.53 -6.61 -20.78
C SER A 5 19.33 -7.46 -19.57
N GLN A 6 20.01 -8.60 -19.49
CA GLN A 6 19.86 -9.46 -18.33
C GLN A 6 21.13 -9.47 -17.53
N SER A 7 20.99 -9.87 -16.27
CA SER A 7 22.12 -9.97 -15.39
C SER A 7 21.83 -10.94 -14.29
N PRO A 8 22.84 -11.73 -13.88
CA PRO A 8 24.19 -11.68 -14.45
C PRO A 8 24.27 -12.57 -15.69
N ASP A 9 25.40 -12.53 -16.38
CA ASP A 9 25.56 -13.36 -17.57
C ASP A 9 25.44 -14.82 -17.21
N SER A 10 25.86 -15.17 -16.00
CA SER A 10 25.83 -16.55 -15.58
C SER A 10 26.04 -16.65 -14.08
N LEU A 11 25.38 -17.60 -13.43
CA LEU A 11 25.59 -17.76 -12.00
C LEU A 11 25.51 -19.20 -11.49
N ALA A 12 26.44 -19.50 -10.58
CA ALA A 12 26.63 -20.81 -9.94
C ALA A 12 25.87 -20.90 -8.61
N VAL A 13 24.84 -21.73 -8.50
CA VAL A 13 24.13 -21.80 -7.24
C VAL A 13 24.03 -23.21 -6.67
N SER A 14 24.13 -23.31 -5.34
CA SER A 14 24.07 -24.58 -4.62
C SER A 14 22.65 -25.08 -4.50
N LEU A 15 22.43 -26.37 -4.70
CA LEU A 15 21.09 -26.96 -4.63
C LEU A 15 20.35 -26.39 -3.45
N GLY A 16 19.07 -26.11 -3.64
CA GLY A 16 18.28 -25.59 -2.54
C GLY A 16 18.37 -24.10 -2.27
N GLU A 17 19.44 -23.42 -2.72
CA GLU A 17 19.57 -21.99 -2.50
C GLU A 17 18.51 -21.22 -3.30
N ARG A 18 18.49 -19.89 -3.16
CA ARG A 18 17.51 -19.03 -3.85
C ARG A 18 18.21 -18.21 -4.93
N VAL A 19 17.60 -18.11 -6.10
CA VAL A 19 18.21 -17.36 -7.17
C VAL A 19 17.29 -16.26 -7.66
N THR A 20 17.89 -15.14 -8.03
CA THR A 20 17.14 -14.03 -8.57
C THR A 20 17.93 -13.65 -9.82
N LEU A 21 17.22 -13.53 -10.95
CA LEU A 21 17.81 -13.18 -12.23
C LEU A 21 17.22 -11.86 -12.67
N ASN A 22 18.06 -10.96 -13.14
CA ASN A 22 17.58 -9.67 -13.58
C ASN A 22 17.26 -9.55 -15.07
N CYS A 23 16.45 -8.54 -15.38
CA CYS A 23 16.07 -8.19 -16.77
C CYS A 23 15.62 -6.75 -16.80
N LYS A 24 16.39 -5.89 -17.44
CA LYS A 24 15.98 -4.49 -17.52
C LYS A 24 15.86 -4.06 -18.98
N SER A 25 14.69 -3.51 -19.33
CA SER A 25 14.41 -3.07 -20.68
C SER A 25 14.77 -1.60 -20.83
N SER A 26 15.02 -1.18 -22.08
CA SER A 26 15.40 0.20 -22.29
C SER A 26 14.23 1.15 -22.40
N GLN A 27 13.04 0.63 -22.21
CA GLN A 27 11.83 1.46 -22.27
C GLN A 27 10.76 0.73 -21.50
N SER A 28 9.87 1.44 -20.84
CA SER A 28 8.87 0.72 -20.07
C SER A 28 8.00 -0.29 -20.83
N LEU A 29 7.69 -1.41 -20.19
CA LEU A 29 6.82 -2.39 -20.82
C LEU A 29 5.48 -2.36 -20.05
N LEU A 30 5.22 -1.21 -19.41
CA LEU A 30 3.99 -0.98 -18.65
C LEU A 30 3.04 -0.11 -19.48
N TYR A 31 1.93 -0.71 -19.89
CA TYR A 31 0.95 -0.02 -20.69
C TYR A 31 -0.04 0.72 -19.79
N SER A 32 0.06 2.05 -19.82
CA SER A 32 -0.81 2.90 -19.02
C SER A 32 -2.25 2.44 -19.13
N GLY A 33 -2.69 2.18 -20.35
CA GLY A 33 -4.05 1.73 -20.55
C GLY A 33 -4.59 0.62 -19.66
N ASN A 34 -3.86 -0.46 -19.46
CA ASN A 34 -4.38 -1.54 -18.65
C ASN A 34 -3.47 -1.91 -17.51
N GLN A 35 -2.44 -1.08 -17.31
CA GLN A 35 -1.51 -1.30 -16.22
C GLN A 35 -0.77 -2.62 -16.29
N LYS A 36 -0.63 -3.17 -17.49
CA LYS A 36 0.04 -4.46 -17.69
C LYS A 36 1.50 -4.32 -18.14
N ASN A 37 2.29 -5.32 -17.80
CA ASN A 37 3.66 -5.29 -18.17
C ASN A 37 3.87 -6.32 -19.24
N TYR A 38 4.22 -5.86 -20.43
CA TYR A 38 4.42 -6.75 -21.56
C TYR A 38 5.78 -7.38 -21.57
N LEU A 39 5.96 -8.33 -20.65
CA LEU A 39 7.24 -9.01 -20.57
C LEU A 39 7.08 -10.48 -20.20
N ALA A 40 7.92 -11.34 -20.74
CA ALA A 40 7.81 -12.77 -20.46
C ALA A 40 9.16 -13.44 -20.21
N TRP A 41 9.13 -14.56 -19.50
CA TRP A 41 10.34 -15.31 -19.20
C TRP A 41 10.34 -16.66 -19.87
N TYR A 42 11.53 -17.03 -20.30
CA TYR A 42 11.73 -18.27 -21.02
C TYR A 42 12.82 -19.14 -20.43
N GLN A 43 12.55 -20.44 -20.30
CA GLN A 43 13.58 -21.32 -19.83
C GLN A 43 13.99 -22.14 -21.02
N GLN A 44 15.29 -22.20 -21.31
CA GLN A 44 15.79 -22.97 -22.45
C GLN A 44 16.96 -23.88 -22.09
N LYS A 45 16.79 -25.18 -22.36
CA LYS A 45 17.83 -26.18 -22.13
C LYS A 45 18.39 -26.66 -23.45
N PRO A 46 19.71 -26.74 -23.56
CA PRO A 46 20.47 -27.16 -24.73
C PRO A 46 19.72 -27.92 -25.81
N GLY A 47 19.72 -27.31 -27.00
CA GLY A 47 19.04 -27.85 -28.17
C GLY A 47 17.62 -28.23 -27.84
N GLN A 48 16.81 -27.24 -27.54
CA GLN A 48 15.44 -27.51 -27.18
C GLN A 48 14.60 -26.24 -27.38
N SER A 49 13.34 -26.44 -27.71
CA SER A 49 12.48 -25.31 -27.92
C SER A 49 12.20 -24.64 -26.58
N PRO A 50 12.70 -23.41 -26.37
CA PRO A 50 12.48 -22.70 -25.10
C PRO A 50 11.08 -22.86 -24.54
N LYS A 51 10.96 -22.73 -23.23
CA LYS A 51 9.67 -22.88 -22.54
C LYS A 51 9.25 -21.59 -21.86
N LEU A 52 8.02 -21.22 -22.11
CA LEU A 52 7.47 -20.02 -21.50
C LEU A 52 7.17 -20.35 -20.04
N LEU A 53 7.77 -19.60 -19.13
CA LEU A 53 7.56 -19.79 -17.70
C LEU A 53 6.60 -18.77 -17.15
N ILE A 54 6.97 -17.52 -17.32
CA ILE A 54 6.20 -16.41 -16.82
C ILE A 54 5.72 -15.53 -17.97
N TYR A 55 4.51 -14.98 -17.85
CA TYR A 55 3.98 -14.07 -18.87
C TYR A 55 3.38 -12.88 -18.14
N TRP A 56 3.25 -11.76 -18.83
CA TRP A 56 2.73 -10.55 -18.23
C TRP A 56 3.54 -10.19 -16.97
N ALA A 57 4.86 -10.35 -17.08
CA ALA A 57 5.77 -10.02 -16.00
C ALA A 57 5.64 -10.88 -14.76
N SER A 58 4.45 -11.39 -14.47
CA SER A 58 4.29 -12.17 -13.26
C SER A 58 3.17 -13.20 -13.24
N ALA A 59 2.74 -13.66 -14.40
CA ALA A 59 1.70 -14.65 -14.44
C ALA A 59 2.29 -16.01 -14.80
N ARG A 60 2.62 -16.78 -13.78
CA ARG A 60 3.23 -18.10 -13.97
C ARG A 60 2.34 -19.04 -14.80
N GLU A 61 2.93 -19.70 -15.79
CA GLU A 61 2.17 -20.59 -16.66
C GLU A 61 1.71 -21.87 -15.98
N SER A 62 0.63 -22.42 -16.54
CA SER A 62 -0.05 -23.63 -16.07
C SER A 62 0.81 -24.66 -15.34
N GLY A 63 1.83 -25.16 -16.03
CA GLY A 63 2.62 -26.19 -15.40
C GLY A 63 3.89 -25.83 -14.64
N VAL A 64 4.29 -24.57 -14.64
CA VAL A 64 5.52 -24.17 -13.95
C VAL A 64 5.40 -24.32 -12.43
N PRO A 65 6.46 -24.86 -11.79
CA PRO A 65 6.55 -25.08 -10.33
C PRO A 65 6.55 -23.78 -9.58
N ASP A 66 5.98 -23.78 -8.40
CA ASP A 66 5.92 -22.54 -7.64
C ASP A 66 7.27 -21.99 -7.22
N ARG A 67 8.33 -22.75 -7.37
CA ARG A 67 9.63 -22.21 -6.96
C ARG A 67 9.96 -21.04 -7.87
N PHE A 68 9.22 -20.94 -8.97
CA PHE A 68 9.40 -19.90 -9.99
C PHE A 68 8.44 -18.71 -9.85
N SER A 69 8.96 -17.48 -9.87
CA SER A 69 8.11 -16.33 -9.79
C SER A 69 8.73 -15.10 -10.43
N GLY A 70 7.89 -14.34 -11.11
CA GLY A 70 8.33 -13.13 -11.77
C GLY A 70 7.68 -11.90 -11.17
N SER A 71 8.45 -10.82 -11.14
CA SER A 71 7.99 -9.56 -10.57
C SER A 71 8.63 -8.42 -11.33
N GLY A 72 8.33 -7.20 -10.88
CA GLY A 72 8.89 -6.05 -11.53
C GLY A 72 7.82 -5.30 -12.29
N SER A 73 8.19 -4.10 -12.75
CA SER A 73 7.29 -3.25 -13.49
C SER A 73 8.06 -2.21 -14.27
N GLY A 74 7.46 -1.78 -15.36
CA GLY A 74 8.08 -0.76 -16.18
C GLY A 74 9.34 -1.19 -16.87
N THR A 75 10.48 -0.80 -16.31
CA THR A 75 11.77 -1.08 -16.90
C THR A 75 12.60 -2.15 -16.21
N ASP A 76 12.27 -2.51 -14.98
CA ASP A 76 13.05 -3.50 -14.27
C ASP A 76 12.28 -4.70 -13.76
N PHE A 77 12.66 -5.88 -14.21
CA PHE A 77 11.96 -7.06 -13.79
C PHE A 77 12.95 -8.04 -13.24
N THR A 78 12.40 -9.10 -12.63
CA THR A 78 13.21 -10.14 -12.05
C THR A 78 12.51 -11.51 -11.97
N LEU A 79 13.26 -12.58 -12.22
CA LEU A 79 12.73 -13.94 -12.16
C LEU A 79 13.45 -14.49 -10.93
N THR A 80 12.70 -15.12 -10.02
CA THR A 80 13.27 -15.67 -8.81
C THR A 80 12.85 -17.12 -8.62
N ILE A 81 13.81 -17.98 -8.28
CA ILE A 81 13.54 -19.40 -8.01
C ILE A 81 13.88 -19.56 -6.52
N SER A 82 12.85 -19.77 -5.69
CA SER A 82 12.98 -19.89 -4.24
C SER A 82 14.05 -20.86 -3.77
N SER A 83 13.94 -22.09 -4.26
CA SER A 83 14.87 -23.15 -3.93
C SER A 83 15.22 -23.93 -5.21
N VAL A 84 16.36 -23.58 -5.81
CA VAL A 84 16.78 -24.22 -7.02
C VAL A 84 16.82 -25.73 -6.89
N GLN A 85 16.67 -26.40 -8.01
CA GLN A 85 16.70 -27.85 -8.03
C GLN A 85 17.64 -28.22 -9.17
N ALA A 86 18.16 -29.44 -9.21
CA ALA A 86 19.07 -29.80 -10.30
C ALA A 86 18.42 -29.40 -11.65
N GLU A 87 17.21 -29.92 -11.90
CA GLU A 87 16.46 -29.64 -13.13
C GLU A 87 16.59 -28.22 -13.65
N ASP A 88 16.44 -27.24 -12.77
CA ASP A 88 16.48 -25.83 -13.15
C ASP A 88 17.72 -25.34 -13.84
N VAL A 89 18.71 -26.20 -13.98
CA VAL A 89 19.91 -25.75 -14.67
C VAL A 89 19.55 -25.61 -16.09
N ALA A 90 19.62 -24.39 -16.58
CA ALA A 90 19.26 -24.09 -17.95
C ALA A 90 19.62 -22.64 -18.23
N VAL A 91 19.07 -22.10 -19.31
CA VAL A 91 19.29 -20.71 -19.60
C VAL A 91 17.96 -20.02 -19.51
N TYR A 92 17.97 -18.85 -18.90
CA TYR A 92 16.77 -18.08 -18.74
C TYR A 92 16.79 -16.81 -19.61
N TYR A 93 15.67 -16.61 -20.31
CA TYR A 93 15.50 -15.51 -21.22
C TYR A 93 14.28 -14.66 -20.91
N CYS A 94 14.43 -13.35 -21.08
CA CYS A 94 13.32 -12.45 -20.88
C CYS A 94 13.12 -11.79 -22.24
N GLN A 95 11.87 -11.48 -22.56
CA GLN A 95 11.55 -10.86 -23.84
C GLN A 95 10.32 -9.95 -23.72
N GLN A 96 10.37 -8.79 -24.39
CA GLN A 96 9.24 -7.86 -24.38
C GLN A 96 8.37 -7.99 -25.62
N TYR A 97 7.05 -7.94 -25.44
CA TYR A 97 6.14 -8.02 -26.58
C TYR A 97 5.28 -6.76 -26.60
N TYR A 98 5.85 -5.68 -26.08
CA TYR A 98 5.17 -4.40 -26.00
C TYR A 98 5.02 -3.85 -27.40
N SER A 99 6.07 -3.98 -28.16
CA SER A 99 6.07 -3.47 -29.51
C SER A 99 7.07 -4.27 -30.35
N TYR A 100 6.93 -4.25 -31.67
CA TYR A 100 7.84 -4.95 -32.54
C TYR A 100 9.01 -4.04 -32.85
N PRO A 101 10.19 -4.63 -33.12
CA PRO A 101 10.42 -6.09 -33.15
C PRO A 101 10.36 -6.73 -31.76
N LEU A 102 9.91 -7.99 -31.67
CA LEU A 102 9.90 -8.62 -30.35
C LEU A 102 11.37 -8.76 -29.98
N THR A 103 11.72 -8.41 -28.75
CA THR A 103 13.12 -8.43 -28.33
C THR A 103 13.42 -9.29 -27.14
N PHE A 104 14.54 -10.00 -27.20
CA PHE A 104 15.01 -10.85 -26.12
C PHE A 104 16.20 -10.25 -25.37
N GLY A 105 16.54 -10.88 -24.26
CA GLY A 105 17.69 -10.49 -23.48
C GLY A 105 18.81 -11.46 -23.87
N ALA A 106 20.06 -11.17 -23.54
CA ALA A 106 21.12 -12.11 -23.92
C ALA A 106 21.05 -13.36 -23.05
N GLY A 107 20.20 -13.33 -22.02
CA GLY A 107 20.00 -14.48 -21.15
C GLY A 107 21.00 -14.70 -20.03
N THR A 108 20.57 -15.44 -19.00
CA THR A 108 21.44 -15.77 -17.86
C THR A 108 21.53 -17.27 -17.76
N LYS A 109 22.73 -17.81 -17.74
CA LYS A 109 22.84 -19.26 -17.60
C LYS A 109 23.10 -19.70 -16.16
N LEU A 110 22.24 -20.61 -15.72
CA LEU A 110 22.25 -21.14 -14.38
C LEU A 110 22.98 -22.48 -14.26
N GLU A 111 24.07 -22.46 -13.49
CA GLU A 111 24.88 -23.65 -13.21
C GLU A 111 24.71 -23.98 -11.74
N LEU A 112 24.52 -25.26 -11.44
CA LEU A 112 24.37 -25.72 -10.08
C LEU A 112 25.68 -26.27 -9.52
N LYS A 113 25.99 -25.91 -8.27
CA LYS A 113 27.22 -26.32 -7.55
C LYS A 113 27.01 -27.61 -6.83
N ARG A 114 27.92 -28.57 -6.98
CA ARG A 114 27.64 -29.84 -6.38
C ARG A 114 28.64 -30.44 -5.46
N THR A 115 29.84 -29.90 -5.47
CA THR A 115 30.90 -30.49 -4.64
C THR A 115 31.89 -31.02 -5.66
N VAL A 116 33.17 -30.80 -5.44
CA VAL A 116 34.11 -31.29 -6.40
C VAL A 116 33.94 -32.78 -6.65
N ALA A 117 33.90 -33.11 -7.93
CA ALA A 117 33.80 -34.48 -8.41
C ALA A 117 35.01 -34.65 -9.35
N ALA A 118 35.75 -35.73 -9.13
CA ALA A 118 36.91 -36.00 -9.95
C ALA A 118 36.50 -36.81 -11.18
N PRO A 119 37.18 -36.60 -12.34
CA PRO A 119 36.84 -37.46 -13.45
C PRO A 119 37.00 -38.93 -13.12
N SER A 120 36.49 -39.75 -14.01
CA SER A 120 36.72 -41.18 -13.99
C SER A 120 37.24 -41.29 -15.40
N VAL A 121 38.48 -41.75 -15.59
CA VAL A 121 39.02 -41.61 -16.95
C VAL A 121 39.24 -42.88 -17.78
N PHE A 122 38.85 -42.86 -19.05
CA PHE A 122 39.06 -44.06 -19.88
C PHE A 122 39.71 -43.71 -21.20
N ILE A 123 40.34 -44.70 -21.83
CA ILE A 123 40.97 -44.44 -23.11
C ILE A 123 40.57 -45.59 -24.04
N PHE A 124 40.27 -45.24 -25.29
CA PHE A 124 39.86 -46.19 -26.33
C PHE A 124 40.76 -46.03 -27.54
N PRO A 125 41.30 -47.15 -28.06
CA PRO A 125 42.19 -47.08 -29.23
C PRO A 125 41.35 -47.19 -30.49
N PRO A 126 41.91 -46.79 -31.63
CA PRO A 126 41.18 -46.87 -32.88
C PRO A 126 40.70 -48.30 -33.18
N SER A 127 39.51 -48.43 -33.76
CA SER A 127 39.02 -49.74 -34.12
C SER A 127 39.78 -50.21 -35.34
N ASP A 128 39.74 -51.51 -35.59
CA ASP A 128 40.41 -52.07 -36.74
C ASP A 128 39.68 -51.50 -37.93
N GLU A 129 38.37 -51.65 -37.91
CA GLU A 129 37.53 -51.17 -38.98
C GLU A 129 37.95 -49.76 -39.40
N GLN A 130 38.07 -48.85 -38.45
CA GLN A 130 38.47 -47.48 -38.76
C GLN A 130 39.88 -47.43 -39.34
N LEU A 131 40.72 -48.33 -38.87
CA LEU A 131 42.08 -48.38 -39.36
C LEU A 131 42.05 -48.66 -40.84
N LYS A 132 41.20 -49.61 -41.24
CA LYS A 132 41.06 -49.98 -42.65
C LYS A 132 40.97 -48.69 -43.46
N SER A 133 40.04 -47.83 -43.04
CA SER A 133 39.80 -46.54 -43.69
C SER A 133 41.05 -45.72 -43.99
N GLY A 134 42.06 -45.83 -43.15
CA GLY A 134 43.25 -45.05 -43.39
C GLY A 134 43.46 -43.92 -42.40
N THR A 135 42.73 -43.97 -41.31
CA THR A 135 42.89 -42.94 -40.29
C THR A 135 42.62 -43.51 -38.92
N ALA A 136 43.34 -42.95 -37.94
CA ALA A 136 43.24 -43.41 -36.56
C ALA A 136 42.78 -42.33 -35.57
N SER A 137 41.72 -42.65 -34.84
CA SER A 137 41.19 -41.73 -33.87
C SER A 137 41.21 -42.35 -32.49
N VAL A 138 41.97 -41.74 -31.57
CA VAL A 138 42.02 -42.25 -30.20
C VAL A 138 41.12 -41.38 -29.38
N VAL A 139 40.26 -42.01 -28.59
CA VAL A 139 39.33 -41.27 -27.80
C VAL A 139 39.54 -41.45 -26.30
N CYS A 140 39.55 -40.33 -25.59
CA CYS A 140 39.75 -40.30 -24.14
C CYS A 140 38.54 -39.67 -23.48
N LEU A 141 37.95 -40.41 -22.52
CA LEU A 141 36.76 -40.00 -21.78
C LEU A 141 36.98 -39.60 -20.30
N LEU A 142 36.53 -38.40 -19.96
CA LEU A 142 36.62 -37.87 -18.62
C LEU A 142 35.15 -37.91 -18.21
N ASN A 143 34.81 -38.84 -17.34
CA ASN A 143 33.42 -39.01 -17.00
C ASN A 143 32.85 -38.51 -15.65
N ASN A 144 31.82 -37.65 -15.71
CA ASN A 144 31.16 -37.08 -14.53
C ASN A 144 32.06 -36.38 -13.54
N PHE A 145 32.52 -35.17 -13.88
CA PHE A 145 33.36 -34.41 -12.97
C PHE A 145 32.70 -33.06 -12.76
N TYR A 146 33.24 -32.24 -11.87
CA TYR A 146 32.69 -30.90 -11.64
C TYR A 146 33.67 -30.23 -10.77
N PRO A 147 34.09 -29.01 -11.05
CA PRO A 147 33.93 -27.92 -12.01
C PRO A 147 34.27 -28.33 -13.43
N ARG A 148 33.66 -27.61 -14.36
CA ARG A 148 33.86 -27.87 -15.75
C ARG A 148 35.32 -27.87 -16.12
N GLU A 149 36.12 -26.92 -15.62
CA GLU A 149 37.53 -26.88 -15.99
C GLU A 149 38.19 -28.25 -15.86
N ALA A 150 38.86 -28.67 -16.91
CA ALA A 150 39.50 -29.98 -16.92
C ALA A 150 40.44 -29.89 -18.09
N LYS A 151 41.56 -30.60 -18.07
CA LYS A 151 42.50 -30.51 -19.16
C LYS A 151 43.02 -31.86 -19.57
N VAL A 152 43.11 -32.08 -20.87
CA VAL A 152 43.62 -33.34 -21.39
C VAL A 152 44.85 -33.08 -22.21
N GLN A 153 45.88 -33.90 -22.03
CA GLN A 153 47.15 -33.76 -22.73
C GLN A 153 47.54 -35.11 -23.37
N TRP A 154 47.74 -35.12 -24.70
CA TRP A 154 48.09 -36.36 -25.38
C TRP A 154 49.60 -36.55 -25.50
N LYS A 155 50.00 -37.80 -25.38
CA LYS A 155 51.40 -38.18 -25.47
C LYS A 155 51.59 -39.49 -26.26
N VAL A 156 52.22 -39.38 -27.43
CA VAL A 156 52.47 -40.56 -28.25
C VAL A 156 53.96 -40.83 -28.14
N ASP A 157 54.31 -42.00 -27.63
CA ASP A 157 55.73 -42.34 -27.42
C ASP A 157 56.22 -41.17 -26.56
N ASN A 158 55.59 -41.07 -25.38
CA ASN A 158 55.86 -40.00 -24.41
C ASN A 158 56.24 -38.67 -25.03
N ALA A 159 55.58 -38.34 -26.13
CA ALA A 159 55.83 -37.08 -26.81
C ALA A 159 54.57 -36.23 -26.79
N LEU A 160 54.71 -34.98 -26.37
CA LEU A 160 53.59 -34.07 -26.28
C LEU A 160 52.91 -33.77 -27.60
N GLN A 161 51.63 -34.13 -27.70
CA GLN A 161 50.90 -33.88 -28.93
C GLN A 161 50.21 -32.54 -28.90
N SER A 162 50.25 -31.79 -29.99
CA SER A 162 49.63 -30.49 -30.03
C SER A 162 48.83 -30.14 -31.29
N GLY A 163 47.64 -29.54 -31.07
CA GLY A 163 46.76 -29.10 -32.15
C GLY A 163 46.08 -30.13 -33.03
N ASN A 164 46.14 -31.40 -32.65
CA ASN A 164 45.54 -32.49 -33.43
C ASN A 164 44.54 -33.26 -32.56
N SER A 165 43.95 -32.54 -31.62
CA SER A 165 42.99 -33.11 -30.69
C SER A 165 41.76 -32.22 -30.65
N GLN A 166 40.63 -32.77 -30.25
CA GLN A 166 39.44 -31.98 -30.13
C GLN A 166 38.56 -32.56 -29.05
N GLU A 167 38.01 -31.68 -28.21
CA GLU A 167 37.14 -32.11 -27.13
C GLU A 167 35.74 -31.52 -27.15
N SER A 168 34.80 -32.28 -26.62
CA SER A 168 33.43 -31.77 -26.55
C SER A 168 32.99 -32.08 -25.15
N VAL A 169 32.21 -31.17 -24.58
CA VAL A 169 31.75 -31.35 -23.21
C VAL A 169 30.27 -31.33 -23.14
N THR A 170 29.70 -32.19 -22.32
CA THR A 170 28.26 -32.24 -22.18
C THR A 170 27.61 -31.10 -21.39
N GLU A 171 26.29 -31.13 -21.39
CA GLU A 171 25.52 -30.18 -20.64
C GLU A 171 25.69 -30.76 -19.24
N GLN A 172 25.62 -29.92 -18.23
CA GLN A 172 25.76 -30.39 -16.88
C GLN A 172 24.54 -31.25 -16.66
N ASP A 173 24.77 -32.45 -16.12
CA ASP A 173 23.71 -33.39 -15.94
C ASP A 173 22.52 -32.87 -15.15
N SER A 174 21.34 -33.39 -15.47
CA SER A 174 20.12 -33.00 -14.84
C SER A 174 19.96 -33.59 -13.44
N LYS A 175 20.70 -34.65 -13.12
CA LYS A 175 20.57 -35.29 -11.82
C LYS A 175 21.76 -35.28 -10.84
N ASP A 176 22.97 -35.38 -11.35
CA ASP A 176 24.13 -35.36 -10.48
C ASP A 176 24.89 -34.14 -10.82
N SER A 177 24.29 -33.28 -11.62
CA SER A 177 24.95 -32.05 -12.02
C SER A 177 26.47 -32.15 -12.31
N THR A 178 26.91 -33.11 -13.14
CA THR A 178 28.35 -33.16 -13.51
C THR A 178 28.57 -32.81 -14.99
N TYR A 179 29.79 -32.97 -15.44
CA TYR A 179 30.15 -32.72 -16.84
C TYR A 179 30.94 -33.95 -17.28
N SER A 180 30.98 -34.21 -18.58
CA SER A 180 31.75 -35.34 -19.11
C SER A 180 32.43 -34.72 -20.31
N LEU A 181 33.61 -35.18 -20.64
CA LEU A 181 34.35 -34.59 -21.73
C LEU A 181 35.01 -35.69 -22.48
N SER A 182 35.12 -35.48 -23.78
CA SER A 182 35.76 -36.45 -24.62
C SER A 182 36.77 -35.71 -25.50
N SER A 183 37.99 -36.24 -25.51
CA SER A 183 39.05 -35.66 -26.32
C SER A 183 39.38 -36.67 -27.38
N THR A 184 39.44 -36.25 -28.65
CA THR A 184 39.82 -37.21 -29.67
C THR A 184 41.13 -36.84 -30.37
N LEU A 185 42.08 -37.78 -30.32
CA LEU A 185 43.35 -37.60 -30.99
C LEU A 185 43.22 -38.24 -32.37
N THR A 186 43.30 -37.39 -33.39
CA THR A 186 43.18 -37.84 -34.76
C THR A 186 44.49 -37.74 -35.53
N LEU A 187 44.94 -38.88 -36.05
CA LEU A 187 46.15 -38.94 -36.87
C LEU A 187 46.07 -40.09 -37.88
N SER A 188 46.78 -39.94 -39.00
CA SER A 188 46.80 -40.92 -40.08
C SER A 188 47.06 -42.34 -39.61
N LYS A 189 46.61 -43.33 -40.38
CA LYS A 189 46.85 -44.74 -40.01
C LYS A 189 48.34 -44.91 -40.00
N ALA A 190 48.94 -44.27 -40.98
CA ALA A 190 50.37 -44.32 -41.16
C ALA A 190 51.03 -43.88 -39.87
N ASP A 191 50.83 -42.60 -39.53
CA ASP A 191 51.39 -41.98 -38.33
C ASP A 191 51.17 -42.89 -37.12
N TYR A 192 49.94 -43.35 -36.96
CA TYR A 192 49.52 -44.19 -35.85
C TYR A 192 50.46 -45.36 -35.73
N GLU A 193 50.58 -46.11 -36.81
CA GLU A 193 51.42 -47.31 -36.85
C GLU A 193 52.89 -46.99 -36.58
N LYS A 194 53.33 -45.82 -36.98
CA LYS A 194 54.74 -45.45 -36.83
C LYS A 194 55.17 -45.10 -35.43
N HIS A 195 54.22 -44.99 -34.49
CA HIS A 195 54.56 -44.68 -33.09
C HIS A 195 53.96 -45.81 -32.18
N LYS A 196 54.41 -45.95 -30.95
CA LYS A 196 53.93 -47.07 -30.09
C LYS A 196 53.21 -46.91 -28.75
N VAL A 197 53.50 -45.83 -28.00
CA VAL A 197 52.82 -45.62 -26.73
C VAL A 197 51.86 -44.42 -26.74
N TYR A 198 50.59 -44.74 -26.49
CA TYR A 198 49.50 -43.75 -26.52
C TYR A 198 48.97 -43.41 -25.13
N ALA A 199 49.22 -42.18 -24.71
CA ALA A 199 48.80 -41.76 -23.38
C ALA A 199 47.94 -40.53 -23.36
N CYS A 200 46.97 -40.60 -22.45
CA CYS A 200 46.01 -39.55 -22.20
C CYS A 200 46.32 -39.01 -20.78
N GLU A 201 46.45 -37.70 -20.60
CA GLU A 201 46.78 -37.16 -19.26
C GLU A 201 45.83 -36.13 -18.65
N VAL A 202 44.86 -36.65 -17.89
CA VAL A 202 43.80 -35.87 -17.25
C VAL A 202 44.26 -35.08 -16.02
N THR A 203 43.80 -33.83 -15.98
CA THR A 203 44.22 -32.83 -15.01
C THR A 203 43.01 -32.07 -14.51
N HIS A 204 42.41 -32.52 -13.43
CA HIS A 204 41.22 -31.83 -12.90
C HIS A 204 41.49 -31.44 -11.43
N GLN A 205 40.59 -30.62 -10.90
CA GLN A 205 40.68 -30.15 -9.53
C GLN A 205 40.46 -31.22 -8.47
N GLY A 206 39.55 -32.14 -8.70
CA GLY A 206 39.32 -33.18 -7.74
C GLY A 206 40.47 -34.14 -7.69
N LEU A 207 41.34 -34.09 -8.68
CA LEU A 207 42.49 -35.00 -8.76
C LEU A 207 43.62 -34.43 -7.93
N SER A 208 44.19 -35.22 -7.02
CA SER A 208 45.27 -34.70 -6.19
C SER A 208 46.53 -34.57 -7.06
N SER A 209 46.62 -35.43 -8.07
CA SER A 209 47.73 -35.47 -9.00
C SER A 209 47.22 -35.86 -10.41
N PRO A 210 47.89 -35.38 -11.46
CA PRO A 210 47.44 -35.72 -12.82
C PRO A 210 47.27 -37.22 -13.01
N VAL A 211 46.18 -37.59 -13.69
CA VAL A 211 45.81 -38.98 -13.96
C VAL A 211 46.17 -39.36 -15.38
N THR A 212 46.61 -40.58 -15.60
CA THR A 212 46.94 -40.98 -16.95
C THR A 212 46.40 -42.38 -17.19
N LYS A 213 45.82 -42.58 -18.38
CA LYS A 213 45.27 -43.85 -18.81
C LYS A 213 45.86 -43.98 -20.16
N SER A 214 46.32 -45.17 -20.49
CA SER A 214 46.95 -45.33 -21.79
C SER A 214 47.08 -46.77 -22.31
N PHE A 215 47.58 -46.90 -23.55
CA PHE A 215 47.78 -48.19 -24.21
C PHE A 215 48.97 -48.10 -25.13
N ASN A 216 49.43 -49.27 -25.61
CA ASN A 216 50.57 -49.38 -26.53
C ASN A 216 50.06 -50.13 -27.76
N ARG A 217 50.33 -49.54 -28.92
CA ARG A 217 49.86 -50.04 -30.21
C ARG A 217 49.59 -51.54 -30.31
N GLY A 218 50.64 -52.36 -30.33
CA GLY A 218 50.43 -53.79 -30.45
C GLY A 218 49.48 -54.36 -29.41
N GLU A 219 49.88 -54.22 -28.15
CA GLU A 219 49.15 -54.71 -26.98
C GLU A 219 47.67 -54.96 -27.20
N CYS A 220 47.23 -56.15 -26.79
CA CYS A 220 45.84 -56.60 -26.91
C CYS A 220 45.28 -56.82 -25.49
N GLN B 1 -2.00 -31.90 -27.32
CA GLN B 1 -2.63 -32.11 -28.64
C GLN B 1 -2.21 -31.04 -29.61
N VAL B 2 -1.78 -29.89 -29.09
CA VAL B 2 -1.31 -28.80 -29.94
C VAL B 2 0.11 -29.12 -30.34
N GLN B 3 0.40 -29.03 -31.63
CA GLN B 3 1.74 -29.35 -32.09
C GLN B 3 2.23 -28.51 -33.28
N LEU B 4 3.52 -28.19 -33.28
CA LEU B 4 4.12 -27.47 -34.38
C LEU B 4 5.26 -28.35 -34.83
N VAL B 5 5.18 -28.89 -36.04
CA VAL B 5 6.25 -29.74 -36.53
C VAL B 5 6.91 -29.04 -37.71
N GLN B 6 8.20 -28.80 -37.58
CA GLN B 6 8.95 -28.13 -38.63
C GLN B 6 9.56 -29.09 -39.60
N SER B 7 10.03 -28.55 -40.71
CA SER B 7 10.69 -29.33 -41.76
C SER B 7 12.07 -29.73 -41.26
N GLY B 8 12.71 -30.62 -42.01
CA GLY B 8 14.04 -31.10 -41.63
C GLY B 8 15.22 -30.17 -41.87
N ALA B 9 16.27 -30.42 -41.11
CA ALA B 9 17.47 -29.60 -41.23
C ALA B 9 18.08 -29.80 -42.60
N GLU B 10 18.74 -28.79 -43.12
CA GLU B 10 19.37 -28.96 -44.43
C GLU B 10 20.48 -27.98 -44.76
N VAL B 11 21.33 -28.39 -45.68
CA VAL B 11 22.39 -27.50 -46.06
C VAL B 11 21.85 -26.69 -47.24
N VAL B 12 22.48 -25.56 -47.50
CA VAL B 12 22.04 -24.73 -48.59
C VAL B 12 23.20 -24.00 -49.16
N LYS B 13 23.26 -24.07 -50.47
CA LYS B 13 24.33 -23.45 -51.22
C LYS B 13 24.31 -21.96 -50.92
N PRO B 14 25.47 -21.35 -50.74
CA PRO B 14 25.51 -19.91 -50.49
C PRO B 14 24.88 -19.27 -51.71
N GLY B 15 24.08 -18.24 -51.53
CA GLY B 15 23.42 -17.59 -52.66
C GLY B 15 22.05 -18.21 -52.95
N ALA B 16 21.90 -19.46 -52.56
CA ALA B 16 20.67 -20.21 -52.73
C ALA B 16 19.58 -19.73 -51.78
N SER B 17 18.42 -20.37 -51.88
CA SER B 17 17.28 -20.05 -51.03
C SER B 17 16.77 -21.35 -50.42
N VAL B 18 15.99 -21.28 -49.34
CA VAL B 18 15.48 -22.49 -48.72
C VAL B 18 14.11 -22.15 -48.15
N LYS B 19 13.23 -23.14 -48.04
CA LYS B 19 11.89 -22.83 -47.56
C LYS B 19 11.34 -23.75 -46.48
N ILE B 20 11.58 -23.38 -45.21
CA ILE B 20 11.15 -24.15 -44.02
C ILE B 20 9.64 -24.18 -43.80
N SER B 21 9.16 -25.29 -43.26
CA SER B 21 7.74 -25.42 -42.99
C SER B 21 7.39 -25.63 -41.50
N CYS B 22 6.16 -25.27 -41.16
CA CYS B 22 5.70 -25.39 -39.78
C CYS B 22 4.28 -25.97 -39.85
N LYS B 23 4.13 -27.26 -39.56
CA LYS B 23 2.81 -27.88 -39.63
C LYS B 23 2.06 -27.82 -38.30
N ALA B 24 1.01 -27.01 -38.28
CA ALA B 24 0.19 -26.83 -37.08
C ALA B 24 -0.89 -27.90 -36.93
N SER B 25 -1.11 -28.33 -35.69
CA SER B 25 -2.10 -29.37 -35.41
C SER B 25 -2.57 -29.25 -33.98
N GLY B 26 -3.86 -29.54 -33.77
CA GLY B 26 -4.42 -29.49 -32.42
C GLY B 26 -5.11 -28.18 -32.11
N TYR B 27 -5.44 -27.43 -33.14
CA TYR B 27 -6.10 -26.14 -32.96
C TYR B 27 -6.50 -25.58 -34.32
N THR B 28 -7.29 -24.52 -34.34
CA THR B 28 -7.73 -23.94 -35.60
C THR B 28 -6.68 -23.06 -36.23
N PHE B 29 -5.89 -23.61 -37.16
CA PHE B 29 -4.79 -22.90 -37.83
C PHE B 29 -4.95 -21.39 -38.03
N THR B 30 -6.18 -20.96 -38.23
CA THR B 30 -6.46 -19.56 -38.46
C THR B 30 -6.91 -18.83 -37.18
N ASP B 31 -6.44 -19.27 -36.03
CA ASP B 31 -6.77 -18.63 -34.78
C ASP B 31 -5.57 -17.89 -34.23
N HIS B 32 -4.37 -18.26 -34.65
CA HIS B 32 -3.15 -17.58 -34.21
C HIS B 32 -2.13 -17.41 -35.34
N ALA B 33 -1.38 -16.32 -35.29
CA ALA B 33 -0.37 -16.06 -36.30
C ALA B 33 0.83 -16.89 -35.95
N ILE B 34 1.66 -17.19 -36.93
CA ILE B 34 2.84 -17.97 -36.66
C ILE B 34 4.01 -16.99 -36.69
N HIS B 35 4.83 -17.05 -35.65
CA HIS B 35 5.99 -16.18 -35.55
C HIS B 35 7.24 -17.01 -35.82
N TRP B 36 8.22 -16.39 -36.46
CA TRP B 36 9.47 -17.06 -36.75
C TRP B 36 10.59 -16.43 -35.97
N VAL B 37 11.41 -17.27 -35.35
CA VAL B 37 12.54 -16.84 -34.52
C VAL B 37 13.81 -17.54 -34.94
N LYS B 38 14.82 -16.75 -35.29
CA LYS B 38 16.10 -17.32 -35.68
C LYS B 38 16.88 -17.46 -34.38
N GLN B 39 17.85 -18.36 -34.32
CA GLN B 39 18.65 -18.55 -33.11
C GLN B 39 20.06 -18.89 -33.51
N ASN B 40 20.98 -17.94 -33.39
CA ASN B 40 22.34 -18.25 -33.76
C ASN B 40 22.88 -19.19 -32.74
N PRO B 41 23.82 -20.06 -33.15
CA PRO B 41 24.42 -21.01 -32.21
C PRO B 41 24.74 -20.23 -30.97
N GLY B 42 24.04 -20.57 -29.90
CA GLY B 42 24.23 -19.86 -28.65
C GLY B 42 23.56 -18.52 -28.74
N GLN B 43 24.38 -17.46 -28.76
CA GLN B 43 23.94 -16.04 -28.82
C GLN B 43 22.42 -15.68 -28.92
N ARG B 44 22.14 -14.40 -28.66
CA ARG B 44 20.77 -13.86 -28.61
C ARG B 44 19.75 -14.25 -29.67
N LEU B 45 18.53 -14.55 -29.24
CA LEU B 45 17.43 -14.90 -30.16
C LEU B 45 16.87 -13.66 -30.91
N GLU B 46 16.71 -13.77 -32.23
CA GLU B 46 16.16 -12.69 -33.01
C GLU B 46 14.77 -13.11 -33.50
N TRP B 47 13.88 -12.12 -33.54
CA TRP B 47 12.52 -12.34 -33.98
C TRP B 47 12.50 -11.90 -35.44
N ILE B 48 12.12 -12.80 -36.35
CA ILE B 48 12.07 -12.48 -37.79
C ILE B 48 10.76 -11.79 -38.20
N GLY B 49 9.61 -12.31 -37.77
CA GLY B 49 8.36 -11.68 -38.12
C GLY B 49 7.23 -12.66 -37.89
N TYR B 50 6.02 -12.27 -38.19
CA TYR B 50 4.92 -13.18 -38.01
C TYR B 50 4.00 -13.09 -39.20
N PHE B 51 3.28 -14.18 -39.44
CA PHE B 51 2.36 -14.19 -40.53
C PHE B 51 1.09 -14.74 -39.93
N SER B 52 -0.01 -14.04 -40.18
CA SER B 52 -1.30 -14.45 -39.62
C SER B 52 -2.22 -15.19 -40.59
N PRO B 53 -2.21 -16.53 -40.50
CA PRO B 53 -3.08 -17.27 -41.40
C PRO B 53 -4.52 -16.89 -40.98
N GLY B 54 -5.32 -16.56 -41.97
CA GLY B 54 -6.69 -16.17 -41.69
C GLY B 54 -6.90 -14.87 -42.41
N ASN B 55 -6.39 -13.78 -41.85
CA ASN B 55 -6.53 -12.49 -42.47
C ASN B 55 -5.34 -12.19 -43.40
N ASP B 56 -4.38 -13.11 -43.44
CA ASP B 56 -3.18 -12.98 -44.27
C ASP B 56 -2.37 -11.72 -43.98
N ASP B 57 -2.57 -11.19 -42.77
CA ASP B 57 -1.85 -10.01 -42.32
C ASP B 57 -0.50 -10.51 -41.85
N PHE B 58 0.52 -9.68 -42.03
CA PHE B 58 1.88 -10.03 -41.63
C PHE B 58 2.73 -8.83 -41.28
N LYS B 59 3.69 -9.07 -40.38
CA LYS B 59 4.69 -8.05 -39.97
C LYS B 59 6.11 -8.59 -39.93
N TYR B 60 7.02 -7.79 -40.46
CA TYR B 60 8.41 -8.21 -40.47
C TYR B 60 9.20 -7.50 -39.42
N ASN B 61 10.45 -7.92 -39.25
CA ASN B 61 11.42 -7.27 -38.37
C ASN B 61 12.24 -6.59 -39.47
N GLU B 62 12.46 -5.28 -39.46
CA GLU B 62 13.24 -4.66 -40.58
C GLU B 62 14.55 -5.34 -40.86
N ARG B 63 15.13 -6.02 -39.87
CA ARG B 63 16.39 -6.71 -40.08
C ARG B 63 16.26 -7.91 -41.03
N PHE B 64 15.06 -8.47 -41.12
CA PHE B 64 14.85 -9.60 -42.00
C PHE B 64 14.04 -9.27 -43.23
N LYS B 65 13.57 -8.05 -43.29
CA LYS B 65 12.81 -7.62 -44.46
C LYS B 65 13.82 -7.77 -45.61
N GLY B 66 13.41 -8.50 -46.63
CA GLY B 66 14.30 -8.70 -47.74
C GLY B 66 14.91 -10.07 -47.74
N LYS B 67 15.26 -10.61 -46.57
CA LYS B 67 15.86 -11.93 -46.50
C LYS B 67 14.82 -13.04 -46.23
N ALA B 68 13.68 -12.65 -45.69
CA ALA B 68 12.70 -13.67 -45.41
C ALA B 68 11.39 -13.30 -46.03
N THR B 69 10.57 -14.33 -46.29
CA THR B 69 9.23 -14.19 -46.88
C THR B 69 8.25 -15.16 -46.21
N LEU B 70 7.41 -14.61 -45.35
CA LEU B 70 6.44 -15.40 -44.60
C LEU B 70 5.25 -15.68 -45.47
N THR B 71 4.70 -16.88 -45.29
CA THR B 71 3.55 -17.34 -46.06
C THR B 71 2.84 -18.43 -45.28
N ALA B 72 1.66 -18.82 -45.72
CA ALA B 72 0.94 -19.86 -45.03
C ALA B 72 -0.10 -20.45 -45.94
N ASP B 73 -0.38 -21.72 -45.74
CA ASP B 73 -1.34 -22.41 -46.55
C ASP B 73 -2.32 -22.96 -45.57
N THR B 74 -3.43 -22.27 -45.43
CA THR B 74 -4.45 -22.66 -44.49
C THR B 74 -4.98 -24.07 -44.72
N SER B 75 -5.33 -24.38 -45.97
CA SER B 75 -5.84 -25.71 -46.29
C SER B 75 -4.88 -26.77 -45.74
N ALA B 76 -3.58 -26.51 -45.89
CA ALA B 76 -2.56 -27.42 -45.41
C ALA B 76 -2.43 -27.32 -43.90
N SER B 77 -2.67 -26.12 -43.37
CA SER B 77 -2.55 -25.87 -41.94
C SER B 77 -1.05 -25.74 -41.65
N THR B 78 -0.31 -25.14 -42.59
CA THR B 78 1.12 -24.97 -42.42
C THR B 78 1.69 -23.59 -42.81
N ALA B 79 2.62 -23.08 -42.00
CA ALA B 79 3.21 -21.78 -42.25
C ALA B 79 4.58 -21.98 -42.80
N TYR B 80 5.01 -21.05 -43.62
CA TYR B 80 6.32 -21.11 -44.25
C TYR B 80 7.14 -19.85 -44.09
N VAL B 81 8.44 -20.01 -44.18
CA VAL B 81 9.37 -18.89 -44.18
C VAL B 81 10.33 -19.32 -45.27
N GLU B 82 10.62 -18.41 -46.17
CA GLU B 82 11.53 -18.73 -47.26
C GLU B 82 12.69 -17.79 -47.10
N LEU B 83 13.89 -18.33 -46.91
CA LEU B 83 15.08 -17.47 -46.76
C LEU B 83 15.82 -17.31 -48.08
N SER B 84 16.07 -16.08 -48.52
CA SER B 84 16.75 -15.86 -49.81
C SER B 84 18.22 -15.50 -49.78
N SER B 85 18.89 -15.90 -50.85
CA SER B 85 20.32 -15.64 -51.04
C SER B 85 21.11 -15.76 -49.75
N LEU B 86 21.15 -16.96 -49.20
CA LEU B 86 21.82 -17.24 -47.97
C LEU B 86 23.29 -16.90 -47.93
N ARG B 87 23.83 -16.73 -46.73
CA ARG B 87 25.24 -16.42 -46.49
C ARG B 87 25.57 -17.16 -45.22
N SER B 88 26.84 -17.35 -44.90
CA SER B 88 27.19 -18.09 -43.68
C SER B 88 26.41 -17.51 -42.49
N GLU B 89 26.39 -16.19 -42.39
CA GLU B 89 25.67 -15.49 -41.35
C GLU B 89 24.27 -16.03 -41.14
N ASP B 90 23.71 -16.66 -42.16
CA ASP B 90 22.35 -17.17 -42.05
C ASP B 90 22.27 -18.58 -41.44
N THR B 91 23.43 -19.22 -41.28
CA THR B 91 23.50 -20.53 -40.67
C THR B 91 22.98 -20.32 -39.27
N ALA B 92 21.97 -21.08 -38.89
CA ALA B 92 21.41 -20.94 -37.56
C ALA B 92 20.19 -21.82 -37.46
N VAL B 93 19.56 -21.84 -36.31
CA VAL B 93 18.38 -22.66 -36.23
C VAL B 93 17.16 -21.76 -36.22
N TYR B 94 16.30 -21.93 -37.23
CA TYR B 94 15.05 -21.18 -37.34
C TYR B 94 13.95 -21.98 -36.60
N PHE B 95 13.22 -21.26 -35.75
CA PHE B 95 12.15 -21.80 -34.92
C PHE B 95 10.85 -21.17 -35.32
N CYS B 96 9.78 -21.93 -35.33
CA CYS B 96 8.49 -21.29 -35.59
C CYS B 96 7.76 -21.43 -34.27
N THR B 97 6.85 -20.50 -34.00
CA THR B 97 6.09 -20.49 -32.77
C THR B 97 4.76 -19.82 -33.00
N ARG B 98 3.82 -20.09 -32.09
CA ARG B 98 2.46 -19.59 -32.23
C ARG B 98 1.96 -18.54 -31.21
N SER B 99 1.44 -17.42 -31.74
CA SER B 99 0.88 -16.37 -30.93
C SER B 99 1.91 -15.41 -30.34
N LEU B 100 1.48 -14.25 -29.81
CA LEU B 100 2.40 -13.30 -29.18
C LEU B 100 2.78 -13.81 -27.80
N ASN B 101 2.00 -14.81 -27.35
CA ASN B 101 2.18 -15.51 -26.09
C ASN B 101 2.77 -16.79 -26.63
N MET B 102 4.10 -16.82 -26.77
CA MET B 102 4.80 -17.97 -27.32
C MET B 102 4.91 -19.20 -26.42
N ALA B 103 3.74 -19.76 -26.12
CA ALA B 103 3.66 -20.94 -25.29
C ALA B 103 4.11 -22.14 -26.10
N TYR B 104 3.71 -22.22 -27.36
CA TYR B 104 4.07 -23.35 -28.19
C TYR B 104 5.16 -23.09 -29.22
N TRP B 105 6.11 -24.02 -29.30
CA TRP B 105 7.21 -23.88 -30.23
C TRP B 105 7.43 -25.05 -31.20
N GLY B 106 8.13 -24.76 -32.28
CA GLY B 106 8.44 -25.80 -33.23
C GLY B 106 9.54 -26.57 -32.55
N GLN B 107 10.27 -27.38 -33.33
CA GLN B 107 11.39 -28.15 -32.81
C GLN B 107 12.65 -27.47 -33.35
N GLY B 108 12.44 -26.57 -34.31
CA GLY B 108 13.53 -25.84 -34.93
C GLY B 108 14.09 -26.56 -36.15
N THR B 109 14.57 -25.81 -37.14
CA THR B 109 15.16 -26.43 -38.33
C THR B 109 16.56 -25.84 -38.46
N LEU B 110 17.57 -26.70 -38.49
CA LEU B 110 18.93 -26.22 -38.60
C LEU B 110 19.36 -25.95 -40.04
N VAL B 111 19.39 -24.68 -40.44
CA VAL B 111 19.85 -24.36 -41.80
C VAL B 111 21.37 -24.14 -41.86
N THR B 112 22.07 -25.01 -42.58
CA THR B 112 23.51 -24.87 -42.70
C THR B 112 23.83 -24.33 -44.10
N VAL B 113 24.40 -23.15 -44.17
CA VAL B 113 24.75 -22.60 -45.47
C VAL B 113 26.16 -22.96 -45.86
N SER B 114 26.29 -23.91 -46.79
CA SER B 114 27.61 -24.38 -47.25
C SER B 114 27.67 -24.88 -48.67
N SER B 115 28.85 -24.74 -49.28
CA SER B 115 29.07 -25.21 -50.63
C SER B 115 29.11 -26.75 -50.55
N ALA B 116 29.74 -27.24 -49.49
CA ALA B 116 29.87 -28.67 -49.25
C ALA B 116 28.56 -29.43 -49.42
N SER B 117 28.69 -30.70 -49.75
CA SER B 117 27.53 -31.56 -49.96
C SER B 117 27.29 -32.43 -48.75
N THR B 118 26.06 -32.87 -48.57
CA THR B 118 25.77 -33.70 -47.42
C THR B 118 26.63 -34.93 -47.52
N LYS B 119 26.93 -35.53 -46.37
CA LYS B 119 27.71 -36.77 -46.26
C LYS B 119 27.26 -37.58 -45.03
N GLY B 120 27.04 -38.86 -45.22
CA GLY B 120 26.63 -39.70 -44.11
C GLY B 120 27.79 -40.02 -43.18
N PRO B 121 27.50 -40.26 -41.89
CA PRO B 121 28.53 -40.56 -40.90
C PRO B 121 29.04 -41.99 -41.05
N SER B 122 30.20 -42.27 -40.45
CA SER B 122 30.78 -43.59 -40.46
C SER B 122 30.80 -43.98 -39.01
N VAL B 123 30.11 -45.05 -38.62
CA VAL B 123 30.11 -45.40 -37.21
C VAL B 123 31.06 -46.49 -36.73
N PHE B 124 32.07 -46.08 -35.98
CA PHE B 124 33.04 -47.01 -35.43
C PHE B 124 32.73 -47.29 -33.98
N PRO B 125 33.20 -48.43 -33.46
CA PRO B 125 32.97 -48.82 -32.07
C PRO B 125 34.10 -48.45 -31.10
N LEU B 126 33.70 -48.09 -29.88
CA LEU B 126 34.60 -47.74 -28.78
C LEU B 126 34.40 -48.91 -27.86
N ALA B 127 35.29 -49.90 -27.95
CA ALA B 127 35.18 -51.12 -27.17
C ALA B 127 35.78 -51.07 -25.78
N PRO B 128 35.11 -51.71 -24.82
CA PRO B 128 35.48 -51.80 -23.41
C PRO B 128 36.91 -52.29 -23.18
N SER B 129 37.42 -52.00 -21.99
CA SER B 129 38.77 -52.38 -21.59
C SER B 129 38.90 -53.89 -21.51
N SER B 130 38.09 -54.47 -20.62
CA SER B 130 38.09 -55.92 -20.40
C SER B 130 37.22 -56.32 -19.19
N LYS B 131 36.77 -57.58 -19.21
CA LYS B 131 35.92 -58.11 -18.14
C LYS B 131 36.70 -58.14 -16.83
N SER B 132 36.00 -57.85 -15.75
CA SER B 132 36.54 -57.83 -14.39
C SER B 132 37.64 -56.78 -14.20
N THR B 133 38.31 -56.42 -15.31
CA THR B 133 39.39 -55.41 -15.30
C THR B 133 38.84 -54.14 -14.67
N SER B 134 37.59 -53.86 -15.01
CA SER B 134 36.86 -52.70 -14.49
C SER B 134 36.28 -53.09 -13.10
N GLY B 135 36.25 -54.41 -12.85
CA GLY B 135 35.73 -54.95 -11.59
C GLY B 135 34.25 -54.65 -11.39
N GLY B 136 33.91 -53.38 -11.52
CA GLY B 136 32.54 -52.95 -11.38
C GLY B 136 32.06 -52.63 -12.77
N THR B 137 32.09 -51.35 -13.14
CA THR B 137 31.58 -50.98 -14.45
C THR B 137 32.61 -50.51 -15.46
N ALA B 138 32.29 -50.72 -16.73
CA ALA B 138 33.15 -50.32 -17.84
C ALA B 138 32.48 -49.37 -18.84
N ALA B 139 33.31 -48.75 -19.65
CA ALA B 139 32.83 -47.80 -20.61
C ALA B 139 32.99 -48.27 -22.05
N LEU B 140 31.93 -48.13 -22.83
CA LEU B 140 32.00 -48.44 -24.25
C LEU B 140 31.25 -47.35 -24.96
N GLY B 141 31.33 -47.33 -26.29
CA GLY B 141 30.61 -46.32 -27.05
C GLY B 141 30.74 -46.40 -28.56
N CYS B 142 30.21 -45.41 -29.24
CA CYS B 142 30.32 -45.38 -30.68
C CYS B 142 30.89 -44.05 -31.03
N LEU B 143 31.70 -44.04 -32.08
CA LEU B 143 32.27 -42.81 -32.58
C LEU B 143 31.64 -42.55 -33.96
N VAL B 144 30.71 -41.60 -34.03
CA VAL B 144 30.07 -41.23 -35.28
C VAL B 144 30.99 -40.20 -36.07
N LYS B 145 31.79 -40.69 -37.02
CA LYS B 145 32.72 -39.80 -37.69
C LYS B 145 32.51 -39.37 -39.14
N ASP B 146 32.93 -38.14 -39.41
CA ASP B 146 32.88 -37.54 -40.75
C ASP B 146 31.52 -37.57 -41.40
N TYR B 147 30.67 -36.62 -41.06
CA TYR B 147 29.36 -36.61 -41.64
C TYR B 147 29.06 -35.16 -41.76
N PHE B 148 28.01 -34.82 -42.51
CA PHE B 148 27.65 -33.44 -42.77
C PHE B 148 26.30 -33.35 -43.43
N PRO B 149 25.49 -32.36 -43.06
CA PRO B 149 25.80 -31.36 -42.04
C PRO B 149 25.11 -31.80 -40.74
N GLU B 150 25.06 -30.93 -39.75
CA GLU B 150 24.39 -31.40 -38.56
C GLU B 150 22.91 -31.52 -38.89
N PRO B 151 22.17 -32.31 -38.11
CA PRO B 151 22.62 -33.08 -36.97
C PRO B 151 22.52 -34.56 -37.20
N VAL B 152 23.01 -35.30 -36.23
CA VAL B 152 22.99 -36.76 -36.17
C VAL B 152 22.04 -37.07 -34.98
N THR B 153 21.80 -38.36 -34.67
CA THR B 153 20.99 -38.73 -33.49
C THR B 153 21.35 -40.13 -33.05
N VAL B 154 22.11 -40.21 -31.97
CA VAL B 154 22.56 -41.48 -31.41
C VAL B 154 21.60 -41.94 -30.32
N SER B 155 21.39 -43.25 -30.19
CA SER B 155 20.55 -43.79 -29.11
C SER B 155 21.14 -45.14 -28.87
N TRP B 156 20.90 -45.72 -27.70
CA TRP B 156 21.44 -47.04 -27.45
C TRP B 156 20.36 -48.11 -27.29
N ASN B 157 20.70 -49.32 -27.74
CA ASN B 157 19.80 -50.46 -27.69
C ASN B 157 18.37 -50.01 -27.95
N SER B 158 18.27 -49.20 -28.99
CA SER B 158 17.04 -48.63 -29.49
C SER B 158 16.18 -48.11 -28.35
N GLY B 159 16.65 -47.02 -27.75
CA GLY B 159 15.91 -46.38 -26.67
C GLY B 159 15.87 -47.08 -25.33
N ALA B 160 16.23 -48.36 -25.29
CA ALA B 160 16.24 -49.10 -24.04
C ALA B 160 17.34 -48.59 -23.12
N LEU B 161 18.60 -48.69 -23.57
CA LEU B 161 19.74 -48.21 -22.80
C LEU B 161 19.73 -46.70 -22.85
N THR B 162 19.44 -46.09 -21.71
CA THR B 162 19.35 -44.65 -21.62
C THR B 162 20.21 -44.15 -20.48
N SER B 163 20.09 -44.84 -19.35
CA SER B 163 20.82 -44.53 -18.13
C SER B 163 22.34 -44.52 -18.28
N GLY B 164 22.96 -43.43 -17.87
CA GLY B 164 24.39 -43.33 -17.96
C GLY B 164 24.92 -43.11 -19.36
N VAL B 165 24.07 -42.72 -20.31
CA VAL B 165 24.51 -42.47 -21.68
C VAL B 165 24.96 -41.02 -21.82
N HIS B 166 25.98 -40.83 -22.66
CA HIS B 166 26.48 -39.49 -22.88
C HIS B 166 26.81 -39.34 -24.34
N THR B 167 25.97 -38.59 -25.03
CA THR B 167 26.22 -38.32 -26.43
C THR B 167 26.81 -36.91 -26.42
N PHE B 168 28.11 -36.83 -26.65
CA PHE B 168 28.68 -35.49 -26.66
C PHE B 168 28.27 -34.63 -27.85
N PRO B 169 28.58 -33.36 -27.75
CA PRO B 169 28.21 -32.45 -28.86
C PRO B 169 29.11 -32.68 -30.08
N ALA B 170 28.60 -32.34 -31.25
CA ALA B 170 29.45 -32.54 -32.41
C ALA B 170 30.64 -31.50 -32.46
N VAL B 171 31.64 -31.86 -33.23
CA VAL B 171 32.81 -31.00 -33.38
C VAL B 171 33.13 -30.82 -34.88
N LEU B 172 33.33 -29.59 -35.31
CA LEU B 172 33.67 -29.38 -36.71
C LEU B 172 35.16 -29.62 -36.84
N GLN B 173 35.53 -30.57 -37.68
CA GLN B 173 36.91 -30.92 -37.93
C GLN B 173 37.50 -30.00 -38.99
N SER B 174 38.83 -29.94 -39.03
CA SER B 174 39.54 -29.11 -39.99
C SER B 174 39.12 -29.54 -41.40
N SER B 175 38.73 -30.82 -41.52
CA SER B 175 38.25 -31.43 -42.78
C SER B 175 37.06 -30.65 -43.29
N GLY B 176 36.18 -30.35 -42.38
CA GLY B 176 35.03 -29.61 -42.81
C GLY B 176 33.83 -30.40 -42.46
N LEU B 177 34.05 -31.60 -41.94
CA LEU B 177 32.95 -32.46 -41.52
C LEU B 177 32.78 -32.51 -40.02
N TYR B 178 31.65 -33.03 -39.58
CA TYR B 178 31.39 -33.14 -38.17
C TYR B 178 31.74 -34.50 -37.69
N SER B 179 31.98 -34.60 -36.39
CA SER B 179 32.29 -35.85 -35.74
C SER B 179 31.76 -35.81 -34.29
N LEU B 180 31.45 -36.94 -33.71
CA LEU B 180 30.98 -36.91 -32.33
C LEU B 180 30.95 -38.27 -31.72
N SER B 181 31.04 -38.34 -30.41
CA SER B 181 31.02 -39.63 -29.78
C SER B 181 29.86 -39.89 -28.83
N SER B 182 29.48 -41.14 -28.65
CA SER B 182 28.40 -41.42 -27.69
C SER B 182 28.81 -42.55 -26.78
N VAL B 183 29.09 -42.24 -25.53
CA VAL B 183 29.50 -43.30 -24.61
C VAL B 183 28.38 -43.73 -23.64
N VAL B 184 28.62 -44.82 -22.95
CA VAL B 184 27.67 -45.26 -21.96
C VAL B 184 28.45 -46.06 -20.94
N THR B 185 27.91 -46.15 -19.74
CA THR B 185 28.61 -46.85 -18.70
C THR B 185 27.75 -48.03 -18.26
N VAL B 186 28.36 -49.22 -18.24
CA VAL B 186 27.64 -50.44 -17.87
C VAL B 186 28.50 -51.32 -16.99
N PRO B 187 27.86 -52.22 -16.24
CA PRO B 187 28.58 -53.13 -15.34
C PRO B 187 29.38 -54.13 -16.11
N SER B 188 30.63 -54.40 -15.69
CA SER B 188 31.47 -55.37 -16.39
C SER B 188 30.80 -56.73 -16.40
N SER B 189 29.86 -56.90 -15.47
CA SER B 189 29.06 -58.11 -15.33
C SER B 189 28.35 -58.33 -16.66
N SER B 190 27.41 -57.44 -17.01
CA SER B 190 26.66 -57.56 -18.26
C SER B 190 27.60 -57.61 -19.45
N LEU B 191 28.64 -56.79 -19.40
CA LEU B 191 29.63 -56.73 -20.48
C LEU B 191 29.91 -58.17 -20.85
N GLY B 192 29.55 -58.56 -22.07
CA GLY B 192 29.80 -59.93 -22.46
C GLY B 192 28.50 -60.71 -22.59
N THR B 193 27.61 -60.62 -21.60
CA THR B 193 26.33 -61.33 -21.69
C THR B 193 25.29 -60.45 -22.38
N GLN B 194 25.26 -59.17 -22.02
CA GLN B 194 24.31 -58.25 -22.62
C GLN B 194 24.87 -57.65 -23.91
N THR B 195 23.99 -57.39 -24.86
CA THR B 195 24.38 -56.84 -26.15
C THR B 195 24.13 -55.34 -26.22
N TYR B 196 25.17 -54.64 -26.63
CA TYR B 196 25.08 -53.19 -26.70
C TYR B 196 25.30 -52.66 -28.12
N ILE B 197 24.26 -52.13 -28.74
CA ILE B 197 24.41 -51.55 -30.07
C ILE B 197 23.84 -50.11 -30.12
N CYS B 198 24.62 -49.22 -30.73
CA CYS B 198 24.20 -47.83 -30.84
C CYS B 198 23.42 -47.66 -32.14
N ASN B 199 22.42 -46.80 -32.13
CA ASN B 199 21.61 -46.60 -33.32
C ASN B 199 21.80 -45.18 -33.62
N VAL B 200 22.51 -44.94 -34.70
CA VAL B 200 22.88 -43.62 -35.15
C VAL B 200 22.04 -43.29 -36.36
N ASN B 201 21.52 -42.08 -36.40
CA ASN B 201 20.68 -41.66 -37.50
C ASN B 201 20.96 -40.25 -38.04
N HIS B 202 21.41 -40.16 -39.29
CA HIS B 202 21.72 -38.88 -39.88
C HIS B 202 20.76 -38.64 -41.04
N LYS B 203 19.60 -38.05 -40.72
CA LYS B 203 18.57 -37.76 -41.72
C LYS B 203 19.02 -37.01 -42.95
N PRO B 204 19.81 -35.94 -42.80
CA PRO B 204 20.29 -35.17 -43.96
C PRO B 204 20.81 -36.00 -45.15
N SER B 205 21.39 -37.18 -44.89
CA SER B 205 21.91 -38.04 -45.95
C SER B 205 21.09 -39.34 -46.07
N ASN B 206 20.08 -39.47 -45.19
CA ASN B 206 19.18 -40.63 -45.12
C ASN B 206 19.88 -41.90 -44.73
N THR B 207 20.94 -41.78 -43.95
CA THR B 207 21.73 -42.91 -43.49
C THR B 207 21.25 -43.33 -42.12
N LYS B 208 21.33 -44.61 -41.82
CA LYS B 208 20.97 -45.07 -40.49
C LYS B 208 21.93 -46.22 -40.30
N VAL B 209 22.56 -46.26 -39.14
CA VAL B 209 23.53 -47.30 -38.84
C VAL B 209 23.29 -47.84 -37.45
N ASP B 210 23.62 -49.11 -37.26
CA ASP B 210 23.46 -49.70 -35.96
C ASP B 210 24.71 -50.52 -35.76
N LYS B 211 25.75 -49.89 -35.23
CA LYS B 211 26.97 -50.63 -34.97
C LYS B 211 26.79 -51.26 -33.60
N LYS B 212 27.20 -52.50 -33.48
CA LYS B 212 27.10 -53.18 -32.21
C LYS B 212 28.52 -53.18 -31.71
N VAL B 213 28.72 -52.58 -30.55
CA VAL B 213 30.04 -52.51 -29.92
C VAL B 213 30.21 -53.78 -29.07
N GLU B 214 31.25 -54.55 -29.37
CA GLU B 214 31.50 -55.76 -28.62
C GLU B 214 32.89 -55.77 -28.07
N PRO B 215 33.07 -56.41 -26.90
CA PRO B 215 34.36 -56.52 -26.22
C PRO B 215 35.50 -56.73 -27.21
N LYS B 216 36.68 -56.19 -26.92
CA LYS B 216 37.83 -56.32 -27.82
C LYS B 216 38.22 -57.79 -27.95
N SER B 217 38.75 -58.16 -29.12
CA SER B 217 39.14 -59.55 -29.39
C SER B 217 40.52 -59.98 -28.85
N CYS B 218 40.61 -60.06 -27.51
CA CYS B 218 41.84 -60.47 -26.83
C CYS B 218 41.54 -61.55 -25.79
N GLN B 239 54.90 -61.99 -10.43
CA GLN B 239 54.72 -60.70 -11.09
C GLN B 239 54.47 -59.70 -9.97
N PRO B 240 55.53 -59.01 -9.52
CA PRO B 240 55.46 -58.01 -8.45
C PRO B 240 54.60 -56.80 -8.79
N ARG B 241 53.92 -56.26 -7.78
CA ARG B 241 53.08 -55.10 -7.97
C ARG B 241 53.35 -54.04 -6.93
N GLU B 242 53.64 -52.83 -7.42
CA GLU B 242 53.94 -51.69 -6.58
C GLU B 242 52.74 -51.30 -5.74
N PRO B 243 52.92 -51.31 -4.41
CA PRO B 243 51.87 -50.97 -3.46
C PRO B 243 51.45 -49.49 -3.54
N GLN B 244 50.16 -49.21 -3.41
CA GLN B 244 49.71 -47.82 -3.42
C GLN B 244 49.57 -47.42 -1.96
N VAL B 245 50.07 -46.26 -1.57
CA VAL B 245 49.96 -45.83 -0.17
C VAL B 245 49.09 -44.60 -0.02
N TYR B 246 47.99 -44.72 0.71
CA TYR B 246 47.07 -43.61 0.94
C TYR B 246 46.91 -43.40 2.46
N THR B 247 47.03 -42.16 2.93
CA THR B 247 46.87 -41.87 4.35
C THR B 247 45.49 -41.26 4.59
N LEU B 248 44.87 -41.63 5.69
CA LEU B 248 43.56 -41.12 6.02
C LEU B 248 43.59 -40.55 7.42
N PRO B 249 42.91 -39.43 7.64
CA PRO B 249 42.83 -38.80 8.94
C PRO B 249 41.81 -39.57 9.80
N PRO B 250 41.59 -39.11 11.04
CA PRO B 250 40.62 -39.83 11.88
C PRO B 250 39.16 -39.40 11.66
N SER B 251 38.24 -40.36 11.64
CA SER B 251 36.79 -40.10 11.46
C SER B 251 36.33 -38.93 12.31
N ARG B 252 35.68 -37.94 11.72
CA ARG B 252 35.23 -36.82 12.53
C ARG B 252 34.63 -37.30 13.84
N ASP B 253 33.86 -38.39 13.78
CA ASP B 253 33.24 -38.96 14.96
C ASP B 253 34.28 -39.23 16.04
N GLU B 254 35.37 -39.89 15.66
CA GLU B 254 36.43 -40.24 16.62
C GLU B 254 37.04 -39.02 17.30
N LEU B 255 36.76 -37.84 16.77
CA LEU B 255 37.30 -36.62 17.37
C LEU B 255 36.63 -36.28 18.69
N THR B 256 35.83 -37.21 19.18
CA THR B 256 35.14 -37.02 20.45
C THR B 256 35.98 -37.63 21.53
N LYS B 257 36.71 -38.67 21.15
CA LYS B 257 37.54 -39.36 22.09
C LYS B 257 38.82 -38.59 22.30
N ASN B 258 39.54 -38.91 23.37
CA ASN B 258 40.83 -38.27 23.57
C ASN B 258 41.61 -39.44 23.04
N GLN B 259 42.60 -39.18 22.18
CA GLN B 259 43.37 -40.23 21.49
C GLN B 259 42.61 -40.66 20.22
N VAL B 260 43.05 -40.18 19.07
CA VAL B 260 42.46 -40.46 17.77
C VAL B 260 43.32 -41.47 17.01
N SER B 261 42.88 -41.86 15.81
CA SER B 261 43.64 -42.84 15.02
C SER B 261 43.96 -42.40 13.60
N LEU B 262 45.20 -42.64 13.21
CA LEU B 262 45.66 -42.26 11.88
C LEU B 262 45.86 -43.54 11.12
N THR B 263 45.21 -43.61 9.97
CA THR B 263 45.24 -44.79 9.15
C THR B 263 46.04 -44.68 7.89
N CYS B 264 46.77 -45.75 7.58
CA CYS B 264 47.59 -45.88 6.40
C CYS B 264 47.08 -47.14 5.69
N LEU B 265 46.59 -46.96 4.48
CA LEU B 265 46.10 -48.07 3.67
C LEU B 265 47.13 -48.28 2.55
N VAL B 266 47.65 -49.50 2.47
CA VAL B 266 48.60 -49.82 1.44
C VAL B 266 47.86 -50.89 0.69
N LYS B 267 47.53 -50.63 -0.58
CA LYS B 267 46.79 -51.59 -1.38
C LYS B 267 47.38 -51.89 -2.75
N GLY B 268 46.83 -52.92 -3.40
CA GLY B 268 47.29 -53.32 -4.72
C GLY B 268 48.76 -53.69 -4.84
N PHE B 269 49.28 -54.47 -3.89
CA PHE B 269 50.68 -54.89 -3.96
C PHE B 269 50.77 -56.40 -4.01
N TYR B 270 51.91 -56.90 -4.44
CA TYR B 270 52.16 -58.34 -4.57
C TYR B 270 53.65 -58.50 -4.72
N PRO B 271 54.30 -59.41 -3.99
CA PRO B 271 53.97 -60.40 -2.97
C PRO B 271 53.47 -59.82 -1.68
N SER B 272 52.80 -60.67 -0.89
CA SER B 272 52.23 -60.25 0.39
C SER B 272 53.27 -59.78 1.39
N ASP B 273 54.55 -59.93 1.06
CA ASP B 273 55.63 -59.47 1.96
C ASP B 273 55.73 -57.96 1.97
N ILE B 274 55.61 -57.36 3.14
CA ILE B 274 55.65 -55.93 3.23
C ILE B 274 55.94 -55.47 4.65
N ALA B 275 56.44 -54.26 4.80
CA ALA B 275 56.72 -53.72 6.13
C ALA B 275 56.23 -52.28 6.23
N VAL B 276 55.37 -52.02 7.21
CA VAL B 276 54.83 -50.69 7.41
C VAL B 276 55.11 -50.14 8.82
N GLU B 277 55.66 -48.93 8.89
CA GLU B 277 55.91 -48.33 10.17
C GLU B 277 55.60 -46.85 10.07
N TRP B 278 55.30 -46.20 11.19
CA TRP B 278 55.01 -44.76 11.21
C TRP B 278 56.10 -44.00 11.93
N GLU B 279 56.09 -42.68 11.80
CA GLU B 279 57.07 -41.83 12.43
C GLU B 279 56.51 -40.44 12.37
N SER B 280 56.94 -39.53 13.24
CA SER B 280 56.45 -38.16 13.20
C SER B 280 57.62 -37.29 12.84
N ASN B 281 58.27 -36.66 13.80
CA ASN B 281 59.43 -35.84 13.46
C ASN B 281 60.52 -36.79 13.04
N GLY B 282 61.75 -36.53 13.46
CA GLY B 282 62.79 -37.45 13.08
C GLY B 282 62.42 -38.78 13.69
N GLN B 283 61.93 -38.73 14.92
CA GLN B 283 61.56 -39.93 15.68
C GLN B 283 60.40 -40.74 15.17
N PRO B 284 60.50 -42.06 15.30
CA PRO B 284 59.48 -42.99 14.85
C PRO B 284 58.41 -43.21 15.88
N GLU B 285 57.17 -43.06 15.43
CA GLU B 285 56.04 -43.29 16.29
C GLU B 285 56.20 -44.71 16.76
N ASN B 286 55.53 -45.04 17.87
CA ASN B 286 55.63 -46.36 18.46
C ASN B 286 54.28 -47.06 18.60
N ASN B 287 53.25 -46.33 19.02
CA ASN B 287 51.98 -46.98 19.20
C ASN B 287 51.14 -47.16 17.94
N TYR B 288 51.36 -48.25 17.21
CA TYR B 288 50.60 -48.51 16.01
C TYR B 288 50.60 -49.98 15.72
N LYS B 289 49.61 -50.43 14.97
CA LYS B 289 49.55 -51.82 14.63
C LYS B 289 49.05 -51.95 13.21
N THR B 290 49.69 -52.83 12.46
CA THR B 290 49.34 -53.09 11.07
C THR B 290 48.53 -54.39 11.00
N THR B 291 47.70 -54.53 9.99
CA THR B 291 46.93 -55.75 9.92
C THR B 291 47.72 -56.67 9.02
N PRO B 292 47.30 -57.93 8.92
CA PRO B 292 47.97 -58.92 8.07
C PRO B 292 47.53 -58.67 6.62
N PRO B 293 48.42 -58.87 5.64
CA PRO B 293 47.91 -58.62 4.28
C PRO B 293 46.61 -59.40 4.03
N VAL B 294 45.76 -58.88 3.17
CA VAL B 294 44.52 -59.56 2.84
C VAL B 294 44.45 -59.61 1.34
N LEU B 295 44.12 -60.77 0.81
CA LEU B 295 44.05 -60.91 -0.63
C LEU B 295 42.86 -60.19 -1.16
N ASP B 296 43.10 -59.28 -2.07
CA ASP B 296 41.99 -58.53 -2.63
C ASP B 296 41.48 -59.22 -3.87
N SER B 297 40.22 -58.94 -4.21
CA SER B 297 39.56 -59.54 -5.35
C SER B 297 40.32 -59.47 -6.66
N ASP B 298 41.44 -58.76 -6.71
CA ASP B 298 42.16 -58.63 -7.96
C ASP B 298 43.45 -59.40 -7.98
N GLY B 299 43.73 -60.13 -6.93
CA GLY B 299 44.96 -60.90 -6.92
C GLY B 299 46.12 -60.20 -6.27
N SER B 300 45.87 -59.06 -5.63
CA SER B 300 46.95 -58.40 -4.93
C SER B 300 46.45 -58.27 -3.52
N PHE B 301 47.32 -57.79 -2.65
CA PHE B 301 46.96 -57.63 -1.26
C PHE B 301 46.88 -56.21 -0.82
N PHE B 302 46.25 -56.01 0.33
CA PHE B 302 46.16 -54.69 0.90
C PHE B 302 46.24 -54.93 2.41
N LEU B 303 46.37 -53.84 3.15
CA LEU B 303 46.42 -53.89 4.61
C LEU B 303 46.34 -52.48 5.14
N TYR B 304 45.84 -52.34 6.36
CA TYR B 304 45.75 -51.06 6.99
C TYR B 304 46.68 -50.97 8.19
N SER B 305 47.24 -49.79 8.46
CA SER B 305 48.09 -49.62 9.61
C SER B 305 47.39 -48.56 10.44
N LYS B 306 47.40 -48.71 11.76
CA LYS B 306 46.67 -47.78 12.60
C LYS B 306 47.47 -47.14 13.70
N LEU B 307 48.07 -46.01 13.38
CA LEU B 307 48.87 -45.29 14.36
C LEU B 307 47.97 -44.55 15.37
N THR B 308 48.15 -44.83 16.66
CA THR B 308 47.36 -44.14 17.67
C THR B 308 48.16 -42.97 18.28
N VAL B 309 47.44 -41.88 18.54
CA VAL B 309 48.06 -40.69 19.03
C VAL B 309 47.07 -39.89 19.83
N ASP B 310 47.56 -39.07 20.75
CA ASP B 310 46.67 -38.24 21.55
C ASP B 310 45.96 -37.17 20.70
N LYS B 311 44.65 -37.15 20.80
CA LYS B 311 43.82 -36.19 20.08
C LYS B 311 44.41 -34.78 20.03
N SER B 312 45.32 -34.50 20.96
CA SER B 312 45.92 -33.17 21.03
C SER B 312 47.10 -33.06 20.09
N ARG B 313 47.85 -34.14 19.97
CA ARG B 313 49.00 -34.11 19.08
C ARG B 313 48.59 -34.02 17.62
N TRP B 314 47.39 -34.54 17.34
CA TRP B 314 46.93 -34.50 15.98
C TRP B 314 46.44 -33.12 15.67
N GLN B 315 45.71 -32.50 16.60
CA GLN B 315 45.18 -31.15 16.35
C GLN B 315 46.22 -30.05 16.35
N GLN B 316 47.36 -30.31 16.99
CA GLN B 316 48.40 -29.31 17.02
C GLN B 316 49.00 -29.29 15.64
N GLY B 317 48.38 -30.07 14.75
CA GLY B 317 48.79 -30.15 13.37
C GLY B 317 50.17 -30.71 13.17
N ASN B 318 50.59 -31.62 14.02
CA ASN B 318 51.90 -32.22 13.84
C ASN B 318 51.75 -32.91 12.51
N VAL B 319 52.83 -33.55 12.05
CA VAL B 319 52.78 -34.31 10.80
C VAL B 319 53.21 -35.73 11.13
N PHE B 320 52.51 -36.70 10.59
CA PHE B 320 52.87 -38.06 10.84
C PHE B 320 52.99 -38.58 9.46
N SER B 321 53.66 -39.72 9.31
CA SER B 321 53.80 -40.33 7.98
C SER B 321 54.09 -41.81 8.09
N CYS B 322 53.50 -42.62 7.21
CA CYS B 322 53.80 -44.05 7.26
C CYS B 322 54.77 -44.41 6.19
N SER B 323 55.73 -45.23 6.56
CA SER B 323 56.70 -45.67 5.60
C SER B 323 56.30 -47.09 5.31
N VAL B 324 56.47 -47.46 4.05
CA VAL B 324 56.13 -48.78 3.58
C VAL B 324 57.32 -49.33 2.85
N MET B 325 57.72 -50.54 3.22
CA MET B 325 58.84 -51.20 2.60
C MET B 325 58.37 -52.42 1.86
N HIS B 326 58.68 -52.44 0.56
CA HIS B 326 58.29 -53.53 -0.31
C HIS B 326 59.22 -53.57 -1.50
N GLU B 327 59.41 -54.77 -2.02
CA GLU B 327 60.31 -54.98 -3.15
C GLU B 327 59.99 -54.24 -4.44
N ALA B 328 58.72 -53.97 -4.67
CA ALA B 328 58.29 -53.28 -5.88
C ALA B 328 58.44 -51.76 -5.88
N LEU B 329 58.91 -51.17 -4.78
CA LEU B 329 59.02 -49.70 -4.73
C LEU B 329 60.41 -49.22 -5.17
N HIS B 330 60.49 -48.05 -5.80
CA HIS B 330 61.77 -47.52 -6.29
C HIS B 330 63.00 -47.65 -5.42
N ASN B 331 62.84 -47.78 -4.12
CA ASN B 331 64.03 -47.98 -3.34
C ASN B 331 63.61 -48.95 -2.27
N HIS B 332 62.57 -49.74 -2.57
CA HIS B 332 62.03 -50.71 -1.62
C HIS B 332 61.40 -49.93 -0.47
N TYR B 333 61.25 -48.63 -0.65
CA TYR B 333 60.70 -47.83 0.42
C TYR B 333 59.94 -46.64 -0.10
N THR B 334 59.07 -46.11 0.73
CA THR B 334 58.34 -44.94 0.38
C THR B 334 57.54 -44.49 1.59
N GLN B 335 57.32 -43.18 1.71
CA GLN B 335 56.55 -42.65 2.82
C GLN B 335 55.56 -41.69 2.26
N LYS B 336 54.46 -41.52 2.95
CA LYS B 336 53.44 -40.57 2.54
C LYS B 336 52.94 -39.91 3.86
N SER B 337 53.03 -38.59 3.93
CA SER B 337 52.64 -37.88 5.13
C SER B 337 51.18 -37.67 5.31
N LEU B 338 50.82 -37.28 6.54
CA LEU B 338 49.43 -37.06 6.94
C LEU B 338 49.41 -36.02 8.07
N SER B 339 48.50 -35.06 8.01
CA SER B 339 48.44 -34.08 9.09
C SER B 339 47.05 -33.42 9.19
N LEU B 340 46.81 -32.66 10.25
CA LEU B 340 45.54 -31.97 10.34
C LEU B 340 45.54 -30.95 9.21
N SER B 341 44.47 -30.92 8.41
CA SER B 341 44.41 -29.99 7.29
C SER B 341 43.61 -28.72 7.51
N PRO B 342 44.30 -27.56 7.47
CA PRO B 342 43.58 -26.29 7.66
C PRO B 342 42.65 -25.98 6.50
N GLY B 343 41.46 -26.59 6.53
CA GLY B 343 40.48 -26.39 5.47
C GLY B 343 39.78 -25.03 5.44
N LYS B 344 39.22 -24.71 4.28
CA LYS B 344 38.50 -23.46 4.07
C LYS B 344 36.97 -23.61 4.21
N ASP C 1 18.19 14.86 38.73
CA ASP C 1 17.67 13.55 39.15
C ASP C 1 17.92 13.43 40.62
N ILE C 2 16.98 12.74 41.29
CA ILE C 2 17.10 12.56 42.72
C ILE C 2 18.21 11.54 42.87
N VAL C 3 19.02 11.74 43.89
CA VAL C 3 20.20 10.91 44.20
C VAL C 3 20.02 10.28 45.57
N MET C 4 20.14 8.96 45.65
CA MET C 4 19.98 8.30 46.94
C MET C 4 21.30 7.82 47.44
N SER C 5 21.60 8.25 48.65
CA SER C 5 22.84 7.87 49.28
C SER C 5 22.48 7.00 50.48
N GLN C 6 23.20 5.88 50.61
CA GLN C 6 22.99 4.97 51.74
C GLN C 6 24.31 4.93 52.56
N SER C 7 24.15 4.64 53.85
CA SER C 7 25.25 4.53 54.79
C SER C 7 24.87 3.57 55.89
N PRO C 8 25.80 2.67 56.26
CA PRO C 8 27.14 2.54 55.71
C PRO C 8 27.15 1.69 54.44
N ASP C 9 28.30 1.56 53.81
CA ASP C 9 28.40 0.73 52.62
C ASP C 9 28.05 -0.67 53.02
N SER C 10 28.54 -1.08 54.19
CA SER C 10 28.26 -2.39 54.74
C SER C 10 28.54 -2.43 56.23
N LEU C 11 27.90 -3.36 56.93
CA LEU C 11 28.15 -3.48 58.34
C LEU C 11 28.01 -4.93 58.79
N ALA C 12 28.81 -5.28 59.80
CA ALA C 12 28.81 -6.60 60.39
C ALA C 12 28.22 -6.50 61.79
N VAL C 13 27.15 -7.24 62.03
CA VAL C 13 26.51 -7.19 63.32
C VAL C 13 26.30 -8.55 63.89
N SER C 14 26.34 -8.65 65.21
CA SER C 14 26.15 -9.92 65.86
C SER C 14 24.69 -10.24 66.13
N LEU C 15 24.36 -11.51 65.94
CA LEU C 15 22.99 -11.97 66.11
C LEU C 15 22.33 -11.33 67.29
N GLY C 16 21.09 -10.92 67.13
CA GLY C 16 20.37 -10.29 68.23
C GLY C 16 20.52 -8.78 68.29
N GLU C 17 21.69 -8.26 67.89
CA GLU C 17 21.96 -6.81 67.90
C GLU C 17 20.84 -6.03 67.21
N ARG C 18 20.96 -4.70 67.22
CA ARG C 18 19.97 -3.83 66.58
C ARG C 18 20.64 -2.85 65.63
N VAL C 19 20.32 -2.99 64.35
CA VAL C 19 20.91 -2.16 63.33
C VAL C 19 20.03 -1.10 62.68
N THR C 20 20.66 0.02 62.39
CA THR C 20 20.02 1.13 61.73
C THR C 20 20.79 1.41 60.44
N LEU C 21 20.06 1.48 59.32
CA LEU C 21 20.64 1.73 58.01
C LEU C 21 20.17 3.09 57.52
N ASN C 22 21.11 3.89 57.03
CA ASN C 22 20.79 5.22 56.55
C ASN C 22 20.48 5.34 55.08
N CYS C 23 19.64 6.33 54.75
CA CYS C 23 19.26 6.63 53.38
C CYS C 23 18.93 8.11 53.26
N LYS C 24 19.79 8.87 52.61
CA LYS C 24 19.55 10.30 52.47
C LYS C 24 19.34 10.66 50.98
N SER C 25 18.25 11.39 50.67
CA SER C 25 17.96 11.77 49.29
C SER C 25 18.42 13.20 49.05
N SER C 26 18.76 13.52 47.80
CA SER C 26 19.24 14.84 47.48
C SER C 26 18.17 15.92 47.39
N GLN C 27 16.92 15.52 47.61
CA GLN C 27 15.81 16.45 47.55
C GLN C 27 14.63 15.81 48.26
N SER C 28 13.85 16.62 48.96
CA SER C 28 12.74 16.07 49.73
C SER C 28 11.80 15.09 49.04
N LEU C 29 11.42 14.02 49.73
CA LEU C 29 10.51 13.07 49.15
C LEU C 29 9.17 13.21 49.89
N LEU C 30 9.01 14.35 50.57
CA LEU C 30 7.78 14.66 51.30
C LEU C 30 6.88 15.60 50.50
N TYR C 31 5.75 15.06 50.09
CA TYR C 31 4.80 15.82 49.30
C TYR C 31 3.88 16.72 50.16
N SER C 32 4.10 18.04 50.05
CA SER C 32 3.32 18.99 50.84
C SER C 32 1.84 18.69 50.75
N GLY C 33 1.40 18.25 49.59
CA GLY C 33 -0.01 17.96 49.40
C GLY C 33 -0.67 16.93 50.30
N ASN C 34 0.01 15.83 50.60
CA ASN C 34 -0.61 14.85 51.48
C ASN C 34 0.33 14.43 52.61
N GLN C 35 1.39 15.21 52.77
CA GLN C 35 2.34 14.95 53.83
C GLN C 35 2.79 13.48 53.83
N LYS C 36 3.15 13.00 52.66
CA LYS C 36 3.62 11.65 52.51
C LYS C 36 5.06 11.69 51.98
N ASN C 37 5.81 10.67 52.36
CA ASN C 37 7.18 10.55 51.93
C ASN C 37 7.20 9.43 50.92
N TYR C 38 7.65 9.78 49.72
CA TYR C 38 7.72 8.85 48.63
C TYR C 38 9.06 8.13 48.62
N LEU C 39 9.19 7.20 49.54
CA LEU C 39 10.44 6.45 49.69
C LEU C 39 10.10 5.01 50.02
N ALA C 40 10.93 4.05 49.58
CA ALA C 40 10.67 2.64 49.84
C ALA C 40 11.93 1.85 50.19
N TRP C 41 11.77 0.76 50.93
CA TRP C 41 12.90 -0.07 51.31
C TRP C 41 12.82 -1.48 50.72
N TYR C 42 13.92 -1.92 50.12
CA TYR C 42 13.98 -3.24 49.53
C TYR C 42 15.04 -4.10 50.14
N GLN C 43 14.74 -5.39 50.28
CA GLN C 43 15.74 -6.29 50.79
C GLN C 43 16.04 -7.17 49.62
N GLN C 44 17.32 -7.39 49.37
CA GLN C 44 17.71 -8.25 48.27
C GLN C 44 18.83 -9.25 48.66
N LYS C 45 18.59 -10.52 48.35
CA LYS C 45 19.54 -11.59 48.62
C LYS C 45 20.11 -12.05 47.25
N PRO C 46 21.36 -12.54 47.24
CA PRO C 46 22.07 -13.01 46.05
C PRO C 46 21.22 -13.64 44.95
N GLY C 47 21.30 -13.05 43.76
CA GLY C 47 20.54 -13.53 42.62
C GLY C 47 19.09 -13.81 42.94
N GLN C 48 18.37 -12.77 43.31
CA GLN C 48 16.97 -12.90 43.68
C GLN C 48 16.24 -11.59 43.47
N SER C 49 14.98 -11.69 43.09
CA SER C 49 14.18 -10.51 42.88
C SER C 49 14.04 -9.83 44.22
N PRO C 50 14.53 -8.57 44.35
CA PRO C 50 14.44 -7.85 45.62
C PRO C 50 13.06 -7.94 46.23
N LYS C 51 12.97 -7.66 47.52
CA LYS C 51 11.70 -7.69 48.25
C LYS C 51 11.38 -6.34 48.88
N LEU C 52 10.18 -5.88 48.63
CA LEU C 52 9.74 -4.62 49.15
C LEU C 52 9.44 -4.88 50.62
N LEU C 53 10.03 -4.09 51.52
CA LEU C 53 9.80 -4.26 52.94
C LEU C 53 8.93 -3.12 53.46
N ILE C 54 9.45 -1.91 53.26
CA ILE C 54 8.79 -0.68 53.69
C ILE C 54 8.36 0.15 52.49
N TYR C 55 7.19 0.79 52.62
CA TYR C 55 6.66 1.68 51.60
C TYR C 55 6.27 3.00 52.26
N TRP C 56 6.16 4.06 51.49
CA TRP C 56 5.85 5.37 52.04
C TRP C 56 6.61 5.62 53.32
N ALA C 57 7.92 5.50 53.20
CA ALA C 57 8.88 5.72 54.25
C ALA C 57 8.70 4.95 55.54
N SER C 58 7.49 4.48 55.83
CA SER C 58 7.28 3.80 57.09
C SER C 58 6.05 2.91 57.17
N ALA C 59 5.67 2.32 56.06
CA ALA C 59 4.52 1.44 56.06
C ALA C 59 5.04 0.05 55.81
N ARG C 60 5.34 -0.71 56.84
CA ARG C 60 5.84 -2.07 56.63
C ARG C 60 4.84 -2.93 55.86
N GLU C 61 5.36 -3.75 54.96
CA GLU C 61 4.51 -4.57 54.15
C GLU C 61 3.89 -5.76 54.87
N SER C 62 2.80 -6.25 54.26
CA SER C 62 2.00 -7.36 54.73
C SER C 62 2.69 -8.53 55.42
N GLY C 63 3.82 -8.98 54.90
CA GLY C 63 4.49 -10.11 55.52
C GLY C 63 5.73 -9.83 56.37
N VAL C 64 6.32 -8.66 56.18
CA VAL C 64 7.53 -8.27 56.88
C VAL C 64 7.47 -8.33 58.40
N PRO C 65 8.45 -9.00 59.01
CA PRO C 65 8.56 -9.16 60.46
C PRO C 65 8.62 -7.81 61.16
N ASP C 66 8.15 -7.76 62.40
CA ASP C 66 8.14 -6.52 63.15
C ASP C 66 9.52 -5.99 63.49
N ARG C 67 10.55 -6.82 63.43
CA ARG C 67 11.87 -6.32 63.78
C ARG C 67 12.30 -5.24 62.79
N PHE C 68 11.52 -5.13 61.72
CA PHE C 68 11.74 -4.19 60.64
C PHE C 68 10.92 -2.90 60.75
N SER C 69 11.58 -1.76 60.69
CA SER C 69 10.83 -0.52 60.72
C SER C 69 11.54 0.63 60.01
N GLY C 70 10.74 1.45 59.35
CA GLY C 70 11.30 2.58 58.64
C GLY C 70 10.78 3.89 59.17
N SER C 71 11.65 4.89 59.18
CA SER C 71 11.23 6.20 59.64
C SER C 71 11.92 7.23 58.80
N GLY C 72 11.78 8.47 59.22
CA GLY C 72 12.41 9.56 58.51
C GLY C 72 11.39 10.38 57.76
N SER C 73 11.83 11.54 57.30
CA SER C 73 10.96 12.39 56.52
C SER C 73 11.77 13.44 55.75
N GLY C 74 11.27 13.78 54.56
CA GLY C 74 11.97 14.76 53.76
C GLY C 74 13.19 14.21 53.08
N THR C 75 14.37 14.53 53.60
CA THR C 75 15.58 14.05 52.95
C THR C 75 16.45 13.02 53.69
N ASP C 76 16.04 12.61 54.88
CA ASP C 76 16.81 11.65 55.65
C ASP C 76 15.94 10.56 56.26
N PHE C 77 16.13 9.33 55.79
CA PHE C 77 15.34 8.24 56.32
C PHE C 77 16.23 7.15 56.89
N THR C 78 15.64 6.20 57.57
CA THR C 78 16.39 5.09 58.11
C THR C 78 15.50 3.84 58.22
N LEU C 79 16.18 2.72 58.15
CA LEU C 79 15.56 1.43 58.25
C LEU C 79 16.30 0.88 59.47
N THR C 80 15.53 0.24 60.35
CA THR C 80 16.07 -0.32 61.58
C THR C 80 15.51 -1.71 61.81
N ILE C 81 16.41 -2.61 62.20
CA ILE C 81 15.99 -3.96 62.52
C ILE C 81 16.33 -4.01 64.02
N SER C 82 15.33 -4.27 64.85
CA SER C 82 15.50 -4.28 66.31
C SER C 82 16.43 -5.35 66.87
N SER C 83 16.30 -6.56 66.32
CA SER C 83 17.13 -7.68 66.72
C SER C 83 17.39 -8.55 65.48
N VAL C 84 18.53 -8.30 64.84
CA VAL C 84 18.90 -9.02 63.63
C VAL C 84 18.75 -10.52 63.79
N GLN C 85 18.52 -11.19 62.67
CA GLN C 85 18.38 -12.65 62.65
C GLN C 85 19.36 -13.11 61.62
N ALA C 86 19.67 -14.40 61.57
CA ALA C 86 20.61 -14.87 60.56
C ALA C 86 20.03 -14.62 59.15
N GLU C 87 18.72 -14.76 59.01
CA GLU C 87 18.06 -14.57 57.72
C GLU C 87 17.97 -13.16 57.21
N ASP C 88 18.38 -12.18 58.02
CA ASP C 88 18.30 -10.82 57.59
C ASP C 88 19.55 -10.44 56.87
N VAL C 89 20.48 -11.38 56.75
CA VAL C 89 21.74 -11.10 56.08
C VAL C 89 21.36 -10.95 54.62
N ALA C 90 21.64 -9.80 54.04
CA ALA C 90 21.27 -9.51 52.66
C ALA C 90 21.73 -8.11 52.32
N VAL C 91 21.17 -7.52 51.28
CA VAL C 91 21.52 -6.18 50.95
C VAL C 91 20.26 -5.36 50.98
N TYR C 92 20.35 -4.20 51.62
CA TYR C 92 19.22 -3.31 51.77
C TYR C 92 19.30 -2.12 50.81
N TYR C 93 18.16 -1.84 50.16
CA TYR C 93 18.00 -0.79 49.17
C TYR C 93 16.90 0.21 49.46
N CYS C 94 17.19 1.50 49.26
CA CYS C 94 16.14 2.48 49.43
C CYS C 94 16.00 3.13 48.07
N GLN C 95 14.75 3.40 47.68
CA GLN C 95 14.41 4.01 46.39
C GLN C 95 13.29 5.07 46.49
N GLN C 96 13.49 6.22 45.81
CA GLN C 96 12.46 7.28 45.79
C GLN C 96 11.57 7.17 44.54
N TYR C 97 10.27 7.35 44.73
CA TYR C 97 9.35 7.27 43.61
C TYR C 97 8.50 8.53 43.62
N TYR C 98 9.15 9.58 44.08
CA TYR C 98 8.55 10.91 44.14
C TYR C 98 8.47 11.46 42.70
N SER C 99 9.54 11.25 41.95
CA SER C 99 9.58 11.75 40.59
C SER C 99 10.48 10.84 39.76
N TYR C 100 10.23 10.79 38.45
CA TYR C 100 11.04 10.01 37.51
C TYR C 100 12.35 10.76 37.12
N PRO C 101 13.44 10.01 36.86
CA PRO C 101 13.45 8.55 36.90
C PRO C 101 13.40 8.01 38.33
N LEU C 102 12.98 6.79 38.50
CA LEU C 102 12.97 6.25 39.84
C LEU C 102 14.43 6.11 40.16
N THR C 103 14.83 6.38 41.41
CA THR C 103 16.22 6.23 41.76
C THR C 103 16.40 5.35 42.97
N PHE C 104 17.51 4.61 42.96
CA PHE C 104 17.92 3.71 44.06
C PHE C 104 19.21 4.21 44.76
N GLY C 105 19.44 3.67 45.96
CA GLY C 105 20.63 3.98 46.74
C GLY C 105 21.64 2.92 46.34
N ALA C 106 22.91 3.12 46.68
CA ALA C 106 23.90 2.12 46.29
C ALA C 106 23.64 0.85 47.09
N GLY C 107 22.96 0.98 48.21
CA GLY C 107 22.66 -0.15 49.07
C GLY C 107 23.68 -0.41 50.18
N THR C 108 23.20 -1.04 51.26
CA THR C 108 24.06 -1.39 52.37
C THR C 108 23.99 -2.89 52.51
N LYS C 109 25.16 -3.51 52.64
CA LYS C 109 25.26 -4.95 52.78
C LYS C 109 25.41 -5.30 54.26
N LEU C 110 24.54 -6.19 54.71
CA LEU C 110 24.53 -6.60 56.10
C LEU C 110 25.03 -7.97 56.28
N GLU C 111 26.15 -8.08 57.02
CA GLU C 111 26.71 -9.39 57.33
C GLU C 111 26.73 -9.66 58.84
N LEU C 112 26.37 -10.89 59.20
CA LEU C 112 26.32 -11.34 60.59
C LEU C 112 27.67 -11.80 61.13
N LYS C 113 27.87 -11.63 62.43
CA LYS C 113 29.10 -12.08 63.08
C LYS C 113 28.70 -13.30 63.90
N ARG C 114 29.55 -14.33 63.92
CA ARG C 114 29.19 -15.50 64.72
C ARG C 114 30.39 -16.16 65.43
N THR C 115 30.13 -17.25 66.15
CA THR C 115 31.17 -18.01 66.88
C THR C 115 32.02 -18.83 65.93
N VAL C 116 33.33 -18.92 66.19
CA VAL C 116 34.19 -19.68 65.31
C VAL C 116 33.62 -21.07 65.11
N ALA C 117 33.56 -21.47 63.84
CA ALA C 117 33.05 -22.78 63.43
C ALA C 117 34.14 -23.34 62.55
N ALA C 118 34.55 -24.58 62.81
CA ALA C 118 35.58 -25.17 62.00
C ALA C 118 34.98 -25.90 60.80
N PRO C 119 35.67 -25.82 59.66
CA PRO C 119 35.18 -26.49 58.46
C PRO C 119 35.21 -28.01 58.53
N SER C 120 34.20 -28.65 57.97
CA SER C 120 34.19 -30.11 57.91
C SER C 120 34.78 -30.32 56.51
N VAL C 121 35.83 -31.10 56.38
CA VAL C 121 36.46 -31.25 55.07
C VAL C 121 36.33 -32.57 54.31
N PHE C 122 35.99 -32.48 53.04
CA PHE C 122 35.81 -33.65 52.17
C PHE C 122 36.59 -33.50 50.88
N ILE C 123 37.00 -34.62 50.28
CA ILE C 123 37.73 -34.56 49.01
C ILE C 123 37.07 -35.55 48.07
N PHE C 124 36.93 -35.18 46.80
CA PHE C 124 36.33 -36.03 45.76
C PHE C 124 37.27 -36.18 44.54
N PRO C 125 37.53 -37.42 44.12
CA PRO C 125 38.41 -37.58 42.97
C PRO C 125 37.62 -37.50 41.70
N PRO C 126 38.28 -37.20 40.57
CA PRO C 126 37.55 -37.10 39.32
C PRO C 126 36.73 -38.35 39.03
N SER C 127 35.61 -38.18 38.36
CA SER C 127 34.74 -39.28 38.00
C SER C 127 35.39 -39.99 36.83
N ASP C 128 34.96 -41.21 36.56
CA ASP C 128 35.53 -41.93 35.44
C ASP C 128 35.00 -41.32 34.15
N GLU C 129 33.75 -40.89 34.17
CA GLU C 129 33.12 -40.27 33.02
C GLU C 129 33.94 -39.06 32.58
N GLN C 130 34.28 -38.22 33.55
CA GLN C 130 35.06 -37.03 33.27
C GLN C 130 36.44 -37.38 32.74
N LEU C 131 37.02 -38.45 33.30
CA LEU C 131 38.33 -38.85 32.84
C LEU C 131 38.28 -39.26 31.37
N LYS C 132 37.14 -39.78 30.93
CA LYS C 132 36.97 -40.18 29.53
C LYS C 132 37.18 -38.98 28.63
N SER C 133 36.74 -37.82 29.10
CA SER C 133 36.86 -36.57 28.35
C SER C 133 38.29 -36.04 28.17
N GLY C 134 39.22 -36.52 28.99
CA GLY C 134 40.60 -36.10 28.89
C GLY C 134 40.98 -35.03 29.90
N THR C 135 40.18 -34.89 30.94
CA THR C 135 40.42 -33.89 31.96
C THR C 135 40.07 -34.40 33.32
N ALA C 136 40.89 -34.05 34.31
CA ALA C 136 40.65 -34.47 35.68
C ALA C 136 40.55 -33.27 36.60
N SER C 137 39.45 -33.21 37.35
CA SER C 137 39.27 -32.12 38.28
C SER C 137 38.93 -32.70 39.65
N VAL C 138 39.80 -32.41 40.61
CA VAL C 138 39.60 -32.93 41.94
C VAL C 138 39.03 -31.86 42.89
N VAL C 139 37.88 -32.20 43.48
CA VAL C 139 37.17 -31.28 44.36
C VAL C 139 37.36 -31.49 45.87
N CYS C 140 37.55 -30.37 46.55
CA CYS C 140 37.76 -30.37 47.99
C CYS C 140 36.79 -29.39 48.66
N LEU C 141 35.94 -29.94 49.52
CA LEU C 141 34.93 -29.14 50.22
C LEU C 141 35.41 -28.69 51.63
N LEU C 142 34.92 -27.53 52.06
CA LEU C 142 35.18 -26.91 53.37
C LEU C 142 33.72 -26.58 53.74
N ASN C 143 33.04 -27.49 54.45
CA ASN C 143 31.64 -27.25 54.77
C ASN C 143 31.32 -26.56 56.11
N ASN C 144 30.52 -25.49 56.00
CA ASN C 144 30.05 -24.70 57.13
C ASN C 144 31.02 -24.15 58.16
N PHE C 145 31.93 -23.28 57.78
CA PHE C 145 32.84 -22.76 58.77
C PHE C 145 32.60 -21.32 59.09
N TYR C 146 33.21 -20.80 60.16
CA TYR C 146 32.98 -19.42 60.40
C TYR C 146 33.96 -18.46 59.89
N PRO C 147 34.70 -17.71 60.71
CA PRO C 147 35.56 -16.79 59.95
C PRO C 147 35.74 -17.15 58.45
N ARG C 148 35.21 -16.31 57.55
CA ARG C 148 35.33 -16.62 56.12
C ARG C 148 36.74 -17.10 55.82
N GLU C 149 37.73 -16.31 56.22
CA GLU C 149 39.13 -16.64 56.02
C GLU C 149 39.36 -18.13 56.18
N ALA C 150 40.01 -18.74 55.20
CA ALA C 150 40.31 -20.17 55.23
C ALA C 150 41.49 -20.32 54.27
N LYS C 151 42.07 -21.50 54.18
CA LYS C 151 43.20 -21.71 53.27
C LYS C 151 43.40 -23.16 52.80
N VAL C 152 43.17 -23.42 51.52
CA VAL C 152 43.36 -24.78 51.04
C VAL C 152 44.63 -24.85 50.20
N GLN C 153 45.41 -25.91 50.40
CA GLN C 153 46.67 -26.14 49.69
C GLN C 153 46.62 -27.51 49.05
N TRP C 154 46.98 -27.61 47.78
CA TRP C 154 46.95 -28.93 47.14
C TRP C 154 48.33 -29.55 47.06
N LYS C 155 48.39 -30.86 47.26
CA LYS C 155 49.65 -31.60 47.19
C LYS C 155 49.46 -32.92 46.45
N VAL C 156 50.11 -32.98 45.29
CA VAL C 156 50.08 -34.14 44.42
C VAL C 156 51.40 -34.87 44.64
N ASP C 157 51.34 -36.10 45.14
CA ASP C 157 52.57 -36.82 45.42
C ASP C 157 53.40 -35.90 46.32
N ASN C 158 52.78 -35.52 47.44
CA ASN C 158 53.37 -34.64 48.45
C ASN C 158 54.13 -33.47 47.85
N ALA C 159 53.64 -32.97 46.72
CA ALA C 159 54.26 -31.84 46.06
C ALA C 159 53.28 -30.69 46.07
N LEU C 160 53.78 -29.50 46.37
CA LEU C 160 52.93 -28.31 46.42
C LEU C 160 52.41 -27.92 45.05
N GLN C 161 51.08 -27.78 44.95
CA GLN C 161 50.42 -27.39 43.72
C GLN C 161 50.29 -25.88 43.71
N SER C 162 50.40 -25.25 42.54
CA SER C 162 50.32 -23.79 42.47
C SER C 162 49.75 -23.15 41.18
N GLY C 163 48.67 -22.39 41.34
CA GLY C 163 48.03 -21.69 40.22
C GLY C 163 47.13 -22.49 39.31
N ASN C 164 46.72 -23.67 39.75
CA ASN C 164 45.90 -24.54 38.93
C ASN C 164 44.69 -25.03 39.72
N SER C 165 44.28 -24.23 40.68
CA SER C 165 43.15 -24.54 41.54
C SER C 165 42.26 -23.31 41.58
N GLN C 166 40.96 -23.49 41.82
CA GLN C 166 40.02 -22.35 41.89
C GLN C 166 38.98 -22.61 42.96
N GLU C 167 38.72 -21.58 43.78
CA GLU C 167 37.75 -21.68 44.86
C GLU C 167 36.49 -20.86 44.64
N SER C 168 35.44 -21.25 45.31
CA SER C 168 34.20 -20.55 45.18
C SER C 168 33.63 -20.64 46.60
N VAL C 169 33.11 -19.53 47.13
CA VAL C 169 32.53 -19.55 48.45
C VAL C 169 31.09 -19.09 48.42
N THR C 170 30.26 -19.72 49.25
CA THR C 170 28.85 -19.39 49.27
C THR C 170 28.52 -18.16 50.09
N GLU C 171 27.29 -17.69 49.97
CA GLU C 171 26.88 -16.53 50.75
C GLU C 171 26.73 -17.09 52.15
N GLN C 172 26.86 -16.22 53.14
CA GLN C 172 26.72 -16.62 54.52
C GLN C 172 25.35 -17.28 54.66
N ASP C 173 25.27 -18.46 55.25
CA ASP C 173 23.99 -19.14 55.39
C ASP C 173 22.91 -18.32 56.11
N SER C 174 21.66 -18.51 55.68
CA SER C 174 20.56 -17.77 56.29
C SER C 174 20.09 -18.38 57.62
N LYS C 175 20.69 -19.48 58.05
CA LYS C 175 20.29 -20.07 59.31
C LYS C 175 21.45 -20.18 60.31
N ASP C 176 22.52 -20.86 59.94
CA ASP C 176 23.61 -20.99 60.88
C ASP C 176 24.70 -19.97 60.66
N SER C 177 24.48 -19.12 59.67
CA SER C 177 25.41 -18.05 59.37
C SER C 177 26.85 -18.44 59.00
N THR C 178 27.03 -19.64 58.45
CA THR C 178 28.37 -20.10 58.04
C THR C 178 28.69 -19.88 56.55
N TYR C 179 29.87 -20.34 56.16
CA TYR C 179 30.30 -20.28 54.78
C TYR C 179 30.56 -21.72 54.38
N SER C 180 30.98 -21.91 53.15
CA SER C 180 31.33 -23.24 52.62
C SER C 180 32.13 -22.84 51.39
N LEU C 181 33.23 -23.55 51.19
CA LEU C 181 34.11 -23.24 50.10
C LEU C 181 34.52 -24.50 49.38
N SER C 182 34.69 -24.36 48.07
CA SER C 182 35.11 -25.48 47.26
C SER C 182 36.34 -25.13 46.44
N SER C 183 37.41 -25.88 46.64
CA SER C 183 38.61 -25.65 45.87
C SER C 183 38.74 -26.78 44.87
N THR C 184 38.76 -26.43 43.59
CA THR C 184 38.88 -27.44 42.54
C THR C 184 40.23 -27.48 41.79
N LEU C 185 40.92 -28.62 41.93
CA LEU C 185 42.18 -28.80 41.27
C LEU C 185 41.89 -29.33 39.87
N THR C 186 42.41 -28.65 38.88
CA THR C 186 42.18 -29.10 37.53
C THR C 186 43.49 -29.33 36.82
N LEU C 187 43.63 -30.55 36.31
CA LEU C 187 44.81 -31.00 35.60
C LEU C 187 44.38 -31.99 34.51
N SER C 188 45.24 -32.21 33.52
CA SER C 188 44.92 -33.12 32.41
C SER C 188 44.75 -34.58 32.86
N LYS C 189 44.05 -35.39 32.07
CA LYS C 189 43.89 -36.79 32.44
C LYS C 189 45.28 -37.42 32.46
N ALA C 190 46.11 -36.90 31.57
CA ALA C 190 47.47 -37.37 31.43
C ALA C 190 48.22 -37.11 32.73
N ASP C 191 48.38 -35.83 33.04
CA ASP C 191 49.04 -35.33 34.23
C ASP C 191 48.50 -35.97 35.50
N TYR C 192 47.20 -36.29 35.48
CA TYR C 192 46.55 -36.89 36.62
C TYR C 192 46.98 -38.32 36.83
N GLU C 193 47.01 -39.13 35.77
CA GLU C 193 47.40 -40.53 35.94
C GLU C 193 48.92 -40.71 36.12
N LYS C 194 49.67 -39.65 35.81
CA LYS C 194 51.13 -39.64 35.92
C LYS C 194 51.64 -39.50 37.37
N HIS C 195 50.79 -39.03 38.28
CA HIS C 195 51.14 -38.84 39.70
C HIS C 195 50.15 -39.70 40.55
N LYS C 196 50.44 -39.98 41.83
CA LYS C 196 49.57 -40.84 42.68
C LYS C 196 48.84 -40.28 43.89
N VAL C 197 49.57 -39.56 44.74
CA VAL C 197 49.02 -38.97 45.96
C VAL C 197 48.27 -37.65 45.78
N TYR C 198 46.97 -37.63 46.10
CA TYR C 198 46.18 -36.41 46.00
C TYR C 198 45.67 -35.89 47.36
N ALA C 199 46.34 -34.82 47.81
CA ALA C 199 46.10 -34.24 49.11
C ALA C 199 45.52 -32.85 49.17
N CYS C 200 44.51 -32.70 50.02
CA CYS C 200 43.87 -31.41 50.25
C CYS C 200 44.20 -31.01 51.71
N GLU C 201 44.79 -29.83 51.93
CA GLU C 201 45.08 -29.44 53.29
C GLU C 201 44.51 -28.07 53.72
N VAL C 202 43.43 -28.19 54.49
CA VAL C 202 42.67 -27.06 55.00
C VAL C 202 43.31 -26.45 56.22
N THR C 203 43.22 -25.14 56.29
CA THR C 203 43.82 -24.41 57.40
C THR C 203 42.93 -23.26 57.82
N HIS C 204 42.07 -23.57 58.78
CA HIS C 204 41.11 -22.64 59.34
C HIS C 204 41.48 -22.16 60.75
N GLN C 205 40.69 -21.25 61.29
CA GLN C 205 40.97 -20.72 62.62
C GLN C 205 40.30 -21.51 63.72
N GLY C 206 39.34 -22.36 63.34
CA GLY C 206 38.64 -23.20 64.29
C GLY C 206 39.36 -24.51 64.40
N LEU C 207 40.37 -24.69 63.58
CA LEU C 207 41.16 -25.93 63.64
C LEU C 207 42.35 -25.71 64.56
N SER C 208 42.67 -26.72 65.35
CA SER C 208 43.81 -26.63 66.26
C SER C 208 45.07 -26.74 65.43
N SER C 209 44.97 -27.58 64.39
CA SER C 209 46.08 -27.84 63.48
C SER C 209 45.55 -28.16 62.09
N PRO C 210 46.28 -27.75 61.04
CA PRO C 210 45.87 -27.99 59.65
C PRO C 210 45.28 -29.38 59.45
N VAL C 211 44.15 -29.45 58.75
CA VAL C 211 43.54 -30.74 58.47
C VAL C 211 43.87 -31.14 57.06
N THR C 212 43.88 -32.45 56.81
CA THR C 212 44.19 -32.98 55.49
C THR C 212 43.33 -34.20 55.16
N LYS C 213 42.60 -34.14 54.04
CA LYS C 213 41.80 -35.27 53.58
C LYS C 213 42.45 -35.60 52.24
N SER C 214 42.57 -36.90 51.94
CA SER C 214 43.22 -37.29 50.69
C SER C 214 42.82 -38.62 50.11
N PHE C 215 43.37 -38.90 48.93
CA PHE C 215 43.13 -40.15 48.24
C PHE C 215 44.36 -40.59 47.44
N ASN C 216 44.45 -41.91 47.32
CA ASN C 216 45.50 -42.57 46.57
C ASN C 216 44.83 -42.88 45.24
N ARG C 217 45.55 -42.73 44.14
CA ARG C 217 44.94 -43.00 42.85
C ARG C 217 44.47 -44.46 42.71
N GLY C 218 43.17 -44.63 42.52
CA GLY C 218 42.62 -45.96 42.38
C GLY C 218 41.10 -45.95 42.38
N GLU C 219 40.51 -47.12 42.13
CA GLU C 219 39.06 -47.31 42.12
C GLU C 219 38.59 -47.41 43.59
N CYS C 220 39.48 -47.95 44.41
CA CYS C 220 39.25 -48.13 45.85
C CYS C 220 40.62 -48.18 46.52
N GLN D 1 -0.89 -15.72 43.90
CA GLN D 1 -1.55 -15.86 42.59
C GLN D 1 -0.92 -14.91 41.57
N VAL D 2 -0.54 -13.73 42.04
CA VAL D 2 0.10 -12.76 41.15
C VAL D 2 1.50 -13.22 40.77
N GLN D 3 1.78 -13.22 39.48
CA GLN D 3 3.08 -13.65 39.05
C GLN D 3 3.62 -12.95 37.80
N LEU D 4 4.93 -12.72 37.80
CA LEU D 4 5.60 -12.11 36.66
C LEU D 4 6.64 -13.13 36.28
N VAL D 5 6.58 -13.61 35.06
CA VAL D 5 7.52 -14.63 34.63
C VAL D 5 8.30 -14.16 33.41
N GLN D 6 9.55 -13.78 33.63
CA GLN D 6 10.37 -13.29 32.52
C GLN D 6 10.85 -14.38 31.57
N SER D 7 11.48 -13.95 30.49
CA SER D 7 12.00 -14.89 29.51
C SER D 7 13.38 -15.34 29.95
N GLY D 8 13.90 -16.37 29.30
CA GLY D 8 15.20 -16.91 29.69
C GLY D 8 16.42 -16.03 29.48
N ALA D 9 17.52 -16.38 30.14
CA ALA D 9 18.74 -15.61 29.99
C ALA D 9 19.35 -15.98 28.64
N GLU D 10 20.13 -15.08 28.06
CA GLU D 10 20.75 -15.38 26.79
C GLU D 10 21.96 -14.56 26.42
N VAL D 11 22.75 -15.08 25.50
CA VAL D 11 23.93 -14.37 25.03
C VAL D 11 23.50 -13.42 23.94
N VAL D 12 24.21 -12.33 23.77
CA VAL D 12 23.87 -11.42 22.69
C VAL D 12 25.13 -11.00 22.06
N LYS D 13 25.22 -11.07 20.76
CA LYS D 13 26.45 -10.63 20.11
C LYS D 13 26.50 -9.13 20.15
N PRO D 14 27.67 -8.58 20.44
CA PRO D 14 27.96 -7.13 20.52
C PRO D 14 27.39 -6.40 19.31
N GLY D 15 26.58 -5.39 19.52
CA GLY D 15 25.94 -4.71 18.40
C GLY D 15 24.57 -5.29 18.04
N ALA D 16 24.25 -6.48 18.54
CA ALA D 16 22.96 -7.11 18.30
C ALA D 16 21.90 -6.60 19.28
N SER D 17 20.64 -6.97 19.05
CA SER D 17 19.51 -6.59 19.88
C SER D 17 18.92 -7.82 20.56
N VAL D 18 18.16 -7.62 21.63
CA VAL D 18 17.55 -8.73 22.37
C VAL D 18 16.20 -8.21 22.83
N LYS D 19 15.25 -9.12 23.05
CA LYS D 19 13.93 -8.69 23.47
C LYS D 19 13.30 -9.53 24.57
N ILE D 20 13.56 -9.09 25.80
CA ILE D 20 13.03 -9.74 27.00
C ILE D 20 11.49 -9.71 27.18
N SER D 21 10.92 -10.73 27.81
CA SER D 21 9.47 -10.72 28.05
C SER D 21 9.08 -10.94 29.52
N CYS D 22 7.96 -10.32 29.90
CA CYS D 22 7.43 -10.37 31.26
C CYS D 22 6.00 -10.78 31.12
N LYS D 23 5.68 -12.02 31.51
CA LYS D 23 4.31 -12.55 31.40
C LYS D 23 3.52 -12.45 32.69
N ALA D 24 2.61 -11.48 32.74
CA ALA D 24 1.78 -11.26 33.92
C ALA D 24 0.62 -12.26 34.08
N SER D 25 0.31 -12.58 35.32
CA SER D 25 -0.78 -13.49 35.61
C SER D 25 -1.23 -13.34 37.06
N GLY D 26 -2.53 -13.48 37.27
CA GLY D 26 -3.09 -13.34 38.61
C GLY D 26 -3.69 -11.97 38.85
N TYR D 27 -3.92 -11.21 37.80
CA TYR D 27 -4.50 -9.88 37.96
C TYR D 27 -4.84 -9.34 36.58
N THR D 28 -5.46 -8.18 36.48
CA THR D 28 -5.79 -7.68 35.16
C THR D 28 -4.66 -6.84 34.59
N PHE D 29 -3.95 -7.46 33.66
CA PHE D 29 -2.79 -6.87 32.99
C PHE D 29 -2.82 -5.36 32.85
N THR D 30 -3.99 -4.83 32.44
CA THR D 30 -4.19 -3.41 32.24
C THR D 30 -4.43 -2.59 33.50
N ASP D 31 -4.14 -3.15 34.66
CA ASP D 31 -4.35 -2.44 35.91
C ASP D 31 -3.12 -1.69 36.39
N HIS D 32 -1.95 -2.21 36.08
CA HIS D 32 -0.70 -1.58 36.49
C HIS D 32 0.37 -1.62 35.40
N ALA D 33 1.13 -0.55 35.33
CA ALA D 33 2.19 -0.41 34.33
C ALA D 33 3.30 -1.39 34.68
N ILE D 34 4.13 -1.75 33.72
CA ILE D 34 5.23 -2.61 34.09
C ILE D 34 6.52 -1.79 33.99
N HIS D 35 7.36 -1.85 35.01
CA HIS D 35 8.60 -1.10 34.99
C HIS D 35 9.72 -2.04 34.79
N TRP D 36 10.77 -1.54 34.18
CA TRP D 36 11.95 -2.35 33.95
C TRP D 36 13.14 -1.75 34.67
N VAL D 37 13.83 -2.63 35.36
CA VAL D 37 14.96 -2.32 36.21
C VAL D 37 16.17 -3.13 35.78
N LYS D 38 17.27 -2.43 35.55
CA LYS D 38 18.50 -3.11 35.15
C LYS D 38 19.36 -3.20 36.39
N GLN D 39 20.06 -4.32 36.57
CA GLN D 39 20.90 -4.53 37.74
C GLN D 39 22.28 -4.97 37.24
N ASN D 40 23.11 -3.95 37.02
CA ASN D 40 24.46 -4.09 36.53
C ASN D 40 25.10 -5.11 37.42
N PRO D 41 26.19 -5.77 36.95
CA PRO D 41 26.97 -6.80 37.63
C PRO D 41 27.08 -6.72 39.18
N GLY D 42 26.31 -7.63 39.82
CA GLY D 42 26.14 -7.79 41.27
C GLY D 42 25.41 -6.61 41.93
N GLN D 43 25.93 -5.47 41.51
CA GLN D 43 25.60 -4.14 41.89
C GLN D 43 24.28 -3.40 41.61
N ARG D 44 24.56 -2.14 41.29
CA ARG D 44 23.67 -1.04 41.00
C ARG D 44 22.32 -1.30 40.32
N LEU D 45 21.34 -0.51 40.73
CA LEU D 45 20.00 -0.66 40.19
C LEU D 45 19.61 0.59 39.51
N GLU D 46 19.28 0.42 38.25
CA GLU D 46 18.78 1.51 37.42
C GLU D 46 17.35 1.18 37.04
N TRP D 47 16.51 2.19 36.98
CA TRP D 47 15.13 2.06 36.50
C TRP D 47 15.10 2.57 35.07
N ILE D 48 14.88 1.61 34.15
CA ILE D 48 14.84 1.90 32.71
C ILE D 48 13.61 2.76 32.29
N GLY D 49 12.41 2.31 32.67
CA GLY D 49 11.20 3.03 32.32
C GLY D 49 9.99 2.12 32.54
N TYR D 50 8.80 2.61 32.22
CA TYR D 50 7.65 1.74 32.38
C TYR D 50 6.78 1.94 31.17
N PHE D 51 5.96 0.93 30.94
CA PHE D 51 5.03 0.95 29.86
C PHE D 51 3.71 0.48 30.46
N SER D 52 2.67 1.30 30.24
CA SER D 52 1.35 0.99 30.80
C SER D 52 0.40 0.31 29.85
N PRO D 53 0.26 -1.01 30.00
CA PRO D 53 -0.66 -1.71 29.10
C PRO D 53 -2.06 -1.19 29.44
N GLY D 54 -2.82 -0.80 28.43
CA GLY D 54 -4.14 -0.28 28.73
C GLY D 54 -4.36 1.06 28.08
N ASN D 55 -3.56 2.04 28.46
CA ASN D 55 -3.67 3.34 27.82
C ASN D 55 -2.47 3.50 26.89
N ASP D 56 -1.59 2.51 26.91
CA ASP D 56 -0.41 2.52 26.07
C ASP D 56 0.50 3.70 26.40
N ASP D 57 0.36 4.29 27.59
CA ASP D 57 1.23 5.40 27.94
C ASP D 57 2.51 4.80 28.45
N PHE D 58 3.61 5.54 28.26
CA PHE D 58 4.91 5.05 28.64
C PHE D 58 5.82 6.20 29.04
N LYS D 59 6.84 5.90 29.86
CA LYS D 59 7.84 6.89 30.33
C LYS D 59 9.20 6.19 30.21
N TYR D 60 10.22 6.99 29.91
CA TYR D 60 11.57 6.48 29.76
C TYR D 60 12.51 7.18 30.73
N ASN D 61 13.57 6.55 31.20
CA ASN D 61 14.51 7.31 32.00
C ASN D 61 15.58 7.73 30.96
N GLU D 62 15.79 9.03 30.81
CA GLU D 62 16.77 9.57 29.83
C GLU D 62 17.99 8.71 29.52
N ARG D 63 18.57 8.11 30.55
CA ARG D 63 19.71 7.21 30.36
C ARG D 63 19.38 6.18 29.25
N PHE D 64 18.32 5.39 29.47
CA PHE D 64 17.88 4.38 28.51
C PHE D 64 17.22 4.85 27.23
N LYS D 65 16.88 6.12 27.13
CA LYS D 65 16.27 6.60 25.90
C LYS D 65 17.21 6.21 24.78
N GLY D 66 16.68 5.52 23.78
CA GLY D 66 17.50 5.13 22.65
C GLY D 66 18.25 3.83 22.78
N LYS D 67 18.09 3.15 23.91
CA LYS D 67 18.76 1.89 24.09
C LYS D 67 17.67 0.85 24.35
N ALA D 68 16.54 1.30 24.87
CA ALA D 68 15.42 0.42 25.18
C ALA D 68 14.13 0.87 24.52
N THR D 69 13.26 -0.11 24.25
CA THR D 69 11.94 0.12 23.65
C THR D 69 10.90 -0.76 24.37
N LEU D 70 10.07 -0.11 25.17
CA LEU D 70 9.07 -0.80 25.96
C LEU D 70 7.80 -0.92 25.18
N THR D 71 7.18 -2.09 25.24
CA THR D 71 5.93 -2.36 24.56
C THR D 71 5.14 -3.38 25.35
N ALA D 72 3.95 -3.71 24.90
CA ALA D 72 3.14 -4.69 25.60
C ALA D 72 2.16 -5.32 24.64
N ASP D 73 1.67 -6.50 25.00
CA ASP D 73 0.70 -7.20 24.17
C ASP D 73 -0.41 -7.60 25.10
N THR D 74 -1.38 -6.73 25.26
CA THR D 74 -2.49 -7.00 26.16
C THR D 74 -3.11 -8.36 25.94
N SER D 75 -3.43 -8.70 24.70
CA SER D 75 -4.02 -10.00 24.41
C SER D 75 -3.20 -11.05 25.15
N ALA D 76 -1.90 -11.06 24.89
CA ALA D 76 -0.98 -12.01 25.49
C ALA D 76 -0.73 -11.77 26.96
N SER D 77 -1.05 -10.57 27.44
CA SER D 77 -0.87 -10.21 28.84
C SER D 77 0.62 -10.24 29.16
N THR D 78 1.41 -9.72 28.21
CA THR D 78 2.86 -9.71 28.29
C THR D 78 3.47 -8.33 28.05
N ALA D 79 4.57 -8.03 28.72
CA ALA D 79 5.25 -6.75 28.50
C ALA D 79 6.66 -7.03 27.97
N TYR D 80 7.12 -6.19 27.08
CA TYR D 80 8.43 -6.42 26.53
C TYR D 80 9.32 -5.19 26.62
N VAL D 81 10.62 -5.43 26.59
CA VAL D 81 11.60 -4.36 26.54
C VAL D 81 12.62 -4.87 25.54
N GLU D 82 12.86 -4.10 24.51
CA GLU D 82 13.83 -4.54 23.53
C GLU D 82 15.05 -3.66 23.61
N LEU D 83 16.20 -4.30 23.86
CA LEU D 83 17.47 -3.59 23.97
C LEU D 83 18.31 -3.55 22.66
N SER D 84 18.59 -2.37 22.16
CA SER D 84 19.35 -2.28 20.89
C SER D 84 20.84 -2.17 20.96
N SER D 85 21.48 -2.61 19.87
CA SER D 85 22.96 -2.61 19.69
C SER D 85 23.80 -2.67 20.97
N LEU D 86 23.60 -3.80 21.67
CA LEU D 86 24.26 -4.13 22.92
C LEU D 86 25.77 -4.03 22.94
N ARG D 87 26.29 -3.71 24.12
CA ARG D 87 27.71 -3.57 24.34
C ARG D 87 27.99 -4.07 25.74
N SER D 88 29.20 -4.55 26.00
CA SER D 88 29.57 -5.10 27.32
C SER D 88 28.79 -4.47 28.48
N GLU D 89 28.80 -3.14 28.53
CA GLU D 89 28.14 -2.41 29.61
C GLU D 89 26.67 -2.78 29.75
N ASP D 90 26.10 -3.46 28.77
CA ASP D 90 24.71 -3.84 28.87
C ASP D 90 24.54 -5.23 29.47
N THR D 91 25.66 -5.95 29.66
CA THR D 91 25.52 -7.25 30.29
C THR D 91 24.99 -6.90 31.67
N ALA D 92 23.91 -7.55 32.06
CA ALA D 92 23.30 -7.24 33.32
C ALA D 92 22.04 -8.05 33.50
N VAL D 93 21.38 -7.91 34.64
CA VAL D 93 20.14 -8.59 34.82
C VAL D 93 19.05 -7.58 34.63
N TYR D 94 18.16 -7.86 33.70
CA TYR D 94 17.02 -6.99 33.49
C TYR D 94 15.83 -7.67 34.27
N PHE D 95 15.15 -6.83 35.06
CA PHE D 95 14.06 -7.15 35.92
C PHE D 95 12.78 -6.46 35.51
N CYS D 96 11.68 -7.22 35.45
CA CYS D 96 10.41 -6.58 35.19
C CYS D 96 9.74 -6.50 36.56
N THR D 97 8.87 -5.50 36.75
CA THR D 97 8.17 -5.29 38.01
C THR D 97 6.91 -4.47 37.77
N ARG D 98 5.88 -4.75 38.59
CA ARG D 98 4.53 -4.14 38.50
C ARG D 98 4.20 -2.96 39.41
N SER D 99 3.70 -1.88 38.81
CA SER D 99 3.29 -0.65 39.49
C SER D 99 4.41 0.17 40.15
N LEU D 100 4.07 1.35 40.65
CA LEU D 100 5.03 2.23 41.29
C LEU D 100 5.34 1.76 42.69
N ASN D 101 4.48 0.84 43.13
CA ASN D 101 4.61 0.16 44.42
C ASN D 101 5.16 -1.20 43.92
N MET D 102 6.48 -1.28 43.84
CA MET D 102 7.11 -2.47 43.31
C MET D 102 6.93 -3.66 44.23
N ALA D 103 5.70 -4.12 44.40
CA ALA D 103 5.48 -5.26 45.30
C ALA D 103 5.87 -6.54 44.62
N TYR D 104 5.50 -6.68 43.35
CA TYR D 104 5.86 -7.89 42.65
C TYR D 104 6.93 -7.75 41.60
N TRP D 105 7.86 -8.70 41.58
CA TRP D 105 8.91 -8.66 40.57
C TRP D 105 8.99 -9.91 39.72
N GLY D 106 9.76 -9.79 38.63
CA GLY D 106 9.98 -10.90 37.74
C GLY D 106 11.13 -11.66 38.34
N GLN D 107 11.61 -12.67 37.67
CA GLN D 107 12.71 -13.39 38.25
C GLN D 107 14.01 -12.88 37.67
N GLY D 108 13.89 -12.01 36.67
CA GLY D 108 15.06 -11.43 36.08
C GLY D 108 15.66 -12.23 34.95
N THR D 109 16.13 -11.53 33.94
CA THR D 109 16.70 -12.21 32.81
C THR D 109 18.16 -11.78 32.74
N LEU D 110 19.06 -12.74 32.66
CA LEU D 110 20.44 -12.35 32.55
C LEU D 110 20.96 -12.22 31.12
N VAL D 111 21.08 -10.98 30.66
CA VAL D 111 21.59 -10.77 29.33
C VAL D 111 23.13 -10.74 29.36
N THR D 112 23.73 -11.59 28.55
CA THR D 112 25.20 -11.62 28.47
C THR D 112 25.70 -11.22 27.09
N VAL D 113 26.19 -9.99 26.92
CA VAL D 113 26.72 -9.54 25.62
C VAL D 113 28.03 -10.25 25.37
N SER D 114 28.12 -11.00 24.29
CA SER D 114 29.36 -11.78 24.03
C SER D 114 29.46 -12.41 22.63
N SER D 115 30.66 -12.79 22.23
CA SER D 115 30.78 -13.40 20.93
C SER D 115 30.65 -14.91 21.11
N ALA D 116 30.96 -15.40 22.30
CA ALA D 116 30.82 -16.82 22.66
C ALA D 116 29.49 -17.45 22.25
N SER D 117 29.52 -18.75 22.03
CA SER D 117 28.29 -19.46 21.66
C SER D 117 27.79 -20.17 22.89
N THR D 118 26.48 -20.40 22.98
CA THR D 118 26.00 -21.10 24.17
C THR D 118 26.58 -22.51 24.17
N LYS D 119 26.80 -23.05 25.37
CA LYS D 119 27.32 -24.39 25.50
C LYS D 119 26.69 -25.15 26.68
N GLY D 120 26.17 -26.34 26.40
CA GLY D 120 25.59 -27.13 27.46
C GLY D 120 26.64 -27.56 28.49
N PRO D 121 26.19 -27.79 29.73
CA PRO D 121 27.16 -28.19 30.74
C PRO D 121 27.29 -29.70 30.81
N SER D 122 28.44 -30.15 31.30
CA SER D 122 28.64 -31.57 31.48
C SER D 122 28.36 -31.78 32.94
N VAL D 123 27.76 -32.91 33.29
CA VAL D 123 27.45 -33.12 34.70
C VAL D 123 28.08 -34.39 35.26
N PHE D 124 29.10 -34.19 36.09
CA PHE D 124 29.81 -35.29 36.70
C PHE D 124 29.42 -35.46 38.16
N PRO D 125 29.67 -36.66 38.72
CA PRO D 125 29.33 -36.92 40.12
C PRO D 125 30.44 -36.72 41.14
N LEU D 126 30.04 -36.29 42.33
CA LEU D 126 30.94 -36.12 43.45
C LEU D 126 30.43 -37.16 44.43
N ALA D 127 31.06 -38.33 44.36
CA ALA D 127 30.69 -39.46 45.18
C ALA D 127 31.19 -39.41 46.59
N PRO D 128 30.38 -39.96 47.52
CA PRO D 128 30.64 -40.04 48.95
C PRO D 128 31.90 -40.83 49.27
N SER D 129 32.68 -40.34 50.23
CA SER D 129 33.89 -41.03 50.62
C SER D 129 33.52 -42.49 50.77
N SER D 130 32.25 -42.69 51.15
CA SER D 130 31.62 -44.00 51.36
C SER D 130 30.93 -44.06 52.74
N LYS D 131 30.67 -45.29 53.20
CA LYS D 131 30.02 -45.54 54.50
C LYS D 131 30.97 -45.18 55.64
N SER D 132 30.46 -44.39 56.60
CA SER D 132 31.21 -43.93 57.77
C SER D 132 32.71 -43.65 57.55
N THR D 133 33.12 -43.50 56.28
CA THR D 133 34.49 -43.16 55.97
C THR D 133 34.38 -41.64 56.03
N SER D 134 33.34 -41.21 56.74
CA SER D 134 32.97 -39.82 56.98
C SER D 134 32.52 -39.62 58.45
N GLY D 135 31.91 -40.66 59.04
CA GLY D 135 31.45 -40.60 60.42
C GLY D 135 29.96 -40.86 60.63
N GLY D 136 29.20 -39.78 60.89
CA GLY D 136 27.76 -39.87 61.07
C GLY D 136 27.04 -39.37 59.83
N THR D 137 27.67 -38.42 59.15
CA THR D 137 27.17 -37.82 57.91
C THR D 137 28.29 -37.73 56.88
N ALA D 138 27.94 -37.87 55.60
CA ALA D 138 28.91 -37.78 54.51
C ALA D 138 28.49 -36.74 53.48
N ALA D 139 29.43 -36.36 52.64
CA ALA D 139 29.14 -35.37 51.63
C ALA D 139 29.24 -35.90 50.20
N LEU D 140 28.23 -35.58 49.39
CA LEU D 140 28.15 -35.98 47.98
C LEU D 140 27.68 -34.78 47.17
N GLY D 141 27.87 -34.84 45.87
CA GLY D 141 27.44 -33.70 45.08
C GLY D 141 27.56 -33.85 43.57
N CYS D 142 27.34 -32.74 42.89
CA CYS D 142 27.42 -32.71 41.44
C CYS D 142 28.34 -31.62 40.96
N LEU D 143 29.17 -31.97 40.00
CA LEU D 143 30.06 -30.99 39.42
C LEU D 143 29.51 -30.70 38.01
N VAL D 144 28.93 -29.51 37.84
CA VAL D 144 28.39 -29.05 36.59
C VAL D 144 29.51 -28.30 35.88
N LYS D 145 30.16 -28.93 34.91
CA LYS D 145 31.27 -28.28 34.22
C LYS D 145 31.05 -27.79 32.79
N ASP D 146 32.00 -26.94 32.38
CA ASP D 146 32.07 -26.36 31.06
C ASP D 146 30.77 -26.01 30.34
N TYR D 147 30.14 -24.93 30.75
CA TYR D 147 28.87 -24.57 30.12
C TYR D 147 28.88 -23.06 29.95
N PHE D 148 28.04 -22.57 29.06
CA PHE D 148 27.98 -21.16 28.79
C PHE D 148 26.71 -20.78 28.01
N PRO D 149 26.13 -19.62 28.35
CA PRO D 149 26.56 -18.68 29.37
C PRO D 149 25.76 -18.90 30.65
N GLU D 150 26.04 -18.07 31.65
CA GLU D 150 25.31 -18.16 32.90
C GLU D 150 23.85 -17.96 32.52
N PRO D 151 22.93 -18.56 33.29
CA PRO D 151 23.26 -19.38 34.46
C PRO D 151 22.65 -20.76 34.38
N VAL D 152 23.02 -21.59 35.33
CA VAL D 152 22.45 -22.90 35.38
C VAL D 152 21.74 -23.02 36.72
N THR D 153 20.91 -24.03 36.86
CA THR D 153 20.09 -24.21 38.04
C THR D 153 20.11 -25.66 38.53
N VAL D 154 20.74 -25.87 39.68
CA VAL D 154 20.80 -27.21 40.28
C VAL D 154 19.81 -27.37 41.42
N SER D 155 19.31 -28.58 41.57
CA SER D 155 18.39 -28.88 42.66
C SER D 155 18.57 -30.36 42.91
N TRP D 156 18.25 -30.80 44.11
CA TRP D 156 18.43 -32.19 44.45
C TRP D 156 17.11 -32.95 44.54
N ASN D 157 17.16 -34.23 44.19
CA ASN D 157 15.99 -35.09 44.20
C ASN D 157 14.74 -34.32 43.90
N SER D 158 14.82 -33.56 42.81
CA SER D 158 13.73 -32.77 42.30
C SER D 158 13.03 -31.90 43.32
N GLY D 159 13.82 -31.13 44.09
CA GLY D 159 13.25 -30.22 45.06
C GLY D 159 12.97 -30.78 46.44
N ALA D 160 12.99 -32.10 46.55
CA ALA D 160 12.77 -32.77 47.83
C ALA D 160 13.96 -32.43 48.73
N LEU D 161 15.13 -32.92 48.34
CA LEU D 161 16.36 -32.66 49.08
C LEU D 161 16.66 -31.17 48.96
N THR D 162 16.68 -30.50 50.10
CA THR D 162 16.96 -29.07 50.15
C THR D 162 17.85 -28.75 51.34
N SER D 163 17.56 -29.43 52.45
CA SER D 163 18.30 -29.25 53.69
C SER D 163 19.77 -29.64 53.58
N GLY D 164 20.62 -28.66 53.82
CA GLY D 164 22.04 -28.92 53.78
C GLY D 164 22.59 -29.00 52.38
N VAL D 165 21.94 -28.31 51.45
CA VAL D 165 22.42 -28.29 50.08
C VAL D 165 23.23 -27.01 49.94
N HIS D 166 24.22 -27.04 49.06
CA HIS D 166 25.08 -25.90 48.82
C HIS D 166 25.52 -25.84 47.36
N THR D 167 24.83 -25.03 46.59
CA THR D 167 25.24 -24.89 45.23
C THR D 167 26.18 -23.70 45.20
N PHE D 168 27.45 -23.95 44.97
CA PHE D 168 28.42 -22.86 44.90
C PHE D 168 28.25 -21.95 43.69
N PRO D 169 28.69 -20.70 43.80
CA PRO D 169 28.57 -19.76 42.70
C PRO D 169 29.50 -20.21 41.59
N ALA D 170 29.09 -20.00 40.36
CA ALA D 170 29.90 -20.41 39.22
C ALA D 170 31.23 -19.67 39.08
N VAL D 171 32.16 -20.29 38.38
CA VAL D 171 33.48 -19.73 38.22
C VAL D 171 33.88 -19.69 36.76
N LEU D 172 34.42 -18.57 36.31
CA LEU D 172 34.83 -18.48 34.92
C LEU D 172 36.23 -19.05 34.81
N GLN D 173 36.35 -20.10 34.01
CA GLN D 173 37.61 -20.79 33.78
C GLN D 173 38.44 -20.10 32.70
N SER D 174 39.73 -20.38 32.67
CA SER D 174 40.57 -19.77 31.67
C SER D 174 40.04 -20.17 30.30
N SER D 175 39.46 -21.36 30.24
CA SER D 175 38.90 -21.89 29.01
C SER D 175 37.93 -20.89 28.44
N GLY D 176 37.13 -20.27 29.30
CA GLY D 176 36.16 -19.31 28.84
C GLY D 176 34.79 -19.78 29.22
N LEU D 177 34.70 -20.99 29.77
CA LEU D 177 33.41 -21.52 30.18
C LEU D 177 33.25 -21.50 31.67
N TYR D 178 32.01 -21.58 32.13
CA TYR D 178 31.70 -21.59 33.54
C TYR D 178 31.65 -22.99 34.05
N SER D 179 31.93 -23.12 35.34
CA SER D 179 31.85 -24.42 35.98
C SER D 179 31.44 -24.14 37.40
N LEU D 180 30.73 -25.09 38.01
CA LEU D 180 30.27 -24.91 39.39
C LEU D 180 29.89 -26.25 40.03
N SER D 181 29.92 -26.30 41.35
CA SER D 181 29.60 -27.53 42.05
C SER D 181 28.42 -27.43 43.02
N SER D 182 27.62 -28.48 43.08
CA SER D 182 26.54 -28.46 44.07
C SER D 182 26.65 -29.61 45.02
N VAL D 183 26.93 -29.32 46.28
CA VAL D 183 27.11 -30.35 47.29
C VAL D 183 25.95 -30.44 48.30
N VAL D 184 25.80 -31.60 48.92
CA VAL D 184 24.77 -31.75 49.93
C VAL D 184 25.25 -32.72 51.03
N THR D 185 24.90 -32.48 52.28
CA THR D 185 25.33 -33.40 53.31
C THR D 185 24.18 -34.29 53.73
N VAL D 186 24.47 -35.56 53.87
CA VAL D 186 23.47 -36.55 54.26
C VAL D 186 24.11 -37.58 55.18
N PRO D 187 23.27 -38.23 56.00
CA PRO D 187 23.68 -39.26 56.95
C PRO D 187 24.15 -40.56 56.29
N SER D 188 25.35 -41.00 56.68
CA SER D 188 25.96 -42.20 56.13
C SER D 188 24.96 -43.34 56.13
N SER D 189 23.98 -43.22 57.02
CA SER D 189 22.89 -44.21 57.19
C SER D 189 22.05 -44.33 55.93
N SER D 190 21.61 -43.19 55.43
CA SER D 190 20.80 -43.12 54.22
C SER D 190 21.64 -43.45 53.01
N LEU D 191 22.89 -43.02 53.08
CA LEU D 191 23.86 -43.25 52.03
C LEU D 191 23.79 -44.74 51.70
N GLY D 192 23.35 -45.08 50.49
CA GLY D 192 23.27 -46.49 50.15
C GLY D 192 21.85 -47.02 50.08
N THR D 193 20.98 -46.53 50.97
CA THR D 193 19.57 -46.96 50.97
C THR D 193 18.72 -45.92 50.23
N GLN D 194 19.06 -44.65 50.42
CA GLN D 194 18.36 -43.55 49.80
C GLN D 194 19.08 -43.08 48.54
N THR D 195 18.33 -42.89 47.45
CA THR D 195 18.94 -42.44 46.20
C THR D 195 19.07 -40.92 46.16
N TYR D 196 20.18 -40.49 45.59
CA TYR D 196 20.46 -39.07 45.49
C TYR D 196 20.74 -38.74 44.02
N ILE D 197 19.93 -37.81 43.49
CA ILE D 197 20.01 -37.36 42.10
C ILE D 197 20.00 -35.85 42.07
N CYS D 198 20.91 -35.25 41.31
CA CYS D 198 20.93 -33.81 41.21
C CYS D 198 20.36 -33.45 39.85
N ASN D 199 19.42 -32.52 39.83
CA ASN D 199 18.77 -32.09 38.61
C ASN D 199 19.39 -30.78 38.22
N VAL D 200 20.08 -30.83 37.09
CA VAL D 200 20.77 -29.68 36.56
C VAL D 200 20.07 -29.17 35.32
N ASN D 201 19.81 -27.87 35.27
CA ASN D 201 19.21 -27.30 34.06
C ASN D 201 19.90 -26.02 33.55
N HIS D 202 20.31 -26.05 32.29
CA HIS D 202 20.94 -24.91 31.68
C HIS D 202 20.06 -24.46 30.54
N LYS D 203 19.03 -23.68 30.85
CA LYS D 203 18.11 -23.17 29.84
C LYS D 203 18.73 -22.56 28.57
N PRO D 204 19.81 -21.78 28.68
CA PRO D 204 20.43 -21.18 27.49
C PRO D 204 20.67 -22.15 26.33
N SER D 205 21.09 -23.37 26.66
CA SER D 205 21.36 -24.38 25.66
C SER D 205 20.38 -25.53 25.79
N ASN D 206 19.21 -25.24 26.34
CA ASN D 206 18.13 -26.20 26.52
C ASN D 206 18.58 -27.62 26.85
N THR D 207 19.48 -27.70 27.81
CA THR D 207 20.02 -28.98 28.29
C THR D 207 19.61 -29.24 29.74
N LYS D 208 19.02 -30.40 29.98
CA LYS D 208 18.60 -30.81 31.31
C LYS D 208 19.32 -32.10 31.58
N VAL D 209 19.76 -32.30 32.79
CA VAL D 209 20.45 -33.53 33.11
C VAL D 209 19.92 -33.96 34.46
N ASP D 210 20.21 -35.19 34.83
CA ASP D 210 19.78 -35.69 36.12
C ASP D 210 20.78 -36.68 36.71
N LYS D 211 22.08 -36.41 36.61
CA LYS D 211 23.08 -37.33 37.13
C LYS D 211 22.82 -37.79 38.55
N LYS D 212 22.72 -39.10 38.75
CA LYS D 212 22.49 -39.62 40.08
C LYS D 212 23.83 -40.06 40.67
N VAL D 213 24.21 -39.40 41.75
CA VAL D 213 25.47 -39.67 42.42
C VAL D 213 25.38 -40.87 43.32
N GLU D 214 26.06 -41.93 42.91
CA GLU D 214 26.11 -43.22 43.61
C GLU D 214 27.33 -43.27 44.51
N PRO D 215 27.34 -44.22 45.45
CA PRO D 215 28.47 -44.39 46.36
C PRO D 215 29.57 -45.27 45.76
N LYS D 216 30.40 -44.67 44.91
CA LYS D 216 31.48 -45.40 44.26
C LYS D 216 30.96 -46.67 43.58
N SER D 217 31.88 -47.52 43.12
CA SER D 217 31.55 -48.79 42.44
C SER D 217 32.80 -49.58 42.02
N CYS D 218 33.39 -50.32 42.96
CA CYS D 218 34.58 -51.13 42.69
C CYS D 218 34.39 -52.59 43.13
N GLN D 239 36.03 -60.06 29.90
CA GLN D 239 35.26 -58.82 30.01
C GLN D 239 35.03 -58.21 28.65
N PRO D 240 33.80 -58.30 28.14
CA PRO D 240 33.43 -57.75 26.84
C PRO D 240 33.66 -56.24 26.71
N ARG D 241 33.98 -55.81 25.50
CA ARG D 241 34.22 -54.40 25.24
C ARG D 241 33.54 -53.93 23.97
N GLU D 242 32.63 -52.97 24.12
CA GLU D 242 31.87 -52.40 23.02
C GLU D 242 32.77 -51.80 21.95
N PRO D 243 32.72 -52.34 20.72
CA PRO D 243 33.56 -51.83 19.64
C PRO D 243 33.16 -50.43 19.19
N GLN D 244 34.14 -49.63 18.81
CA GLN D 244 33.86 -48.28 18.33
C GLN D 244 33.87 -48.38 16.81
N VAL D 245 32.90 -47.75 16.15
CA VAL D 245 32.83 -47.83 14.70
C VAL D 245 32.94 -46.50 13.99
N TYR D 246 34.08 -46.24 13.34
CA TYR D 246 34.27 -45.00 12.62
C TYR D 246 34.36 -45.28 11.13
N THR D 247 33.74 -44.43 10.31
CA THR D 247 33.80 -44.60 8.86
C THR D 247 34.68 -43.50 8.28
N LEU D 248 35.57 -43.88 7.36
CA LEU D 248 36.47 -42.93 6.70
C LEU D 248 36.22 -42.95 5.21
N PRO D 249 36.32 -41.80 4.55
CA PRO D 249 36.11 -41.75 3.10
C PRO D 249 37.41 -42.11 2.39
N PRO D 250 37.43 -42.04 1.05
CA PRO D 250 38.70 -42.38 0.37
C PRO D 250 39.77 -41.29 0.48
N SER D 251 41.06 -41.69 0.50
CA SER D 251 42.15 -40.72 0.51
C SER D 251 42.08 -39.85 -0.76
N ARG D 252 42.06 -38.54 -0.60
CA ARG D 252 42.01 -37.64 -1.74
C ARG D 252 42.94 -38.05 -2.89
N ASP D 253 44.01 -38.76 -2.60
CA ASP D 253 44.87 -39.16 -3.68
C ASP D 253 44.25 -40.30 -4.41
N GLU D 254 43.50 -41.10 -3.70
CA GLU D 254 42.87 -42.22 -4.32
C GLU D 254 41.75 -41.78 -5.29
N LEU D 255 41.30 -40.54 -5.19
CA LEU D 255 40.27 -40.09 -6.08
C LEU D 255 40.79 -39.87 -7.47
N THR D 256 41.98 -40.36 -7.72
CA THR D 256 42.60 -40.26 -9.04
C THR D 256 42.24 -41.53 -9.81
N LYS D 257 41.88 -42.53 -9.05
CA LYS D 257 41.50 -43.84 -9.54
C LYS D 257 40.03 -43.97 -9.90
N ASN D 258 39.67 -44.70 -10.95
CA ASN D 258 38.22 -44.90 -11.20
C ASN D 258 38.03 -45.95 -10.12
N GLN D 259 36.94 -45.95 -9.36
CA GLN D 259 36.82 -46.98 -8.32
C GLN D 259 37.66 -46.65 -7.07
N VAL D 260 37.02 -46.14 -6.03
CA VAL D 260 37.68 -45.78 -4.79
C VAL D 260 37.27 -46.70 -3.62
N SER D 261 37.81 -46.39 -2.43
CA SER D 261 37.56 -47.21 -1.28
C SER D 261 36.98 -46.58 -0.01
N LEU D 262 35.93 -47.22 0.49
CA LEU D 262 35.30 -46.76 1.71
C LEU D 262 35.77 -47.66 2.84
N THR D 263 36.32 -47.06 3.90
CA THR D 263 36.82 -47.82 5.05
C THR D 263 35.94 -47.71 6.25
N CYS D 264 35.95 -48.78 7.02
CA CYS D 264 35.17 -48.85 8.25
C CYS D 264 36.16 -49.44 9.23
N LEU D 265 36.47 -48.65 10.25
CA LEU D 265 37.39 -49.00 11.30
C LEU D 265 36.59 -49.33 12.55
N VAL D 266 36.71 -50.57 12.99
CA VAL D 266 36.02 -51.01 14.18
C VAL D 266 37.17 -51.32 15.13
N LYS D 267 37.24 -50.56 16.23
CA LYS D 267 38.32 -50.70 17.23
C LYS D 267 37.87 -50.77 18.69
N GLY D 268 38.80 -51.22 19.54
CA GLY D 268 38.56 -51.34 20.98
C GLY D 268 37.47 -52.32 21.41
N PHE D 269 37.36 -53.43 20.71
CA PHE D 269 36.36 -54.41 21.06
C PHE D 269 37.00 -55.70 21.54
N TYR D 270 36.22 -56.47 22.29
CA TYR D 270 36.66 -57.76 22.84
C TYR D 270 35.40 -58.51 23.19
N PRO D 271 35.29 -59.82 22.89
CA PRO D 271 36.18 -60.77 22.24
C PRO D 271 36.36 -60.54 20.74
N SER D 272 37.42 -61.13 20.21
CA SER D 272 37.74 -60.94 18.81
C SER D 272 36.72 -61.51 17.85
N ASP D 273 35.53 -61.82 18.35
CA ASP D 273 34.48 -62.37 17.51
C ASP D 273 33.60 -61.23 17.07
N ILE D 274 33.52 -61.02 15.76
CA ILE D 274 32.74 -59.91 15.27
C ILE D 274 32.36 -60.10 13.79
N ALA D 275 31.36 -59.35 13.33
CA ALA D 275 30.87 -59.41 11.96
C ALA D 275 30.67 -58.02 11.37
N VAL D 276 31.29 -57.77 10.22
CA VAL D 276 31.14 -56.47 9.57
C VAL D 276 30.70 -56.64 8.12
N GLU D 277 29.63 -55.94 7.76
CA GLU D 277 29.09 -55.97 6.39
C GLU D 277 28.50 -54.61 5.99
N TRP D 278 28.71 -54.24 4.72
CA TRP D 278 28.23 -52.97 4.20
C TRP D 278 26.90 -53.09 3.53
N GLU D 279 26.42 -51.92 3.10
CA GLU D 279 25.15 -51.79 2.40
C GLU D 279 24.87 -50.36 2.05
N SER D 280 24.27 -50.12 0.88
CA SER D 280 24.00 -48.77 0.37
C SER D 280 22.60 -48.30 0.68
N ASN D 281 21.68 -48.60 -0.25
CA ASN D 281 20.27 -48.27 -0.06
C ASN D 281 19.75 -49.39 0.80
N GLY D 282 18.62 -49.95 0.40
CA GLY D 282 18.10 -51.05 1.18
C GLY D 282 19.03 -52.23 0.90
N GLN D 283 19.54 -52.26 -0.32
CA GLN D 283 20.43 -53.33 -0.77
C GLN D 283 21.78 -53.27 -0.10
N PRO D 284 22.38 -54.44 0.11
CA PRO D 284 23.67 -54.68 0.74
C PRO D 284 24.77 -54.58 -0.30
N GLU D 285 25.83 -53.85 -0.02
CA GLU D 285 26.91 -53.81 -0.98
C GLU D 285 27.66 -55.11 -0.83
N ASN D 286 28.29 -55.55 -1.90
CA ASN D 286 28.97 -56.82 -1.83
C ASN D 286 30.47 -56.77 -1.96
N ASN D 287 30.97 -55.89 -2.81
CA ASN D 287 32.41 -55.80 -3.04
C ASN D 287 33.19 -55.21 -1.88
N TYR D 288 33.49 -56.01 -0.87
CA TYR D 288 34.27 -55.52 0.24
C TYR D 288 35.12 -56.64 0.82
N LYS D 289 36.01 -56.29 1.73
CA LYS D 289 36.85 -57.26 2.38
C LYS D 289 37.08 -56.68 3.76
N THR D 290 37.03 -57.54 4.78
CA THR D 290 37.24 -57.14 6.15
C THR D 290 38.56 -57.81 6.54
N THR D 291 39.36 -57.23 7.41
CA THR D 291 40.61 -57.88 7.78
C THR D 291 40.44 -58.56 9.12
N PRO D 292 41.20 -59.63 9.36
CA PRO D 292 41.11 -60.38 10.61
C PRO D 292 41.37 -59.49 11.81
N PRO D 293 40.62 -59.66 12.91
CA PRO D 293 40.87 -58.80 14.06
C PRO D 293 42.34 -58.81 14.41
N VAL D 294 42.81 -57.69 14.94
CA VAL D 294 44.21 -57.59 15.31
C VAL D 294 44.27 -57.09 16.75
N LEU D 295 45.08 -57.79 17.54
CA LEU D 295 45.25 -57.47 18.94
C LEU D 295 45.92 -56.11 19.05
N ASP D 296 45.24 -55.20 19.74
CA ASP D 296 45.73 -53.84 19.94
C ASP D 296 46.59 -53.77 21.20
N SER D 297 47.38 -52.72 21.30
CA SER D 297 48.26 -52.49 22.44
C SER D 297 47.52 -52.39 23.77
N ASP D 298 46.20 -52.43 23.74
CA ASP D 298 45.44 -52.28 24.97
C ASP D 298 44.67 -53.52 25.38
N GLY D 299 44.85 -54.60 24.64
CA GLY D 299 44.15 -55.82 25.00
C GLY D 299 42.87 -56.04 24.24
N SER D 300 42.47 -55.04 23.45
CA SER D 300 41.25 -55.17 22.66
C SER D 300 41.70 -55.34 21.22
N PHE D 301 40.75 -55.64 20.36
CA PHE D 301 41.06 -55.85 18.96
C PHE D 301 40.48 -54.74 18.10
N PHE D 302 40.99 -54.64 16.89
CA PHE D 302 40.52 -53.66 15.92
C PHE D 302 40.64 -54.36 14.56
N LEU D 303 39.93 -53.82 13.57
CA LEU D 303 39.96 -54.35 12.21
C LEU D 303 39.43 -53.27 11.29
N TYR D 304 39.72 -53.41 10.01
CA TYR D 304 39.29 -52.48 9.01
C TYR D 304 38.52 -53.25 7.97
N SER D 305 37.48 -52.65 7.41
CA SER D 305 36.73 -53.30 6.36
C SER D 305 36.80 -52.35 5.19
N LYS D 306 37.03 -52.88 3.99
CA LYS D 306 37.20 -52.06 2.79
C LYS D 306 36.25 -52.26 1.61
N LEU D 307 35.15 -51.50 1.62
CA LEU D 307 34.17 -51.54 0.55
C LEU D 307 34.63 -50.80 -0.74
N THR D 308 34.79 -51.55 -1.82
CA THR D 308 35.22 -50.90 -3.06
C THR D 308 34.06 -50.55 -3.97
N VAL D 309 33.94 -49.28 -4.32
CA VAL D 309 32.89 -48.77 -5.18
C VAL D 309 33.51 -47.98 -6.36
N ASP D 310 32.69 -47.70 -7.38
CA ASP D 310 33.16 -46.95 -8.52
C ASP D 310 33.25 -45.53 -8.01
N LYS D 311 34.29 -44.82 -8.44
CA LYS D 311 34.48 -43.43 -8.01
C LYS D 311 33.28 -42.55 -8.28
N SER D 312 32.49 -42.93 -9.28
CA SER D 312 31.31 -42.14 -9.67
C SER D 312 30.06 -42.37 -8.84
N ARG D 313 29.98 -43.50 -8.14
CA ARG D 313 28.82 -43.72 -7.30
C ARG D 313 29.07 -42.98 -5.98
N TRP D 314 30.34 -42.94 -5.61
CA TRP D 314 30.73 -42.29 -4.41
C TRP D 314 30.42 -40.81 -4.59
N GLN D 315 30.88 -40.24 -5.70
CA GLN D 315 30.65 -38.82 -5.92
C GLN D 315 29.17 -38.54 -6.19
N GLN D 316 28.41 -39.63 -6.30
CA GLN D 316 26.99 -39.52 -6.53
C GLN D 316 26.38 -38.90 -5.29
N GLY D 317 26.96 -39.20 -4.13
CA GLY D 317 26.48 -38.59 -2.88
C GLY D 317 25.73 -39.53 -1.95
N ASN D 318 25.33 -40.66 -2.50
CA ASN D 318 24.61 -41.69 -1.78
C ASN D 318 25.36 -42.04 -0.50
N VAL D 319 24.59 -42.48 0.49
CA VAL D 319 25.20 -42.88 1.73
C VAL D 319 25.29 -44.39 1.82
N PHE D 320 26.47 -44.80 2.24
CA PHE D 320 26.82 -46.17 2.44
C PHE D 320 26.98 -46.26 3.94
N SER D 321 26.84 -47.45 4.50
CA SER D 321 27.00 -47.59 5.93
C SER D 321 27.46 -48.99 6.27
N CYS D 322 28.38 -49.13 7.23
CA CYS D 322 28.80 -50.48 7.61
C CYS D 322 28.09 -50.86 8.88
N SER D 323 27.63 -52.09 8.91
CA SER D 323 26.93 -52.67 10.02
C SER D 323 27.92 -53.58 10.71
N VAL D 324 28.14 -53.24 11.95
CA VAL D 324 29.05 -54.04 12.73
C VAL D 324 28.30 -54.87 13.70
N MET D 325 28.98 -55.90 14.15
CA MET D 325 28.26 -56.77 15.03
C MET D 325 29.16 -57.39 16.03
N HIS D 326 28.55 -57.44 17.16
CA HIS D 326 29.29 -57.84 18.26
C HIS D 326 28.46 -57.96 19.51
N GLU D 327 28.88 -58.88 20.38
CA GLU D 327 28.13 -59.13 21.59
C GLU D 327 28.11 -57.97 22.59
N ALA D 328 29.08 -57.07 22.49
CA ALA D 328 29.15 -55.92 23.40
C ALA D 328 28.35 -54.70 22.96
N LEU D 329 27.59 -54.80 21.88
CA LEU D 329 26.81 -53.66 21.42
C LEU D 329 25.42 -53.73 22.02
N HIS D 330 24.77 -52.57 22.13
CA HIS D 330 23.42 -52.46 22.68
C HIS D 330 22.51 -53.59 22.26
N ASN D 331 22.42 -53.84 20.96
CA ASN D 331 21.59 -54.92 20.45
C ASN D 331 22.42 -55.79 19.55
N HIS D 332 23.68 -55.98 19.94
CA HIS D 332 24.66 -56.78 19.19
C HIS D 332 24.90 -56.25 17.78
N TYR D 333 24.34 -55.08 17.51
CA TYR D 333 24.43 -54.49 16.19
C TYR D 333 24.42 -52.97 16.22
N THR D 334 25.16 -52.38 15.30
CA THR D 334 25.22 -50.95 15.16
C THR D 334 25.71 -50.62 13.76
N GLN D 335 25.31 -49.46 13.27
CA GLN D 335 25.65 -49.05 11.93
C GLN D 335 26.03 -47.59 11.95
N LYS D 336 27.03 -47.25 11.15
CA LYS D 336 27.54 -45.89 11.02
C LYS D 336 27.49 -45.59 9.53
N SER D 337 26.98 -44.43 9.16
CA SER D 337 26.90 -44.09 7.75
C SER D 337 27.99 -43.15 7.28
N LEU D 338 28.32 -43.22 6.00
CA LEU D 338 29.35 -42.37 5.40
C LEU D 338 29.02 -42.01 3.96
N SER D 339 29.15 -40.74 3.61
CA SER D 339 28.84 -40.31 2.25
C SER D 339 29.63 -39.06 1.84
N LEU D 340 29.68 -38.77 0.55
CA LEU D 340 30.43 -37.62 0.10
C LEU D 340 29.97 -36.42 0.88
N SER D 341 30.92 -35.71 1.45
CA SER D 341 30.65 -34.54 2.29
C SER D 341 30.66 -33.20 1.56
N PRO D 342 29.50 -32.51 1.55
CA PRO D 342 29.42 -31.20 0.88
C PRO D 342 30.20 -30.17 1.74
N GLY D 343 31.52 -30.10 1.55
CA GLY D 343 32.35 -29.20 2.34
C GLY D 343 32.44 -27.74 1.88
N LYS D 344 32.64 -26.85 2.86
CA LYS D 344 32.74 -25.40 2.64
C LYS D 344 34.16 -24.91 2.33
N ASP E 1 9.82 21.03 25.14
CA ASP E 1 8.36 20.73 25.24
C ASP E 1 7.83 20.65 23.83
N ILE E 2 6.77 19.87 23.63
CA ILE E 2 6.21 19.72 22.29
C ILE E 2 5.29 20.87 22.00
N VAL E 3 5.47 21.46 20.84
CA VAL E 3 4.65 22.60 20.44
C VAL E 3 3.61 22.24 19.37
N MET E 4 2.35 22.54 19.65
CA MET E 4 1.30 22.25 18.68
C MET E 4 0.91 23.50 17.92
N SER E 5 0.96 23.41 16.60
CA SER E 5 0.59 24.54 15.80
C SER E 5 -0.57 24.12 14.92
N GLN E 6 -1.57 24.99 14.85
CA GLN E 6 -2.75 24.72 14.03
C GLN E 6 -2.82 25.78 12.92
N SER E 7 -3.55 25.40 11.89
CA SER E 7 -3.77 26.27 10.75
C SER E 7 -5.03 25.81 10.05
N PRO E 8 -5.86 26.76 9.62
CA PRO E 8 -5.61 28.21 9.77
C PRO E 8 -6.18 28.74 11.11
N ASP E 9 -5.79 29.97 11.49
CA ASP E 9 -6.27 30.53 12.76
C ASP E 9 -7.79 30.45 12.80
N SER E 10 -8.43 30.75 11.66
CA SER E 10 -9.88 30.76 11.54
C SER E 10 -10.33 30.69 10.10
N LEU E 11 -11.41 29.97 9.84
CA LEU E 11 -11.91 29.89 8.48
C LEU E 11 -13.44 29.96 8.43
N ALA E 12 -13.95 30.60 7.36
CA ALA E 12 -15.37 30.78 7.11
C ALA E 12 -15.81 29.84 5.99
N VAL E 13 -16.69 28.92 6.32
CA VAL E 13 -17.13 27.97 5.34
C VAL E 13 -18.64 27.97 5.17
N SER E 14 -19.06 27.66 3.95
CA SER E 14 -20.47 27.63 3.59
C SER E 14 -21.08 26.30 3.94
N LEU E 15 -22.31 26.31 4.45
CA LEU E 15 -22.98 25.08 4.83
C LEU E 15 -22.79 24.01 3.76
N GLY E 16 -22.59 22.75 4.17
CA GLY E 16 -22.41 21.69 3.22
C GLY E 16 -20.99 21.46 2.71
N GLU E 17 -20.19 22.53 2.62
CA GLU E 17 -18.80 22.43 2.15
C GLU E 17 -17.97 21.45 2.97
N ARG E 18 -16.72 21.27 2.55
CA ARG E 18 -15.81 20.37 3.24
C ARG E 18 -14.65 21.17 3.82
N VAL E 19 -14.32 20.88 5.08
CA VAL E 19 -13.25 21.56 5.77
C VAL E 19 -12.12 20.65 6.25
N THR E 20 -10.91 21.19 6.16
CA THR E 20 -9.72 20.48 6.57
C THR E 20 -8.88 21.40 7.46
N LEU E 21 -8.75 21.02 8.74
CA LEU E 21 -7.97 21.78 9.71
C LEU E 21 -6.61 21.16 9.90
N ASN E 22 -5.58 21.98 9.94
CA ASN E 22 -4.23 21.46 10.16
C ASN E 22 -3.77 21.48 11.62
N CYS E 23 -2.79 20.64 11.90
CA CYS E 23 -2.20 20.55 13.22
C CYS E 23 -0.83 19.93 13.06
N LYS E 24 0.22 20.71 13.33
CA LYS E 24 1.55 20.17 13.19
C LYS E 24 2.32 20.26 14.49
N SER E 25 2.92 19.14 14.93
CA SER E 25 3.70 19.13 16.16
C SER E 25 5.21 19.26 15.90
N SER E 26 5.89 19.82 16.88
CA SER E 26 7.33 20.06 16.82
C SER E 26 8.17 18.79 16.92
N GLN E 27 7.50 17.68 17.21
CA GLN E 27 8.18 16.39 17.33
C GLN E 27 7.19 15.29 17.02
N SER E 28 7.68 14.21 16.43
CA SER E 28 6.80 13.11 16.11
C SER E 28 5.90 12.71 17.28
N LEU E 29 4.67 12.28 17.01
CA LEU E 29 3.83 11.80 18.08
C LEU E 29 3.61 10.33 17.74
N LEU E 30 4.49 9.78 16.91
CA LEU E 30 4.39 8.39 16.47
C LEU E 30 5.36 7.53 17.23
N TYR E 31 4.81 6.64 18.08
CA TYR E 31 5.64 5.75 18.90
C TYR E 31 6.11 4.55 18.09
N SER E 32 7.42 4.43 17.92
CA SER E 32 7.93 3.33 17.13
C SER E 32 7.45 2.01 17.70
N GLY E 33 7.41 1.94 19.02
CA GLY E 33 6.97 0.72 19.66
C GLY E 33 5.65 0.16 19.18
N ASN E 34 4.60 0.95 19.07
CA ASN E 34 3.31 0.39 18.66
C ASN E 34 2.75 1.06 17.44
N GLN E 35 3.59 1.89 16.84
CA GLN E 35 3.17 2.56 15.64
C GLN E 35 1.90 3.38 15.82
N LYS E 36 1.74 3.98 16.99
CA LYS E 36 0.57 4.79 17.28
C LYS E 36 0.91 6.27 17.35
N ASN E 37 -0.09 7.08 17.05
CA ASN E 37 0.08 8.51 17.06
C ASN E 37 -0.60 9.10 18.28
N TYR E 38 0.20 9.62 19.19
CA TYR E 38 -0.33 10.19 20.41
C TYR E 38 -0.91 11.59 20.26
N LEU E 39 -1.94 11.70 19.41
CA LEU E 39 -2.57 13.00 19.15
C LEU E 39 -4.07 12.90 19.22
N ALA E 40 -4.72 13.98 19.71
CA ALA E 40 -6.17 13.99 19.84
C ALA E 40 -6.80 15.32 19.42
N TRP E 41 -8.05 15.28 18.93
CA TRP E 41 -8.76 16.47 18.50
C TRP E 41 -9.91 16.80 19.44
N TYR E 42 -10.08 18.09 19.73
CA TYR E 42 -11.14 18.53 20.62
C TYR E 42 -12.00 19.59 19.96
N GLN E 43 -13.31 19.54 20.22
CA GLN E 43 -14.19 20.55 19.68
C GLN E 43 -14.73 21.27 20.88
N GLN E 44 -14.60 22.60 20.90
CA GLN E 44 -15.09 23.37 22.01
C GLN E 44 -15.91 24.54 21.57
N LYS E 45 -17.08 24.71 22.19
CA LYS E 45 -18.01 25.80 21.94
C LYS E 45 -17.95 26.75 23.12
N PRO E 46 -18.20 28.04 22.89
CA PRO E 46 -18.18 29.10 23.90
C PRO E 46 -18.56 28.66 25.31
N GLY E 47 -17.67 28.95 26.28
CA GLY E 47 -17.91 28.60 27.68
C GLY E 47 -18.49 27.21 27.83
N GLN E 48 -17.70 26.21 27.52
CA GLN E 48 -18.18 24.86 27.59
C GLN E 48 -17.00 23.91 27.63
N SER E 49 -17.15 22.84 28.40
CA SER E 49 -16.08 21.84 28.52
C SER E 49 -15.82 21.29 27.11
N PRO E 50 -14.54 21.31 26.64
CA PRO E 50 -14.25 20.80 25.30
C PRO E 50 -14.74 19.39 25.14
N LYS E 51 -14.87 18.97 23.90
CA LYS E 51 -15.34 17.63 23.60
C LYS E 51 -14.29 16.87 22.80
N LEU E 52 -13.95 15.67 23.26
CA LEU E 52 -12.98 14.88 22.54
C LEU E 52 -13.73 14.30 21.37
N LEU E 53 -13.19 14.52 20.18
CA LEU E 53 -13.78 14.02 18.94
C LEU E 53 -12.96 12.83 18.48
N ILE E 54 -11.69 13.08 18.13
CA ILE E 54 -10.78 12.04 17.67
C ILE E 54 -9.60 11.73 18.63
N TYR E 55 -9.25 10.46 18.75
CA TYR E 55 -8.15 10.08 19.62
C TYR E 55 -7.19 9.20 18.82
N TRP E 56 -5.96 9.10 19.29
CA TRP E 56 -4.98 8.30 18.57
C TRP E 56 -4.88 8.74 17.11
N ALA E 57 -4.91 10.06 16.90
CA ALA E 57 -4.82 10.62 15.55
C ALA E 57 -5.97 10.36 14.60
N SER E 58 -6.62 9.20 14.74
CA SER E 58 -7.68 8.85 13.82
C SER E 58 -8.80 7.96 14.33
N ALA E 59 -8.95 7.78 15.63
CA ALA E 59 -10.02 6.93 16.14
C ALA E 59 -11.17 7.79 16.61
N ARG E 60 -12.19 7.98 15.77
CA ARG E 60 -13.32 8.81 16.16
C ARG E 60 -14.04 8.24 17.38
N GLU E 61 -14.48 9.15 18.25
CA GLU E 61 -15.16 8.76 19.48
C GLU E 61 -16.58 8.28 19.29
N SER E 62 -17.00 7.43 20.22
CA SER E 62 -18.34 6.83 20.24
C SER E 62 -19.46 7.64 19.60
N GLY E 63 -19.69 8.85 20.07
CA GLY E 63 -20.80 9.63 19.53
C GLY E 63 -20.60 10.53 18.32
N VAL E 64 -19.36 10.92 18.04
CA VAL E 64 -19.09 11.79 16.92
C VAL E 64 -19.59 11.34 15.53
N PRO E 65 -20.26 12.25 14.84
CA PRO E 65 -20.79 11.99 13.50
C PRO E 65 -19.70 11.71 12.48
N ASP E 66 -20.04 10.91 11.48
CA ASP E 66 -19.08 10.50 10.46
C ASP E 66 -18.47 11.64 9.68
N ARG E 67 -19.16 12.77 9.59
CA ARG E 67 -18.59 13.86 8.82
C ARG E 67 -17.23 14.29 9.37
N PHE E 68 -16.86 13.71 10.51
CA PHE E 68 -15.62 14.00 11.22
C PHE E 68 -14.57 12.91 11.03
N SER E 69 -13.37 13.30 10.62
CA SER E 69 -12.31 12.33 10.46
C SER E 69 -10.93 12.88 10.67
N GLY E 70 -10.10 12.12 11.38
CA GLY E 70 -8.74 12.55 11.63
C GLY E 70 -7.74 11.65 10.93
N SER E 71 -6.65 12.23 10.46
CA SER E 71 -5.62 11.46 9.81
C SER E 71 -4.30 12.15 10.06
N GLY E 72 -3.23 11.58 9.52
CA GLY E 72 -1.93 12.17 9.72
C GLY E 72 -1.06 11.21 10.48
N SER E 73 0.22 11.51 10.54
CA SER E 73 1.13 10.66 11.25
C SER E 73 2.41 11.40 11.52
N GLY E 74 3.02 11.09 12.67
CA GLY E 74 4.27 11.72 13.01
C GLY E 74 4.23 13.18 13.43
N THR E 75 4.47 14.10 12.50
CA THR E 75 4.42 15.54 12.84
C THR E 75 3.27 16.32 12.21
N ASP E 76 2.57 15.74 11.26
CA ASP E 76 1.50 16.48 10.64
C ASP E 76 0.21 15.70 10.63
N PHE E 77 -0.82 16.32 11.18
CA PHE E 77 -2.15 15.72 11.27
C PHE E 77 -3.18 16.66 10.70
N THR E 78 -4.38 16.15 10.48
CA THR E 78 -5.45 16.99 10.00
C THR E 78 -6.81 16.41 10.40
N LEU E 79 -7.74 17.31 10.70
CA LEU E 79 -9.10 16.95 11.05
C LEU E 79 -9.86 17.45 9.83
N THR E 80 -10.80 16.65 9.36
CA THR E 80 -11.56 16.99 8.18
C THR E 80 -13.08 16.68 8.34
N ILE E 81 -13.91 17.70 8.13
CA ILE E 81 -15.36 17.55 8.19
C ILE E 81 -15.76 17.52 6.71
N SER E 82 -16.39 16.42 6.28
CA SER E 82 -16.79 16.24 4.87
C SER E 82 -17.84 17.21 4.35
N SER E 83 -18.85 17.49 5.19
CA SER E 83 -19.92 18.43 4.85
C SER E 83 -20.29 19.18 6.13
N VAL E 84 -19.74 20.38 6.33
CA VAL E 84 -20.04 21.14 7.55
C VAL E 84 -21.52 21.21 7.80
N GLN E 85 -21.88 21.53 9.04
CA GLN E 85 -23.26 21.67 9.46
C GLN E 85 -23.26 22.90 10.33
N ALA E 86 -24.41 23.52 10.53
CA ALA E 86 -24.42 24.70 11.37
C ALA E 86 -23.80 24.41 12.74
N GLU E 87 -24.18 23.28 13.35
CA GLU E 87 -23.69 22.90 14.68
C GLU E 87 -22.19 22.93 14.80
N ASP E 88 -21.51 22.44 13.77
CA ASP E 88 -20.06 22.35 13.74
C ASP E 88 -19.32 23.66 13.96
N VAL E 89 -20.06 24.78 14.06
CA VAL E 89 -19.40 26.06 14.29
C VAL E 89 -18.91 26.06 15.72
N ALA E 90 -17.58 26.03 15.85
CA ALA E 90 -16.96 25.97 17.16
C ALA E 90 -15.47 26.20 16.98
N VAL E 91 -14.70 25.83 17.99
CA VAL E 91 -13.27 25.95 17.92
C VAL E 91 -12.71 24.57 18.09
N TYR E 92 -11.81 24.21 17.18
CA TYR E 92 -11.20 22.91 17.19
C TYR E 92 -9.74 22.96 17.70
N TYR E 93 -9.40 22.04 18.58
CA TYR E 93 -8.08 21.94 19.18
C TYR E 93 -7.46 20.57 19.04
N CYS E 94 -6.16 20.57 18.79
CA CYS E 94 -5.44 19.32 18.72
C CYS E 94 -4.45 19.34 19.90
N GLN E 95 -4.22 18.19 20.52
CA GLN E 95 -3.31 18.12 21.66
C GLN E 95 -2.53 16.82 21.63
N GLN E 96 -1.24 16.88 22.00
CA GLN E 96 -0.38 15.68 22.06
C GLN E 96 -0.24 15.10 23.48
N TYR E 97 -0.38 13.80 23.62
CA TYR E 97 -0.23 13.22 24.93
C TYR E 97 0.89 12.19 24.88
N TYR E 98 1.86 12.51 24.04
CA TYR E 98 3.02 11.67 23.81
C TYR E 98 3.91 11.72 25.04
N SER E 99 4.08 12.94 25.52
CA SER E 99 4.91 13.15 26.67
C SER E 99 4.44 14.42 27.35
N TYR E 100 4.76 14.57 28.63
CA TYR E 100 4.37 15.77 29.37
C TYR E 100 5.42 16.92 29.21
N PRO E 101 4.97 18.16 29.33
CA PRO E 101 3.59 18.53 29.61
C PRO E 101 2.64 18.25 28.46
N LEU E 102 1.37 17.93 28.74
CA LEU E 102 0.44 17.73 27.63
C LEU E 102 0.36 19.07 26.97
N THR E 103 0.35 19.09 25.63
CA THR E 103 0.30 20.35 24.89
C THR E 103 -0.75 20.52 23.82
N PHE E 104 -1.46 21.66 23.87
CA PHE E 104 -2.52 21.98 22.91
C PHE E 104 -2.09 23.01 21.84
N GLY E 105 -2.81 23.00 20.72
CA GLY E 105 -2.52 23.93 19.64
C GLY E 105 -3.31 25.19 19.94
N ALA E 106 -3.00 26.32 19.30
CA ALA E 106 -3.75 27.53 19.60
C ALA E 106 -5.18 27.46 19.04
N GLY E 107 -5.51 26.36 18.36
CA GLY E 107 -6.85 26.15 17.83
C GLY E 107 -7.31 26.92 16.61
N THR E 108 -8.23 26.32 15.85
CA THR E 108 -8.80 26.93 14.66
C THR E 108 -10.23 27.25 15.01
N LYS E 109 -10.71 28.41 14.54
CA LYS E 109 -12.08 28.89 14.79
C LYS E 109 -12.93 28.74 13.53
N LEU E 110 -13.94 27.89 13.59
CA LEU E 110 -14.81 27.63 12.46
C LEU E 110 -16.06 28.49 12.44
N GLU E 111 -16.17 29.30 11.40
CA GLU E 111 -17.32 30.19 11.22
C GLU E 111 -18.07 29.77 9.95
N LEU E 112 -19.39 29.72 10.05
CA LEU E 112 -20.28 29.33 8.94
C LEU E 112 -20.77 30.56 8.13
N LYS E 113 -20.78 30.45 6.79
CA LYS E 113 -21.24 31.51 5.86
C LYS E 113 -22.70 31.24 5.53
N ARG E 114 -23.53 32.27 5.61
CA ARG E 114 -24.95 32.09 5.42
C ARG E 114 -25.63 32.88 4.33
N THR E 115 -25.31 34.16 4.28
CA THR E 115 -25.91 35.10 3.33
C THR E 115 -26.16 36.32 4.14
N VAL E 116 -25.84 37.47 3.58
CA VAL E 116 -26.03 38.71 4.30
C VAL E 116 -27.42 38.77 4.92
N ALA E 117 -27.45 39.07 6.21
CA ALA E 117 -28.70 39.21 6.93
C ALA E 117 -28.51 40.55 7.61
N ALA E 118 -29.54 41.39 7.56
CA ALA E 118 -29.47 42.72 8.16
C ALA E 118 -29.97 42.64 9.59
N PRO E 119 -29.43 43.50 10.45
CA PRO E 119 -29.90 43.44 11.83
C PRO E 119 -31.37 43.84 11.88
N SER E 120 -31.99 43.67 13.03
CA SER E 120 -33.35 44.12 13.22
C SER E 120 -32.98 45.00 14.42
N VAL E 121 -33.42 46.24 14.43
CA VAL E 121 -33.06 47.17 15.48
C VAL E 121 -34.12 47.50 16.55
N PHE E 122 -33.66 47.70 17.78
CA PHE E 122 -34.54 48.05 18.88
C PHE E 122 -33.77 49.03 19.75
N ILE E 123 -34.51 49.75 20.58
CA ILE E 123 -33.90 50.68 21.51
C ILE E 123 -34.76 50.61 22.78
N PHE E 124 -34.11 50.67 23.92
CA PHE E 124 -34.80 50.62 25.21
C PHE E 124 -34.25 51.76 26.07
N PRO E 125 -35.16 52.51 26.72
CA PRO E 125 -34.79 53.63 27.58
C PRO E 125 -34.61 53.17 29.04
N PRO E 126 -33.79 53.87 29.83
CA PRO E 126 -33.58 53.45 31.22
C PRO E 126 -34.88 53.30 31.98
N SER E 127 -34.99 52.22 32.76
CA SER E 127 -36.20 51.97 33.54
C SER E 127 -36.24 53.02 34.64
N ASP E 128 -37.44 53.27 35.15
CA ASP E 128 -37.58 54.27 36.21
C ASP E 128 -36.83 53.77 37.45
N GLU E 129 -36.95 52.47 37.70
CA GLU E 129 -36.30 51.84 38.84
C GLU E 129 -34.82 52.17 38.81
N GLN E 130 -34.21 52.02 37.64
CA GLN E 130 -32.79 52.31 37.52
C GLN E 130 -32.55 53.79 37.72
N LEU E 131 -33.44 54.62 37.21
CA LEU E 131 -33.25 56.04 37.36
C LEU E 131 -33.24 56.44 38.84
N LYS E 132 -34.00 55.71 39.65
CA LYS E 132 -34.07 55.99 41.08
C LYS E 132 -32.65 55.93 41.60
N SER E 133 -31.92 54.91 41.14
CA SER E 133 -30.55 54.66 41.53
C SER E 133 -29.60 55.84 41.28
N GLY E 134 -29.91 56.65 40.28
CA GLY E 134 -29.06 57.78 39.97
C GLY E 134 -28.19 57.52 38.76
N THR E 135 -28.62 56.58 37.94
CA THR E 135 -27.89 56.19 36.77
C THR E 135 -28.85 55.93 35.63
N ALA E 136 -28.38 56.19 34.42
CA ALA E 136 -29.17 55.98 33.23
C ALA E 136 -28.35 55.22 32.20
N SER E 137 -28.90 54.08 31.76
CA SER E 137 -28.25 53.25 30.76
C SER E 137 -29.25 52.90 29.63
N VAL E 138 -28.94 53.37 28.42
CA VAL E 138 -29.80 53.09 27.28
C VAL E 138 -29.27 51.93 26.47
N VAL E 139 -30.16 50.99 26.22
CA VAL E 139 -29.87 49.77 25.50
C VAL E 139 -30.27 49.88 24.02
N CYS E 140 -29.43 49.36 23.13
CA CYS E 140 -29.72 49.32 21.70
C CYS E 140 -29.40 47.89 21.24
N LEU E 141 -30.39 47.21 20.69
CA LEU E 141 -30.22 45.84 20.25
C LEU E 141 -30.24 45.59 18.74
N LEU E 142 -29.17 45.00 18.18
CA LEU E 142 -29.12 44.68 16.76
C LEU E 142 -29.26 43.18 16.73
N ASN E 143 -30.45 42.71 16.41
CA ASN E 143 -30.74 41.29 16.44
C ASN E 143 -30.61 40.45 15.16
N ASN E 144 -29.83 39.37 15.24
CA ASN E 144 -29.64 38.42 14.14
C ASN E 144 -29.15 38.95 12.80
N PHE E 145 -27.91 39.38 12.73
CA PHE E 145 -27.36 39.89 11.48
C PHE E 145 -26.26 38.98 10.99
N TYR E 146 -25.74 39.22 9.77
CA TYR E 146 -24.68 38.36 9.31
C TYR E 146 -23.25 38.80 9.30
N PRO E 147 -22.70 39.38 8.23
CA PRO E 147 -21.31 39.66 8.63
C PRO E 147 -21.23 40.28 10.06
N ARG E 148 -20.36 39.77 10.91
CA ARG E 148 -20.26 40.25 12.28
C ARG E 148 -19.94 41.73 12.38
N GLU E 149 -19.39 42.31 11.32
CA GLU E 149 -19.04 43.71 11.34
C GLU E 149 -20.27 44.63 11.24
N ALA E 150 -20.52 45.36 12.32
CA ALA E 150 -21.66 46.26 12.39
C ALA E 150 -21.26 47.45 13.26
N LYS E 151 -21.85 48.61 13.05
CA LYS E 151 -21.51 49.79 13.84
C LYS E 151 -22.71 50.50 14.45
N VAL E 152 -22.59 50.88 15.72
CA VAL E 152 -23.64 51.60 16.40
C VAL E 152 -23.10 52.97 16.79
N GLN E 153 -23.89 54.00 16.52
CA GLN E 153 -23.53 55.39 16.84
C GLN E 153 -24.57 55.91 17.81
N TRP E 154 -24.16 56.69 18.79
CA TRP E 154 -25.13 57.22 19.72
C TRP E 154 -25.25 58.71 19.54
N LYS E 155 -26.49 59.21 19.58
CA LYS E 155 -26.73 60.63 19.48
C LYS E 155 -27.79 61.10 20.47
N VAL E 156 -27.37 62.01 21.33
CA VAL E 156 -28.21 62.61 22.35
C VAL E 156 -28.49 64.05 21.89
N ASP E 157 -29.76 64.35 21.66
CA ASP E 157 -30.13 65.68 21.17
C ASP E 157 -29.26 65.90 19.93
N ASN E 158 -29.38 64.96 18.98
CA ASN E 158 -28.63 64.95 17.73
C ASN E 158 -27.15 65.32 17.88
N ALA E 159 -26.56 64.90 19.00
CA ALA E 159 -25.14 65.15 19.28
C ALA E 159 -24.41 63.81 19.31
N LEU E 160 -23.24 63.76 18.70
CA LEU E 160 -22.49 62.51 18.67
C LEU E 160 -21.94 62.14 20.04
N GLN E 161 -22.19 60.89 20.46
CA GLN E 161 -21.70 60.40 21.74
C GLN E 161 -20.42 59.59 21.57
N SER E 162 -19.43 59.84 22.41
CA SER E 162 -18.17 59.12 22.31
C SER E 162 -17.62 58.59 23.61
N GLY E 163 -17.04 57.40 23.53
CA GLY E 163 -16.43 56.76 24.69
C GLY E 163 -17.24 56.52 25.94
N ASN E 164 -18.56 56.42 25.82
CA ASN E 164 -19.39 56.16 27.00
C ASN E 164 -20.42 55.07 26.69
N SER E 165 -20.12 54.25 25.69
CA SER E 165 -21.00 53.15 25.30
C SER E 165 -20.19 51.86 25.29
N GLN E 166 -20.88 50.73 25.37
CA GLN E 166 -20.19 49.44 25.37
C GLN E 166 -21.06 48.36 24.71
N GLU E 167 -20.46 47.60 23.79
CA GLU E 167 -21.19 46.52 23.13
C GLU E 167 -20.67 45.14 23.44
N SER E 168 -21.56 44.16 23.32
CA SER E 168 -21.22 42.78 23.54
C SER E 168 -21.90 42.08 22.39
N VAL E 169 -21.23 41.09 21.80
CA VAL E 169 -21.78 40.32 20.69
C VAL E 169 -21.90 38.85 21.06
N THR E 170 -22.93 38.20 20.55
CA THR E 170 -23.12 36.81 20.87
C THR E 170 -22.28 35.87 20.04
N GLU E 171 -22.31 34.60 20.38
CA GLU E 171 -21.60 33.61 19.60
C GLU E 171 -22.53 33.41 18.39
N GLN E 172 -21.96 33.11 17.23
CA GLN E 172 -22.76 32.86 16.03
C GLN E 172 -23.78 31.82 16.41
N ASP E 173 -25.05 32.08 16.12
CA ASP E 173 -26.08 31.14 16.47
C ASP E 173 -25.80 29.74 15.97
N SER E 174 -26.34 28.76 16.68
CA SER E 174 -26.17 27.38 16.31
C SER E 174 -27.13 26.93 15.20
N LYS E 175 -28.18 27.71 14.93
CA LYS E 175 -29.18 27.34 13.92
C LYS E 175 -29.28 28.20 12.66
N ASP E 176 -29.35 29.52 12.85
CA ASP E 176 -29.44 30.46 11.72
C ASP E 176 -28.09 31.18 11.48
N SER E 177 -27.07 30.74 12.21
CA SER E 177 -25.73 31.29 12.07
C SER E 177 -25.63 32.82 12.10
N THR E 178 -26.41 33.47 12.93
CA THR E 178 -26.36 34.94 13.01
C THR E 178 -25.83 35.49 14.33
N TYR E 179 -25.38 36.73 14.30
CA TYR E 179 -24.88 37.39 15.48
C TYR E 179 -25.99 38.30 16.05
N SER E 180 -25.70 38.94 17.17
CA SER E 180 -26.63 39.85 17.81
C SER E 180 -25.66 40.71 18.56
N LEU E 181 -26.00 41.99 18.73
CA LEU E 181 -25.12 42.94 19.39
C LEU E 181 -25.89 43.91 20.25
N SER E 182 -25.35 44.21 21.41
CA SER E 182 -26.02 45.15 22.26
C SER E 182 -25.05 46.26 22.67
N SER E 183 -25.43 47.48 22.36
CA SER E 183 -24.61 48.62 22.71
C SER E 183 -25.33 49.39 23.79
N THR E 184 -24.68 49.56 24.92
CA THR E 184 -25.29 50.29 26.01
C THR E 184 -24.64 51.64 26.27
N LEU E 185 -25.48 52.67 26.29
CA LEU E 185 -25.02 54.02 26.54
C LEU E 185 -25.35 54.34 27.99
N THR E 186 -24.29 54.57 28.78
CA THR E 186 -24.45 54.87 30.19
C THR E 186 -24.03 56.31 30.50
N LEU E 187 -24.91 56.98 31.23
CA LEU E 187 -24.70 58.35 31.63
C LEU E 187 -25.49 58.56 32.92
N SER E 188 -25.07 59.55 33.72
CA SER E 188 -25.70 59.83 35.01
C SER E 188 -27.12 60.38 34.92
N LYS E 189 -27.99 59.91 35.84
CA LYS E 189 -29.39 60.32 35.86
C LYS E 189 -29.54 61.82 35.67
N ALA E 190 -28.51 62.55 36.05
CA ALA E 190 -28.53 63.98 35.90
C ALA E 190 -28.33 64.32 34.43
N ASP E 191 -27.23 63.87 33.85
CA ASP E 191 -26.95 64.19 32.45
C ASP E 191 -27.98 63.59 31.52
N TYR E 192 -28.70 62.60 32.00
CA TYR E 192 -29.74 61.96 31.22
C TYR E 192 -30.95 62.87 31.09
N GLU E 193 -31.38 63.44 32.21
CA GLU E 193 -32.54 64.33 32.25
C GLU E 193 -32.23 65.70 31.64
N LYS E 194 -30.94 66.04 31.59
CA LYS E 194 -30.49 67.32 31.05
C LYS E 194 -30.58 67.40 29.52
N HIS E 195 -30.77 66.26 28.84
CA HIS E 195 -30.88 66.23 27.38
C HIS E 195 -32.22 65.56 27.01
N LYS E 196 -32.64 65.58 25.73
CA LYS E 196 -33.94 64.98 25.39
C LYS E 196 -34.14 64.02 24.19
N VAL E 197 -33.27 64.10 23.18
CA VAL E 197 -33.30 63.22 21.98
C VAL E 197 -32.30 62.05 22.11
N TYR E 198 -32.80 60.81 22.22
CA TYR E 198 -31.91 59.66 22.35
C TYR E 198 -31.92 58.66 21.19
N ALA E 199 -30.99 58.89 20.25
CA ALA E 199 -30.91 58.09 19.03
C ALA E 199 -29.78 57.10 18.88
N CYS E 200 -30.14 55.94 18.34
CA CYS E 200 -29.23 54.83 18.08
C CYS E 200 -29.13 54.66 16.56
N GLU E 201 -27.93 54.71 15.99
CA GLU E 201 -27.77 54.61 14.52
C GLU E 201 -26.98 53.38 14.04
N VAL E 202 -27.70 52.35 13.62
CA VAL E 202 -27.10 51.11 13.13
C VAL E 202 -26.57 51.18 11.71
N THR E 203 -25.38 50.63 11.52
CA THR E 203 -24.73 50.67 10.22
C THR E 203 -24.24 49.28 9.84
N HIS E 204 -25.05 48.47 9.17
CA HIS E 204 -24.62 47.13 8.76
C HIS E 204 -24.47 47.05 7.25
N GLN E 205 -24.05 45.88 6.76
CA GLN E 205 -23.87 45.62 5.35
C GLN E 205 -25.22 45.31 4.66
N GLY E 206 -26.06 44.54 5.32
CA GLY E 206 -27.35 44.19 4.76
C GLY E 206 -28.34 45.34 4.76
N LEU E 207 -27.91 46.50 5.24
CA LEU E 207 -28.74 47.70 5.28
C LEU E 207 -28.31 48.59 4.13
N SER E 208 -29.25 48.96 3.27
CA SER E 208 -28.92 49.80 2.13
C SER E 208 -28.54 51.18 2.60
N SER E 209 -29.08 51.55 3.77
CA SER E 209 -28.83 52.85 4.39
C SER E 209 -28.84 52.74 5.92
N PRO E 210 -28.10 53.62 6.60
CA PRO E 210 -28.03 53.64 8.05
C PRO E 210 -29.39 53.68 8.71
N VAL E 211 -29.67 52.72 9.60
CA VAL E 211 -30.94 52.69 10.30
C VAL E 211 -30.83 53.40 11.64
N THR E 212 -31.91 54.03 12.07
CA THR E 212 -31.94 54.71 13.36
C THR E 212 -33.26 54.50 14.08
N LYS E 213 -33.17 54.00 15.32
CA LYS E 213 -34.33 53.78 16.19
C LYS E 213 -34.06 54.73 17.35
N SER E 214 -35.10 55.38 17.85
CA SER E 214 -34.88 56.32 18.95
C SER E 214 -36.12 56.65 19.78
N PHE E 215 -35.90 57.48 20.80
CA PHE E 215 -36.94 57.93 21.71
C PHE E 215 -36.61 59.33 22.25
N ASN E 216 -37.58 59.92 22.94
CA ASN E 216 -37.41 61.24 23.54
C ASN E 216 -37.71 61.13 25.03
N ARG E 217 -36.90 61.79 25.84
CA ARG E 217 -37.07 61.74 27.30
C ARG E 217 -38.53 62.05 27.65
N GLY E 218 -39.39 61.03 27.70
CA GLY E 218 -40.78 61.29 28.03
C GLY E 218 -41.78 60.14 28.00
N GLU E 219 -42.89 60.35 27.28
CA GLU E 219 -43.97 59.37 27.18
C GLU E 219 -43.56 57.98 26.69
N CYS E 220 -44.29 56.98 27.17
CA CYS E 220 -44.05 55.56 26.87
C CYS E 220 -44.94 54.93 25.78
N GLN F 1 -23.74 8.61 32.79
CA GLN F 1 -23.65 8.39 34.27
C GLN F 1 -22.36 8.95 34.80
N VAL F 2 -21.32 8.94 33.97
CA VAL F 2 -20.04 9.45 34.41
C VAL F 2 -20.11 10.96 34.49
N GLN F 3 -19.70 11.52 35.63
CA GLN F 3 -19.78 12.96 35.81
C GLN F 3 -18.72 13.59 36.69
N LEU F 4 -18.24 14.76 36.25
CA LEU F 4 -17.26 15.52 37.01
C LEU F 4 -17.93 16.84 37.29
N VAL F 5 -18.14 17.12 38.58
CA VAL F 5 -18.81 18.35 39.00
C VAL F 5 -17.90 19.22 39.85
N GLN F 6 -17.40 20.28 39.25
CA GLN F 6 -16.46 21.15 39.96
C GLN F 6 -17.16 22.09 40.91
N SER F 7 -16.35 22.79 41.70
CA SER F 7 -16.85 23.73 42.68
C SER F 7 -17.28 25.02 42.00
N GLY F 8 -17.85 25.91 42.78
CA GLY F 8 -18.30 27.18 42.24
C GLY F 8 -17.20 28.17 41.90
N ALA F 9 -17.57 29.17 41.12
CA ALA F 9 -16.64 30.21 40.71
C ALA F 9 -16.43 31.10 41.90
N GLU F 10 -15.32 31.82 41.96
CA GLU F 10 -15.13 32.76 43.06
C GLU F 10 -13.97 33.71 42.95
N VAL F 11 -14.09 34.83 43.63
CA VAL F 11 -13.03 35.81 43.61
C VAL F 11 -12.01 35.39 44.63
N VAL F 12 -10.82 35.91 44.47
CA VAL F 12 -9.76 35.62 45.40
C VAL F 12 -8.88 36.83 45.50
N LYS F 13 -8.60 37.21 46.74
CA LYS F 13 -7.77 38.35 46.93
C LYS F 13 -6.42 38.02 46.33
N PRO F 14 -5.69 39.02 45.82
CA PRO F 14 -4.37 38.83 45.24
C PRO F 14 -3.53 38.36 46.39
N GLY F 15 -2.62 37.41 46.16
CA GLY F 15 -1.78 36.88 47.25
C GLY F 15 -2.40 35.71 48.01
N ALA F 16 -3.72 35.63 47.97
CA ALA F 16 -4.48 34.60 48.64
C ALA F 16 -4.36 33.27 47.89
N SER F 17 -5.10 32.28 48.37
CA SER F 17 -5.10 30.95 47.77
C SER F 17 -6.54 30.47 47.65
N VAL F 18 -6.79 29.52 46.74
CA VAL F 18 -8.15 29.00 46.56
C VAL F 18 -8.02 27.52 46.41
N LYS F 19 -9.10 26.81 46.62
CA LYS F 19 -9.02 25.36 46.47
C LYS F 19 -10.21 24.72 45.77
N ILE F 20 -10.12 24.62 44.44
CA ILE F 20 -11.18 24.02 43.63
C ILE F 20 -11.45 22.52 43.89
N SER F 21 -12.64 22.08 43.54
CA SER F 21 -13.00 20.67 43.74
C SER F 21 -13.55 20.01 42.47
N CYS F 22 -13.36 18.70 42.34
CA CYS F 22 -13.88 17.95 41.20
C CYS F 22 -14.49 16.70 41.79
N LYS F 23 -15.81 16.62 41.77
CA LYS F 23 -16.47 15.46 42.35
C LYS F 23 -16.87 14.40 41.33
N ALA F 24 -16.10 13.31 41.29
CA ALA F 24 -16.39 12.26 40.33
C ALA F 24 -17.55 11.37 40.73
N SER F 25 -18.23 10.85 39.73
CA SER F 25 -19.34 9.95 39.98
C SER F 25 -19.66 9.20 38.71
N GLY F 26 -20.01 7.92 38.84
CA GLY F 26 -20.35 7.12 37.68
C GLY F 26 -19.25 6.15 37.28
N TYR F 27 -18.21 6.03 38.09
CA TYR F 27 -17.11 5.12 37.82
C TYR F 27 -16.31 4.96 39.09
N THR F 28 -15.32 4.08 39.09
CA THR F 28 -14.50 3.88 40.29
C THR F 28 -13.40 4.92 40.37
N PHE F 29 -13.62 5.95 41.18
CA PHE F 29 -12.69 7.07 41.33
C PHE F 29 -11.20 6.77 41.19
N THR F 30 -10.78 5.61 41.69
CA THR F 30 -9.39 5.22 41.64
C THR F 30 -8.92 4.65 40.31
N ASP F 31 -9.81 4.52 39.35
CA ASP F 31 -9.42 3.95 38.07
C ASP F 31 -8.61 4.89 37.19
N HIS F 32 -8.97 6.16 37.18
CA HIS F 32 -8.27 7.16 36.35
C HIS F 32 -7.77 8.33 37.16
N ALA F 33 -6.70 8.96 36.70
CA ALA F 33 -6.16 10.11 37.39
C ALA F 33 -6.83 11.37 36.90
N ILE F 34 -7.01 12.34 37.77
CA ILE F 34 -7.66 13.57 37.33
C ILE F 34 -6.56 14.50 36.83
N HIS F 35 -6.88 15.24 35.77
CA HIS F 35 -5.92 16.18 35.21
C HIS F 35 -6.57 17.53 35.30
N TRP F 36 -5.79 18.56 35.55
CA TRP F 36 -6.34 19.89 35.62
C TRP F 36 -5.78 20.67 34.45
N VAL F 37 -6.66 21.45 33.81
CA VAL F 37 -6.32 22.29 32.67
C VAL F 37 -6.80 23.71 32.92
N LYS F 38 -5.89 24.67 32.82
CA LYS F 38 -6.27 26.07 33.00
C LYS F 38 -6.68 26.51 31.62
N GLN F 39 -7.44 27.60 31.52
CA GLN F 39 -7.83 28.17 30.21
C GLN F 39 -8.07 29.67 30.33
N ASN F 40 -7.13 30.46 29.85
CA ASN F 40 -7.29 31.90 29.89
C ASN F 40 -8.29 32.27 28.81
N PRO F 41 -8.31 33.54 28.36
CA PRO F 41 -9.27 33.95 27.33
C PRO F 41 -9.13 33.35 25.92
N GLY F 42 -8.64 34.15 24.99
CA GLY F 42 -8.49 33.69 23.61
C GLY F 42 -7.37 32.66 23.50
N GLN F 43 -6.64 32.51 24.60
CA GLN F 43 -5.51 31.57 24.66
C GLN F 43 -5.92 30.08 24.76
N ARG F 44 -5.01 29.22 24.27
CA ARG F 44 -5.23 27.79 24.27
C ARG F 44 -5.41 27.25 25.65
N LEU F 45 -5.21 25.96 25.79
CA LEU F 45 -5.37 25.39 27.08
C LEU F 45 -4.02 24.97 27.60
N GLU F 46 -3.73 25.26 28.87
CA GLU F 46 -2.49 24.86 29.49
C GLU F 46 -2.83 23.68 30.42
N TRP F 47 -1.98 22.66 30.37
CA TRP F 47 -2.16 21.47 31.18
C TRP F 47 -1.42 21.74 32.48
N ILE F 48 -2.12 21.62 33.62
CA ILE F 48 -1.57 21.86 34.96
C ILE F 48 -0.78 20.66 35.49
N GLY F 49 -1.44 19.50 35.49
CA GLY F 49 -0.82 18.29 35.98
C GLY F 49 -1.93 17.31 36.28
N TYR F 50 -1.59 16.18 36.87
CA TYR F 50 -2.63 15.24 37.21
C TYR F 50 -2.28 14.61 38.55
N PHE F 51 -3.27 13.95 39.11
CA PHE F 51 -3.07 13.29 40.36
C PHE F 51 -3.85 12.02 40.23
N SER F 52 -3.21 10.92 40.61
CA SER F 52 -3.84 9.61 40.51
C SER F 52 -4.43 9.09 41.79
N PRO F 53 -5.73 9.24 41.98
CA PRO F 53 -6.31 8.72 43.22
C PRO F 53 -6.19 7.19 43.15
N GLY F 54 -5.61 6.58 44.17
CA GLY F 54 -5.43 5.15 44.14
C GLY F 54 -4.01 4.87 44.57
N ASN F 55 -3.05 5.19 43.70
CA ASN F 55 -1.64 5.00 44.02
C ASN F 55 -1.03 6.31 44.52
N ASP F 56 -1.82 7.38 44.52
CA ASP F 56 -1.38 8.69 44.97
C ASP F 56 -0.18 9.24 44.22
N ASP F 57 0.04 8.73 43.01
CA ASP F 57 1.12 9.21 42.17
C ASP F 57 0.61 10.49 41.53
N PHE F 58 1.51 11.41 41.25
CA PHE F 58 1.15 12.70 40.64
C PHE F 58 2.27 13.26 39.77
N LYS F 59 1.87 14.05 38.78
CA LYS F 59 2.78 14.70 37.85
C LYS F 59 2.36 16.15 37.56
N TYR F 60 3.34 17.05 37.69
CA TYR F 60 3.09 18.48 37.45
C TYR F 60 3.64 18.92 36.16
N ASN F 61 3.18 20.08 35.72
CA ASN F 61 3.68 20.75 34.50
C ASN F 61 4.69 21.67 35.20
N GLU F 62 5.95 21.72 34.78
CA GLU F 62 6.87 22.62 35.53
C GLU F 62 6.39 24.06 35.66
N ARG F 63 5.63 24.56 34.70
CA ARG F 63 5.11 25.92 34.77
C ARG F 63 4.24 26.10 36.02
N PHE F 64 3.46 25.09 36.38
CA PHE F 64 2.58 25.21 37.54
C PHE F 64 3.11 24.59 38.82
N LYS F 65 4.33 24.07 38.75
CA LYS F 65 4.93 23.52 39.94
C LYS F 65 5.05 24.79 40.78
N GLY F 66 4.73 24.66 42.05
CA GLY F 66 4.81 25.82 42.92
C GLY F 66 3.47 26.54 43.06
N LYS F 67 2.78 26.76 41.95
CA LYS F 67 1.53 27.47 41.96
C LYS F 67 0.34 26.58 42.29
N ALA F 68 0.43 25.30 41.94
CA ALA F 68 -0.67 24.40 42.21
C ALA F 68 -0.26 23.21 43.08
N THR F 69 -1.26 22.62 43.72
CA THR F 69 -1.04 21.47 44.56
C THR F 69 -2.20 20.48 44.48
N LEU F 70 -2.03 19.46 43.65
CA LEU F 70 -3.04 18.45 43.43
C LEU F 70 -3.17 17.51 44.60
N THR F 71 -4.40 17.08 44.86
CA THR F 71 -4.69 16.16 45.95
C THR F 71 -6.01 15.53 45.67
N ALA F 72 -6.33 14.50 46.43
CA ALA F 72 -7.62 13.82 46.22
C ALA F 72 -8.09 13.06 47.45
N ASP F 73 -9.39 12.94 47.61
CA ASP F 73 -9.89 12.22 48.76
C ASP F 73 -10.73 11.10 48.26
N THR F 74 -10.12 9.94 48.14
CA THR F 74 -10.83 8.79 47.65
C THR F 74 -12.15 8.48 48.34
N SER F 75 -12.21 8.58 49.67
CA SER F 75 -13.45 8.29 50.37
C SER F 75 -14.52 9.21 49.79
N ALA F 76 -14.17 10.49 49.61
CA ALA F 76 -15.09 11.48 49.05
C ALA F 76 -15.29 11.31 47.54
N SER F 77 -14.31 10.72 46.86
CA SER F 77 -14.41 10.53 45.42
C SER F 77 -14.28 11.94 44.80
N THR F 78 -13.34 12.71 45.35
CA THR F 78 -13.11 14.07 44.90
C THR F 78 -11.64 14.40 44.70
N ALA F 79 -11.37 15.20 43.68
CA ALA F 79 -9.99 15.60 43.38
C ALA F 79 -9.88 17.09 43.60
N TYR F 80 -8.73 17.55 44.05
CA TYR F 80 -8.58 18.99 44.28
C TYR F 80 -7.31 19.55 43.68
N VAL F 81 -7.34 20.85 43.44
CA VAL F 81 -6.20 21.59 42.97
C VAL F 81 -6.27 22.83 43.82
N GLU F 82 -5.18 23.18 44.48
CA GLU F 82 -5.18 24.34 45.33
C GLU F 82 -4.15 25.32 44.80
N LEU F 83 -4.61 26.47 44.33
CA LEU F 83 -3.74 27.50 43.78
C LEU F 83 -3.23 28.46 44.84
N SER F 84 -1.93 28.72 44.85
CA SER F 84 -1.33 29.60 45.85
C SER F 84 -0.98 30.98 45.37
N SER F 85 -0.99 31.92 46.30
CA SER F 85 -0.64 33.33 46.06
C SER F 85 -0.98 33.79 44.66
N LEU F 86 -2.28 33.84 44.37
CA LEU F 86 -2.72 34.21 43.05
C LEU F 86 -2.36 35.63 42.63
N ARG F 87 -2.44 35.85 41.33
CA ARG F 87 -2.13 37.15 40.69
C ARG F 87 -3.26 37.33 39.67
N SER F 88 -3.20 38.42 38.92
CA SER F 88 -4.19 38.65 37.86
C SER F 88 -4.05 37.53 36.82
N GLU F 89 -2.80 37.28 36.42
CA GLU F 89 -2.50 36.25 35.47
C GLU F 89 -3.27 34.96 35.74
N ASP F 90 -3.48 34.62 37.00
CA ASP F 90 -4.17 33.37 37.29
C ASP F 90 -5.69 33.41 37.07
N THR F 91 -6.23 34.59 36.80
CA THR F 91 -7.67 34.71 36.55
C THR F 91 -7.89 33.87 35.30
N ALA F 92 -8.71 32.84 35.42
CA ALA F 92 -8.93 31.99 34.27
C ALA F 92 -9.88 30.87 34.66
N VAL F 93 -10.24 30.00 33.72
CA VAL F 93 -11.14 28.88 34.01
C VAL F 93 -10.33 27.62 34.20
N TYR F 94 -10.44 27.07 35.40
CA TYR F 94 -9.72 25.86 35.69
C TYR F 94 -10.72 24.66 35.50
N PHE F 95 -10.36 23.74 34.62
CA PHE F 95 -11.15 22.56 34.29
C PHE F 95 -10.51 21.29 34.84
N CYS F 96 -11.34 20.37 35.31
CA CYS F 96 -10.79 19.10 35.76
C CYS F 96 -11.21 18.18 34.63
N THR F 97 -10.54 17.04 34.52
CA THR F 97 -10.86 16.05 33.49
C THR F 97 -10.22 14.70 33.83
N ARG F 98 -10.81 13.63 33.31
CA ARG F 98 -10.36 12.27 33.64
C ARG F 98 -9.62 11.43 32.62
N SER F 99 -8.44 10.94 33.03
CA SER F 99 -7.53 10.11 32.26
C SER F 99 -6.78 10.86 31.14
N LEU F 100 -5.82 10.20 30.48
CA LEU F 100 -5.06 10.85 29.41
C LEU F 100 -5.87 10.94 28.10
N ASN F 101 -6.99 10.22 28.12
CA ASN F 101 -7.94 10.18 27.03
C ASN F 101 -9.00 11.03 27.67
N MET F 102 -8.88 12.34 27.49
CA MET F 102 -9.79 13.28 28.12
C MET F 102 -11.23 13.33 27.64
N ALA F 103 -11.87 12.17 27.62
CA ALA F 103 -13.23 12.05 27.16
C ALA F 103 -14.15 12.88 28.01
N TYR F 104 -14.03 12.75 29.34
CA TYR F 104 -14.89 13.47 30.28
C TYR F 104 -14.31 14.72 30.91
N TRP F 105 -15.09 15.77 30.95
CA TRP F 105 -14.59 16.98 31.58
C TRP F 105 -15.47 17.49 32.72
N GLY F 106 -14.96 18.51 33.41
CA GLY F 106 -15.72 19.14 34.47
C GLY F 106 -16.42 20.29 33.75
N GLN F 107 -17.14 21.10 34.50
CA GLN F 107 -17.83 22.21 33.88
C GLN F 107 -16.93 23.43 33.93
N GLY F 108 -15.85 23.33 34.69
CA GLY F 108 -14.93 24.45 34.83
C GLY F 108 -15.27 25.33 36.03
N THR F 109 -14.27 26.01 36.59
CA THR F 109 -14.53 26.88 37.72
C THR F 109 -13.80 28.18 37.41
N LEU F 110 -14.55 29.28 37.34
CA LEU F 110 -13.91 30.53 37.02
C LEU F 110 -13.30 31.23 38.23
N VAL F 111 -11.99 31.21 38.30
CA VAL F 111 -11.36 31.89 39.40
C VAL F 111 -10.96 33.31 39.01
N THR F 112 -11.57 34.26 39.70
CA THR F 112 -11.29 35.67 39.46
C THR F 112 -10.40 36.19 40.57
N VAL F 113 -9.24 36.71 40.22
CA VAL F 113 -8.34 37.24 41.22
C VAL F 113 -8.47 38.75 41.34
N SER F 114 -9.24 39.19 42.33
CA SER F 114 -9.49 40.62 42.52
C SER F 114 -9.44 41.14 43.96
N SER F 115 -8.83 42.31 44.14
CA SER F 115 -8.80 42.96 45.44
C SER F 115 -10.29 43.25 45.77
N ALA F 116 -11.04 43.63 44.75
CA ALA F 116 -12.45 43.95 44.87
C ALA F 116 -13.28 42.84 45.49
N SER F 117 -14.33 43.23 46.18
CA SER F 117 -15.18 42.25 46.83
C SER F 117 -16.28 41.84 45.89
N THR F 118 -16.94 40.75 46.24
CA THR F 118 -18.02 40.22 45.45
C THR F 118 -19.31 41.01 45.67
N LYS F 119 -19.93 41.47 44.58
CA LYS F 119 -21.16 42.25 44.63
C LYS F 119 -22.31 41.59 43.89
N GLY F 120 -23.51 41.69 44.44
CA GLY F 120 -24.65 41.13 43.76
C GLY F 120 -25.02 42.02 42.59
N PRO F 121 -25.83 41.52 41.65
CA PRO F 121 -26.26 42.28 40.48
C PRO F 121 -27.61 42.98 40.69
N SER F 122 -27.78 44.16 40.09
CA SER F 122 -29.04 44.89 40.15
C SER F 122 -29.78 44.42 38.89
N VAL F 123 -31.05 44.06 39.00
CA VAL F 123 -31.76 43.57 37.82
C VAL F 123 -32.94 44.44 37.33
N PHE F 124 -32.66 45.36 36.40
CA PHE F 124 -33.67 46.25 35.84
C PHE F 124 -34.34 45.65 34.62
N PRO F 125 -35.54 46.13 34.25
CA PRO F 125 -36.24 45.59 33.09
C PRO F 125 -36.08 46.44 31.85
N LEU F 126 -36.17 45.79 30.70
CA LEU F 126 -36.10 46.44 29.39
C LEU F 126 -37.49 46.17 28.81
N ALA F 127 -38.37 47.15 28.96
CA ALA F 127 -39.75 47.02 28.54
C ALA F 127 -40.01 47.25 27.07
N PRO F 128 -40.98 46.52 26.51
CA PRO F 128 -41.43 46.56 25.11
C PRO F 128 -41.67 47.99 24.64
N SER F 129 -41.99 48.14 23.35
CA SER F 129 -42.24 49.46 22.76
C SER F 129 -43.71 49.93 22.89
N SER F 130 -44.62 49.13 22.33
CA SER F 130 -46.06 49.38 22.36
C SER F 130 -46.74 48.07 21.93
N LYS F 131 -48.07 47.96 22.07
CA LYS F 131 -48.75 46.71 21.68
C LYS F 131 -49.24 46.72 20.22
N SER F 132 -48.96 45.62 19.51
CA SER F 132 -49.32 45.47 18.10
C SER F 132 -48.71 46.60 17.27
N THR F 133 -48.18 47.61 17.98
CA THR F 133 -47.51 48.77 17.37
C THR F 133 -46.13 48.22 17.00
N SER F 134 -45.85 47.04 17.57
CA SER F 134 -44.63 46.29 17.30
C SER F 134 -45.08 45.23 16.28
N GLY F 135 -46.18 45.56 15.58
CA GLY F 135 -46.75 44.69 14.57
C GLY F 135 -47.00 43.25 14.98
N GLY F 136 -46.01 42.40 14.74
CA GLY F 136 -46.12 41.00 15.08
C GLY F 136 -45.20 40.58 16.21
N THR F 137 -43.97 41.11 16.23
CA THR F 137 -43.04 40.73 17.29
C THR F 137 -42.31 41.89 17.95
N ALA F 138 -42.26 41.88 19.29
CA ALA F 138 -41.61 42.93 20.05
C ALA F 138 -40.45 42.39 20.89
N ALA F 139 -39.55 43.28 21.30
CA ALA F 139 -38.37 42.91 22.08
C ALA F 139 -38.40 43.41 23.50
N LEU F 140 -38.20 42.50 24.45
CA LEU F 140 -38.19 42.81 25.87
C LEU F 140 -36.98 42.13 26.50
N GLY F 141 -36.54 42.62 27.65
CA GLY F 141 -35.39 41.99 28.27
C GLY F 141 -35.03 42.45 29.67
N CYS F 142 -33.91 41.94 30.17
CA CYS F 142 -33.40 42.28 31.49
C CYS F 142 -31.99 42.83 31.39
N LEU F 143 -31.68 43.85 32.18
CA LEU F 143 -30.33 44.38 32.17
C LEU F 143 -29.76 44.14 33.56
N VAL F 144 -28.92 43.12 33.67
CA VAL F 144 -28.28 42.77 34.93
C VAL F 144 -27.05 43.65 35.09
N LYS F 145 -27.14 44.68 35.93
CA LYS F 145 -26.02 45.59 36.06
C LYS F 145 -25.24 45.63 37.39
N ASP F 146 -23.97 45.99 37.25
CA ASP F 146 -23.02 46.15 38.35
C ASP F 146 -22.88 45.04 39.38
N TYR F 147 -22.35 43.90 38.93
CA TYR F 147 -22.11 42.76 39.79
C TYR F 147 -20.65 42.40 39.66
N PHE F 148 -20.21 41.49 40.50
CA PHE F 148 -18.81 41.06 40.52
C PHE F 148 -18.73 39.83 41.41
N PRO F 149 -17.95 38.81 41.01
CA PRO F 149 -17.18 38.76 39.76
C PRO F 149 -18.01 37.96 38.78
N GLU F 150 -17.40 37.54 37.69
CA GLU F 150 -18.08 36.72 36.72
C GLU F 150 -18.27 35.42 37.47
N PRO F 151 -19.32 34.66 37.17
CA PRO F 151 -20.38 34.91 36.19
C PRO F 151 -21.80 34.90 36.73
N VAL F 152 -22.73 35.36 35.89
CA VAL F 152 -24.13 35.40 36.23
C VAL F 152 -24.86 34.46 35.27
N THR F 153 -26.06 34.03 35.61
CA THR F 153 -26.83 33.13 34.77
C THR F 153 -28.24 33.68 34.64
N VAL F 154 -28.64 34.03 33.41
CA VAL F 154 -29.97 34.56 33.16
C VAL F 154 -30.80 33.59 32.34
N SER F 155 -32.03 33.32 32.79
CA SER F 155 -32.95 32.41 32.10
C SER F 155 -34.31 33.09 32.11
N TRP F 156 -35.18 32.73 31.17
CA TRP F 156 -36.50 33.36 31.14
C TRP F 156 -37.61 32.39 31.50
N ASN F 157 -38.61 32.93 32.21
CA ASN F 157 -39.76 32.14 32.63
C ASN F 157 -39.30 30.78 33.13
N SER F 158 -38.30 30.80 34.00
CA SER F 158 -37.73 29.59 34.59
C SER F 158 -37.46 28.44 33.60
N GLY F 159 -36.70 28.73 32.54
CA GLY F 159 -36.35 27.71 31.57
C GLY F 159 -37.39 27.43 30.50
N ALA F 160 -38.59 27.96 30.70
CA ALA F 160 -39.68 27.78 29.76
C ALA F 160 -39.40 28.57 28.48
N LEU F 161 -39.25 29.87 28.62
CA LEU F 161 -38.96 30.71 27.47
C LEU F 161 -37.49 30.54 27.12
N THR F 162 -37.24 29.92 25.98
CA THR F 162 -35.89 29.62 25.51
C THR F 162 -35.67 30.16 24.11
N SER F 163 -36.61 29.85 23.24
CA SER F 163 -36.55 30.25 21.85
C SER F 163 -36.47 31.76 21.69
N GLY F 164 -35.48 32.21 20.94
CA GLY F 164 -35.31 33.62 20.69
C GLY F 164 -34.59 34.39 21.79
N VAL F 165 -34.16 33.71 22.84
CA VAL F 165 -33.46 34.42 23.92
C VAL F 165 -32.04 34.77 23.53
N HIS F 166 -31.54 35.89 24.03
CA HIS F 166 -30.17 36.28 23.74
C HIS F 166 -29.53 36.90 24.96
N THR F 167 -28.74 36.12 25.68
CA THR F 167 -28.05 36.63 26.87
C THR F 167 -26.69 37.05 26.36
N PHE F 168 -26.47 38.35 26.24
CA PHE F 168 -25.18 38.79 25.77
C PHE F 168 -24.01 38.52 26.74
N PRO F 169 -22.79 38.59 26.21
CA PRO F 169 -21.61 38.35 27.05
C PRO F 169 -21.38 39.56 27.92
N ALA F 170 -21.02 39.34 29.19
CA ALA F 170 -20.79 40.45 30.10
C ALA F 170 -19.73 41.44 29.61
N VAL F 171 -19.72 42.62 30.21
CA VAL F 171 -18.76 43.65 29.85
C VAL F 171 -18.23 44.36 31.09
N LEU F 172 -16.91 44.46 31.19
CA LEU F 172 -16.33 45.12 32.34
C LEU F 172 -16.34 46.61 32.14
N GLN F 173 -17.11 47.28 33.00
CA GLN F 173 -17.24 48.72 32.96
C GLN F 173 -16.05 49.37 33.58
N SER F 174 -15.91 50.66 33.33
CA SER F 174 -14.81 51.46 33.84
C SER F 174 -14.83 51.46 35.37
N SER F 175 -16.03 51.26 35.91
CA SER F 175 -16.28 51.20 37.36
C SER F 175 -15.61 49.98 38.01
N GLY F 176 -15.42 48.92 37.22
CA GLY F 176 -14.78 47.73 37.73
C GLY F 176 -15.78 46.63 37.99
N LEU F 177 -17.03 46.82 37.58
CA LEU F 177 -18.02 45.80 37.79
C LEU F 177 -18.55 45.37 36.46
N TYR F 178 -19.07 44.16 36.42
CA TYR F 178 -19.59 43.64 35.17
C TYR F 178 -21.04 44.03 34.96
N SER F 179 -21.46 44.01 33.70
CA SER F 179 -22.81 44.36 33.33
C SER F 179 -23.15 43.39 32.21
N LEU F 180 -24.43 43.22 31.90
CA LEU F 180 -24.84 42.27 30.88
C LEU F 180 -26.33 42.47 30.56
N SER F 181 -26.79 42.09 29.37
CA SER F 181 -28.19 42.24 29.05
C SER F 181 -28.74 40.97 28.41
N SER F 182 -29.93 40.57 28.83
CA SER F 182 -30.54 39.38 28.25
C SER F 182 -31.87 39.80 27.61
N VAL F 183 -31.95 39.63 26.30
CA VAL F 183 -33.12 40.00 25.52
C VAL F 183 -33.87 38.81 24.91
N VAL F 184 -35.16 38.98 24.65
CA VAL F 184 -35.93 37.94 24.01
C VAL F 184 -36.95 38.54 23.06
N THR F 185 -37.26 37.78 22.02
CA THR F 185 -38.22 38.22 21.02
C THR F 185 -39.51 37.46 21.26
N VAL F 186 -40.62 38.19 21.32
CA VAL F 186 -41.94 37.60 21.53
C VAL F 186 -43.00 38.34 20.72
N PRO F 187 -44.09 37.64 20.36
CA PRO F 187 -45.21 38.21 19.59
C PRO F 187 -45.96 39.33 20.36
N SER F 188 -46.21 40.46 19.71
CA SER F 188 -46.92 41.57 20.35
C SER F 188 -48.32 41.09 20.79
N SER F 189 -48.69 39.90 20.32
CA SER F 189 -49.96 39.26 20.68
C SER F 189 -49.86 38.92 22.17
N SER F 190 -48.96 37.99 22.50
CA SER F 190 -48.73 37.56 23.88
C SER F 190 -48.49 38.78 24.74
N LEU F 191 -47.54 39.60 24.31
CA LEU F 191 -47.16 40.82 25.00
C LEU F 191 -48.39 41.44 25.66
N GLY F 192 -48.52 41.27 26.97
CA GLY F 192 -49.66 41.80 27.68
C GLY F 192 -50.53 40.70 28.28
N THR F 193 -50.71 39.62 27.53
CA THR F 193 -51.53 38.51 28.02
C THR F 193 -50.65 37.41 28.62
N GLN F 194 -49.39 37.37 28.20
CA GLN F 194 -48.41 36.40 28.70
C GLN F 194 -47.39 37.11 29.60
N THR F 195 -47.06 36.50 30.73
CA THR F 195 -46.13 37.09 31.68
C THR F 195 -44.69 36.72 31.36
N TYR F 196 -43.81 37.71 31.38
CA TYR F 196 -42.42 37.46 31.08
C TYR F 196 -41.50 37.94 32.20
N ILE F 197 -40.86 36.97 32.87
CA ILE F 197 -39.92 37.25 33.97
C ILE F 197 -38.58 36.55 33.74
N CYS F 198 -37.50 37.29 33.93
CA CYS F 198 -36.18 36.71 33.76
C CYS F 198 -35.66 36.30 35.13
N ASN F 199 -35.00 35.14 35.19
CA ASN F 199 -34.46 34.63 36.44
C ASN F 199 -32.94 34.80 36.43
N VAL F 200 -32.47 35.80 37.17
CA VAL F 200 -31.04 36.10 37.27
C VAL F 200 -30.49 35.29 38.45
N ASN F 201 -29.23 34.86 38.35
CA ASN F 201 -28.60 34.09 39.42
C ASN F 201 -27.07 34.26 39.47
N HIS F 202 -26.58 35.04 40.42
CA HIS F 202 -25.16 35.28 40.55
C HIS F 202 -24.69 34.60 41.81
N LYS F 203 -24.30 33.33 41.68
CA LYS F 203 -23.83 32.49 42.78
C LYS F 203 -22.69 33.03 43.64
N PRO F 204 -21.79 33.81 43.03
CA PRO F 204 -20.68 34.38 43.80
C PRO F 204 -21.13 35.22 45.02
N SER F 205 -22.24 35.93 44.89
CA SER F 205 -22.76 36.76 45.99
C SER F 205 -24.06 36.17 46.52
N ASN F 206 -24.33 34.93 46.10
CA ASN F 206 -25.52 34.18 46.46
C ASN F 206 -26.76 35.07 46.44
N THR F 207 -26.97 35.72 45.29
CA THR F 207 -28.12 36.60 45.07
C THR F 207 -28.92 36.06 43.89
N LYS F 208 -30.22 35.91 44.07
CA LYS F 208 -31.11 35.43 43.01
C LYS F 208 -32.19 36.51 42.85
N VAL F 209 -32.52 36.84 41.60
CA VAL F 209 -33.52 37.85 41.34
C VAL F 209 -34.44 37.32 40.27
N ASP F 210 -35.66 37.81 40.26
CA ASP F 210 -36.65 37.43 39.27
C ASP F 210 -37.46 38.66 38.85
N LYS F 211 -36.82 39.64 38.22
CA LYS F 211 -37.53 40.82 37.79
C LYS F 211 -38.48 40.46 36.66
N LYS F 212 -39.72 40.90 36.81
CA LYS F 212 -40.76 40.67 35.81
C LYS F 212 -40.76 41.92 34.96
N VAL F 213 -40.49 41.77 33.68
CA VAL F 213 -40.50 42.92 32.80
C VAL F 213 -41.92 42.88 32.22
N GLU F 214 -42.68 43.96 32.48
CA GLU F 214 -44.06 44.05 32.01
C GLU F 214 -44.22 45.20 31.03
N PRO F 215 -45.09 45.03 30.02
CA PRO F 215 -45.32 46.08 29.03
C PRO F 215 -45.39 47.45 29.70
N LYS F 216 -44.89 48.48 29.02
CA LYS F 216 -44.97 49.82 29.58
C LYS F 216 -45.77 50.68 28.59
N SER F 217 -47.10 50.66 28.76
CA SER F 217 -48.05 51.39 27.90
C SER F 217 -48.59 52.65 28.58
N CYS F 218 -48.31 53.82 28.01
CA CYS F 218 -48.79 55.10 28.56
C CYS F 218 -49.47 55.93 27.46
N GLN F 239 -53.30 63.16 10.45
CA GLN F 239 -51.87 63.02 10.68
C GLN F 239 -51.26 62.44 9.41
N PRO F 240 -50.53 63.28 8.65
CA PRO F 240 -49.88 62.87 7.39
C PRO F 240 -48.71 61.92 7.61
N ARG F 241 -48.56 60.93 6.72
CA ARG F 241 -47.45 59.99 6.85
C ARG F 241 -46.66 59.90 5.55
N GLU F 242 -45.34 60.09 5.66
CA GLU F 242 -44.43 60.05 4.50
C GLU F 242 -44.45 58.64 3.91
N PRO F 243 -44.78 58.51 2.62
CA PRO F 243 -44.81 57.21 1.96
C PRO F 243 -43.40 56.65 1.80
N GLN F 244 -43.28 55.33 1.84
CA GLN F 244 -41.99 54.64 1.68
C GLN F 244 -41.98 54.09 0.26
N VAL F 245 -40.94 54.41 -0.51
CA VAL F 245 -40.92 53.92 -1.88
C VAL F 245 -39.83 52.90 -2.16
N TYR F 246 -40.23 51.67 -2.46
CA TYR F 246 -39.28 50.61 -2.73
C TYR F 246 -39.50 50.08 -4.15
N THR F 247 -38.42 49.86 -4.89
CA THR F 247 -38.54 49.36 -6.26
C THR F 247 -38.06 47.91 -6.34
N LEU F 248 -38.87 47.05 -6.98
CA LEU F 248 -38.53 45.65 -7.14
C LEU F 248 -38.39 45.28 -8.61
N PRO F 249 -37.42 44.41 -8.94
CA PRO F 249 -37.22 44.00 -10.33
C PRO F 249 -38.17 42.85 -10.64
N PRO F 250 -38.17 42.33 -11.88
CA PRO F 250 -39.08 41.22 -12.21
C PRO F 250 -38.75 39.88 -11.56
N SER F 251 -39.75 39.11 -11.21
CA SER F 251 -39.52 37.79 -10.63
C SER F 251 -38.66 37.03 -11.64
N ARG F 252 -37.64 36.29 -11.19
CA ARG F 252 -36.79 35.56 -12.13
C ARG F 252 -37.61 34.63 -13.03
N ASP F 253 -38.74 34.18 -12.50
CA ASP F 253 -39.66 33.31 -13.21
C ASP F 253 -40.16 34.06 -14.45
N GLU F 254 -40.54 35.32 -14.26
CA GLU F 254 -41.08 36.13 -15.36
C GLU F 254 -40.04 36.44 -16.44
N LEU F 255 -38.77 36.15 -16.17
CA LEU F 255 -37.72 36.40 -17.17
C LEU F 255 -37.86 35.44 -18.34
N THR F 256 -38.86 34.57 -18.25
CA THR F 256 -39.15 33.60 -19.30
C THR F 256 -39.84 34.36 -20.41
N LYS F 257 -40.83 35.16 -20.02
CA LYS F 257 -41.62 35.91 -20.98
C LYS F 257 -40.96 37.12 -21.61
N ASN F 258 -41.32 37.36 -22.85
CA ASN F 258 -40.80 38.51 -23.57
C ASN F 258 -41.69 39.57 -22.93
N GLN F 259 -41.11 40.69 -22.48
CA GLN F 259 -41.90 41.73 -21.79
C GLN F 259 -42.00 41.34 -20.31
N VAL F 260 -41.24 42.04 -19.47
CA VAL F 260 -41.19 41.80 -18.02
C VAL F 260 -41.84 42.95 -17.27
N SER F 261 -41.98 42.81 -15.96
CA SER F 261 -42.62 43.85 -15.16
C SER F 261 -41.72 44.48 -14.10
N LEU F 262 -41.84 45.80 -13.96
CA LEU F 262 -41.07 46.53 -12.97
C LEU F 262 -42.09 47.01 -11.96
N THR F 263 -41.89 46.66 -10.68
CA THR F 263 -42.81 47.05 -9.62
C THR F 263 -42.29 48.17 -8.78
N CYS F 264 -43.23 48.97 -8.26
CA CYS F 264 -42.94 50.11 -7.42
C CYS F 264 -43.94 49.99 -6.29
N LEU F 265 -43.47 49.72 -5.09
CA LEU F 265 -44.35 49.60 -3.94
C LEU F 265 -44.21 50.83 -3.08
N VAL F 266 -45.32 51.54 -2.90
CA VAL F 266 -45.34 52.75 -2.07
C VAL F 266 -46.21 52.38 -0.88
N LYS F 267 -45.62 52.35 0.32
CA LYS F 267 -46.36 51.96 1.51
C LYS F 267 -46.22 52.90 2.70
N GLY F 268 -47.03 52.63 3.75
CA GLY F 268 -47.01 53.42 4.95
C GLY F 268 -47.29 54.92 4.83
N PHE F 269 -48.15 55.28 3.90
CA PHE F 269 -48.48 56.68 3.70
C PHE F 269 -49.94 56.97 4.07
N TYR F 270 -50.22 58.26 4.28
CA TYR F 270 -51.56 58.72 4.61
C TYR F 270 -51.54 60.25 4.50
N PRO F 271 -52.55 60.88 3.90
CA PRO F 271 -53.80 60.47 3.24
C PRO F 271 -53.65 59.61 1.99
N SER F 272 -54.70 58.84 1.73
CA SER F 272 -54.73 57.94 0.59
C SER F 272 -54.46 58.61 -0.75
N ASP F 273 -54.40 59.94 -0.74
CA ASP F 273 -54.17 60.67 -1.99
C ASP F 273 -52.72 60.63 -2.37
N ILE F 274 -52.45 60.15 -3.58
CA ILE F 274 -51.06 60.03 -4.05
C ILE F 274 -50.97 59.81 -5.57
N ALA F 275 -49.86 60.21 -6.16
CA ALA F 275 -49.67 60.06 -7.61
C ALA F 275 -48.36 59.39 -7.97
N VAL F 276 -48.42 58.26 -8.66
CA VAL F 276 -47.20 57.57 -9.07
C VAL F 276 -47.10 57.39 -10.57
N GLU F 277 -45.95 57.77 -11.11
CA GLU F 277 -45.68 57.64 -12.54
C GLU F 277 -44.22 57.24 -12.76
N TRP F 278 -43.96 56.48 -13.83
CA TRP F 278 -42.63 56.02 -14.15
C TRP F 278 -42.01 56.82 -15.27
N GLU F 279 -40.71 56.62 -15.44
CA GLU F 279 -39.94 57.29 -16.48
C GLU F 279 -38.63 56.53 -16.62
N SER F 280 -38.00 56.64 -17.78
CA SER F 280 -36.74 55.96 -18.06
C SER F 280 -35.64 56.98 -18.14
N ASN F 281 -35.34 57.43 -19.35
CA ASN F 281 -34.31 58.44 -19.52
C ASN F 281 -35.08 59.72 -19.23
N GLY F 282 -34.79 60.80 -19.93
CA GLY F 282 -35.53 62.02 -19.68
C GLY F 282 -37.00 61.79 -19.90
N GLN F 283 -37.34 60.92 -20.85
CA GLN F 283 -38.72 60.60 -21.20
C GLN F 283 -39.41 59.71 -20.19
N PRO F 284 -40.72 59.89 -20.05
CA PRO F 284 -41.58 59.15 -19.13
C PRO F 284 -42.07 57.86 -19.73
N GLU F 285 -42.03 56.79 -18.97
CA GLU F 285 -42.54 55.52 -19.48
C GLU F 285 -44.03 55.68 -19.46
N ASN F 286 -44.70 55.01 -20.37
CA ASN F 286 -46.14 55.14 -20.45
C ASN F 286 -46.92 53.88 -20.10
N ASN F 287 -46.40 52.73 -20.50
CA ASN F 287 -47.10 51.48 -20.25
C ASN F 287 -47.10 50.94 -18.83
N TYR F 288 -47.88 51.54 -17.94
CA TYR F 288 -47.93 51.05 -16.56
C TYR F 288 -49.27 51.32 -15.91
N LYS F 289 -49.55 50.59 -14.85
CA LYS F 289 -50.81 50.74 -14.15
C LYS F 289 -50.56 50.69 -12.65
N THR F 290 -51.09 51.66 -11.92
CA THR F 290 -50.94 51.69 -10.47
C THR F 290 -52.22 51.06 -9.93
N THR F 291 -52.23 50.62 -8.69
CA THR F 291 -53.46 50.05 -8.15
C THR F 291 -54.02 51.06 -7.18
N PRO F 292 -55.27 50.89 -6.76
CA PRO F 292 -55.88 51.84 -5.82
C PRO F 292 -55.27 51.70 -4.41
N PRO F 293 -55.01 52.84 -3.72
CA PRO F 293 -54.45 52.64 -2.38
C PRO F 293 -55.27 51.64 -1.57
N VAL F 294 -54.59 50.89 -0.73
CA VAL F 294 -55.27 49.90 0.08
C VAL F 294 -54.92 50.17 1.53
N LEU F 295 -55.93 50.11 2.39
CA LEU F 295 -55.75 50.35 3.81
C LEU F 295 -54.92 49.25 4.41
N ASP F 296 -53.78 49.61 5.01
CA ASP F 296 -52.88 48.65 5.67
C ASP F 296 -53.35 48.41 7.12
N SER F 297 -52.96 47.27 7.68
CA SER F 297 -53.34 46.94 9.05
C SER F 297 -52.90 48.00 10.05
N ASP F 298 -52.10 48.97 9.61
CA ASP F 298 -51.62 49.97 10.55
C ASP F 298 -52.27 51.33 10.41
N GLY F 299 -53.27 51.45 9.55
CA GLY F 299 -53.92 52.73 9.40
C GLY F 299 -53.29 53.62 8.35
N SER F 300 -52.40 53.06 7.54
CA SER F 300 -51.79 53.85 6.46
C SER F 300 -52.20 53.09 5.20
N PHE F 301 -51.85 53.61 4.05
CA PHE F 301 -52.20 52.91 2.82
C PHE F 301 -50.94 52.55 2.07
N PHE F 302 -51.08 51.62 1.14
CA PHE F 302 -49.98 51.17 0.29
C PHE F 302 -50.59 50.93 -1.08
N LEU F 303 -49.74 50.72 -2.08
CA LEU F 303 -50.20 50.46 -3.43
C LEU F 303 -49.01 50.07 -4.24
N TYR F 304 -49.25 49.36 -5.33
CA TYR F 304 -48.17 48.95 -6.20
C TYR F 304 -48.39 49.60 -7.55
N SER F 305 -47.32 49.81 -8.29
CA SER F 305 -47.36 50.40 -9.64
C SER F 305 -46.59 49.42 -10.52
N LYS F 306 -47.18 49.01 -11.63
CA LYS F 306 -46.58 48.02 -12.51
C LYS F 306 -46.20 48.47 -13.91
N LEU F 307 -44.98 48.95 -14.09
CA LEU F 307 -44.53 49.38 -15.40
C LEU F 307 -44.08 48.17 -16.23
N THR F 308 -44.67 47.99 -17.40
CA THR F 308 -44.31 46.88 -18.26
C THR F 308 -43.40 47.30 -19.39
N VAL F 309 -42.31 46.57 -19.55
CA VAL F 309 -41.35 46.86 -20.60
C VAL F 309 -40.86 45.58 -21.26
N ASP F 310 -40.30 45.71 -22.46
CA ASP F 310 -39.78 44.57 -23.20
C ASP F 310 -38.66 43.96 -22.36
N LYS F 311 -38.63 42.63 -22.29
CA LYS F 311 -37.59 41.94 -21.51
C LYS F 311 -36.20 42.41 -21.96
N SER F 312 -36.11 42.83 -23.21
CA SER F 312 -34.85 43.28 -23.80
C SER F 312 -34.36 44.61 -23.27
N ARG F 313 -35.27 45.56 -23.09
CA ARG F 313 -34.85 46.85 -22.60
C ARG F 313 -34.41 46.79 -21.14
N TRP F 314 -34.98 45.85 -20.39
CA TRP F 314 -34.62 45.69 -19.00
C TRP F 314 -33.22 45.13 -18.90
N GLN F 315 -32.97 44.11 -19.72
CA GLN F 315 -31.69 43.44 -19.75
C GLN F 315 -30.56 44.27 -20.29
N GLN F 316 -30.86 45.38 -20.92
CA GLN F 316 -29.78 46.19 -21.47
C GLN F 316 -29.11 47.12 -20.44
N GLY F 317 -29.66 47.16 -19.24
CA GLY F 317 -29.14 48.01 -18.19
C GLY F 317 -30.29 48.91 -17.85
N ASN F 318 -30.53 49.88 -18.74
CA ASN F 318 -31.59 50.88 -18.65
C ASN F 318 -32.14 51.11 -17.24
N VAL F 319 -32.02 52.34 -16.74
CA VAL F 319 -32.51 52.67 -15.41
C VAL F 319 -33.90 53.32 -15.46
N PHE F 320 -34.84 52.65 -14.83
CA PHE F 320 -36.20 53.15 -14.76
C PHE F 320 -36.36 53.61 -13.35
N SER F 321 -37.34 54.48 -13.10
CA SER F 321 -37.58 54.96 -11.74
C SER F 321 -39.00 55.45 -11.62
N CYS F 322 -39.64 55.16 -10.48
CA CYS F 322 -41.01 55.64 -10.29
C CYS F 322 -41.01 56.87 -9.41
N SER F 323 -41.81 57.84 -9.84
CA SER F 323 -41.99 59.07 -9.15
C SER F 323 -43.27 58.97 -8.36
N VAL F 324 -43.19 59.43 -7.12
CA VAL F 324 -44.37 59.48 -6.28
C VAL F 324 -44.50 60.91 -5.79
N MET F 325 -45.74 61.41 -5.87
CA MET F 325 -46.07 62.74 -5.38
C MET F 325 -47.05 62.51 -4.26
N HIS F 326 -46.85 63.17 -3.18
CA HIS F 326 -47.68 63.04 -2.03
C HIS F 326 -47.36 64.19 -1.11
N GLU F 327 -48.37 64.71 -0.42
CA GLU F 327 -48.14 65.87 0.43
C GLU F 327 -47.14 65.72 1.58
N ALA F 328 -46.94 64.50 2.05
CA ALA F 328 -46.00 64.31 3.13
C ALA F 328 -44.52 64.25 2.70
N LEU F 329 -44.22 64.42 1.41
CA LEU F 329 -42.83 64.35 0.96
C LEU F 329 -42.18 65.73 1.00
N HIS F 330 -40.85 65.77 1.09
CA HIS F 330 -40.13 67.05 1.16
C HIS F 330 -40.52 68.07 0.10
N ASN F 331 -40.80 67.62 -1.11
CA ASN F 331 -41.22 68.57 -2.12
C ASN F 331 -42.46 67.98 -2.76
N HIS F 332 -43.20 67.20 -1.98
CA HIS F 332 -44.42 66.55 -2.45
C HIS F 332 -44.07 65.59 -3.56
N TYR F 333 -42.78 65.31 -3.71
CA TYR F 333 -42.34 64.40 -4.75
C TYR F 333 -41.02 63.72 -4.44
N THR F 334 -40.85 62.53 -4.97
CA THR F 334 -39.65 61.77 -4.76
C THR F 334 -39.59 60.77 -5.89
N GLN F 335 -38.40 60.23 -6.14
CA GLN F 335 -38.23 59.23 -7.16
C GLN F 335 -37.15 58.26 -6.70
N LYS F 336 -37.36 56.99 -6.98
CA LYS F 336 -36.41 55.96 -6.59
C LYS F 336 -36.12 55.09 -7.80
N SER F 337 -34.87 55.01 -8.20
CA SER F 337 -34.49 54.24 -9.38
C SER F 337 -34.51 52.73 -9.22
N LEU F 338 -34.31 52.01 -10.32
CA LEU F 338 -34.29 50.56 -10.33
C LEU F 338 -33.78 50.11 -11.68
N SER F 339 -32.76 49.25 -11.71
CA SER F 339 -32.19 48.74 -12.98
C SER F 339 -31.62 47.34 -12.81
N LEU F 340 -31.25 46.69 -13.90
CA LEU F 340 -30.69 45.37 -13.75
C LEU F 340 -29.39 45.51 -12.97
N SER F 341 -29.26 44.69 -11.94
CA SER F 341 -28.10 44.72 -11.06
C SER F 341 -26.97 43.78 -11.49
N PRO F 342 -25.78 44.33 -11.77
CA PRO F 342 -24.66 43.47 -12.18
C PRO F 342 -24.05 42.77 -10.94
N GLY F 343 -24.75 41.73 -10.47
CA GLY F 343 -24.34 40.98 -9.29
C GLY F 343 -23.06 40.14 -9.38
N LYS F 344 -22.49 39.84 -8.21
CA LYS F 344 -21.26 39.03 -8.11
C LYS F 344 -21.59 37.59 -7.69
N ASP G 1 5.76 6.50 -44.30
CA ASP G 1 4.32 6.17 -44.26
C ASP G 1 3.83 6.10 -45.69
N ILE G 2 2.88 5.18 -45.95
CA ILE G 2 2.33 5.07 -47.32
C ILE G 2 1.35 6.20 -47.59
N VAL G 3 1.50 6.83 -48.74
CA VAL G 3 0.68 7.98 -49.13
C VAL G 3 -0.34 7.54 -50.20
N MET G 4 -1.61 7.83 -49.96
CA MET G 4 -2.66 7.45 -50.92
C MET G 4 -3.19 8.68 -51.64
N SER G 5 -2.98 8.71 -52.95
CA SER G 5 -3.45 9.82 -53.76
C SER G 5 -4.62 9.32 -54.55
N GLN G 6 -5.61 10.17 -54.69
CA GLN G 6 -6.79 9.84 -55.43
C GLN G 6 -7.04 10.96 -56.43
N SER G 7 -7.57 10.56 -57.58
CA SER G 7 -7.89 11.49 -58.65
C SER G 7 -9.08 10.95 -59.44
N PRO G 8 -9.97 11.86 -59.86
CA PRO G 8 -9.78 13.29 -59.56
C PRO G 8 -10.32 13.68 -58.18
N ASP G 9 -10.26 14.96 -57.85
CA ASP G 9 -10.77 15.45 -56.58
C ASP G 9 -12.29 15.19 -56.51
N SER G 10 -12.96 15.49 -57.62
CA SER G 10 -14.41 15.29 -57.77
C SER G 10 -14.77 15.17 -59.25
N LEU G 11 -15.89 14.52 -59.51
CA LEU G 11 -16.35 14.27 -60.85
C LEU G 11 -17.85 14.55 -60.95
N ALA G 12 -18.31 14.96 -62.14
CA ALA G 12 -19.73 15.20 -62.42
C ALA G 12 -20.08 14.22 -63.56
N VAL G 13 -20.93 13.25 -63.28
CA VAL G 13 -21.26 12.24 -64.28
C VAL G 13 -22.73 12.01 -64.54
N SER G 14 -23.09 11.96 -65.81
CA SER G 14 -24.47 11.77 -66.23
C SER G 14 -24.98 10.37 -66.02
N LEU G 15 -26.17 10.24 -65.44
CA LEU G 15 -26.73 8.92 -65.15
C LEU G 15 -26.47 7.97 -66.30
N GLY G 16 -26.18 6.72 -65.95
CA GLY G 16 -25.88 5.72 -66.97
C GLY G 16 -24.41 5.65 -67.38
N GLU G 17 -23.74 6.80 -67.49
CA GLU G 17 -22.34 6.81 -67.90
C GLU G 17 -21.43 5.93 -67.04
N ARG G 18 -20.18 5.78 -67.48
CA ARG G 18 -19.19 4.94 -66.80
C ARG G 18 -18.10 5.79 -66.19
N VAL G 19 -17.81 5.54 -64.92
CA VAL G 19 -16.76 6.28 -64.21
C VAL G 19 -15.61 5.42 -63.72
N THR G 20 -14.43 6.00 -63.84
CA THR G 20 -13.21 5.36 -63.37
C THR G 20 -12.54 6.33 -62.40
N LEU G 21 -12.30 5.86 -61.20
CA LEU G 21 -11.65 6.62 -60.15
C LEU G 21 -10.25 6.11 -59.95
N ASN G 22 -9.30 7.03 -59.82
CA ASN G 22 -7.92 6.65 -59.61
C ASN G 22 -7.49 6.61 -58.14
N CYS G 23 -6.46 5.81 -57.87
CA CYS G 23 -5.87 5.65 -56.54
C CYS G 23 -4.41 5.18 -56.69
N LYS G 24 -3.46 6.06 -56.42
CA LYS G 24 -2.06 5.72 -56.57
C LYS G 24 -1.31 5.76 -55.23
N SER G 25 -0.74 4.63 -54.80
CA SER G 25 -0.01 4.60 -53.53
C SER G 25 1.51 4.80 -53.73
N SER G 26 2.12 5.49 -52.76
CA SER G 26 3.55 5.81 -52.75
C SER G 26 4.46 4.60 -52.72
N GLN G 27 3.91 3.44 -52.39
CA GLN G 27 4.72 2.21 -52.33
C GLN G 27 3.85 1.07 -52.78
N SER G 28 4.44 0.05 -53.37
CA SER G 28 3.62 -1.04 -53.82
C SER G 28 2.78 -1.68 -52.72
N LEU G 29 1.57 -2.12 -53.04
CA LEU G 29 0.77 -2.78 -52.03
C LEU G 29 0.69 -4.24 -52.42
N LEU G 30 1.57 -4.66 -53.32
CA LEU G 30 1.60 -6.06 -53.78
C LEU G 30 2.64 -6.87 -53.07
N TYR G 31 2.15 -7.85 -52.31
CA TYR G 31 3.01 -8.70 -51.50
C TYR G 31 3.63 -9.89 -52.22
N SER G 32 4.91 -9.71 -52.57
CA SER G 32 5.71 -10.72 -53.25
C SER G 32 5.40 -12.12 -52.80
N GLY G 33 5.06 -12.29 -51.54
CA GLY G 33 4.77 -13.61 -50.98
C GLY G 33 3.53 -14.28 -51.49
N ASN G 34 2.39 -13.58 -51.52
CA ASN G 34 1.18 -14.24 -52.01
C ASN G 34 0.56 -13.51 -53.19
N GLN G 35 1.36 -12.64 -53.80
CA GLN G 35 0.95 -11.88 -54.96
C GLN G 35 -0.41 -11.21 -54.73
N LYS G 36 -0.62 -10.66 -53.54
CA LYS G 36 -1.86 -9.98 -53.23
C LYS G 36 -1.63 -8.49 -53.13
N ASN G 37 -2.70 -7.74 -53.38
CA ASN G 37 -2.64 -6.31 -53.29
C ASN G 37 -3.42 -5.84 -52.09
N TYR G 38 -2.70 -5.27 -51.13
CA TYR G 38 -3.30 -4.82 -49.88
C TYR G 38 -3.94 -3.45 -49.98
N LEU G 39 -5.03 -3.40 -50.76
CA LEU G 39 -5.75 -2.16 -51.00
C LEU G 39 -7.24 -2.36 -50.92
N ALA G 40 -7.96 -1.36 -50.43
CA ALA G 40 -9.42 -1.45 -50.29
C ALA G 40 -10.17 -0.18 -50.79
N TRP G 41 -11.42 -0.35 -51.21
CA TRP G 41 -12.22 0.80 -51.63
C TRP G 41 -13.43 0.93 -50.70
N TYR G 42 -13.68 2.18 -50.29
CA TYR G 42 -14.77 2.57 -49.41
C TYR G 42 -15.72 3.57 -50.05
N GLN G 43 -17.01 3.36 -49.81
CA GLN G 43 -17.99 4.28 -50.34
C GLN G 43 -18.57 4.94 -49.12
N GLN G 44 -18.59 6.27 -49.10
CA GLN G 44 -19.17 6.95 -47.97
C GLN G 44 -20.09 8.10 -48.39
N LYS G 45 -21.27 8.08 -47.79
CA LYS G 45 -22.32 9.09 -48.01
C LYS G 45 -22.39 9.98 -46.74
N PRO G 46 -22.69 11.29 -46.93
CA PRO G 46 -22.78 12.27 -45.84
C PRO G 46 -23.24 11.76 -44.46
N GLY G 47 -22.36 11.96 -43.47
CA GLY G 47 -22.62 11.54 -42.09
C GLY G 47 -23.08 10.09 -42.05
N GLN G 48 -22.18 9.18 -42.40
CA GLN G 48 -22.49 7.76 -42.43
C GLN G 48 -21.23 6.89 -42.40
N SER G 49 -21.30 5.83 -41.61
CA SER G 49 -20.18 4.94 -41.49
C SER G 49 -19.86 4.40 -42.85
N PRO G 50 -18.68 4.76 -43.40
CA PRO G 50 -18.22 4.30 -44.73
C PRO G 50 -18.52 2.83 -44.96
N LYS G 51 -18.67 2.46 -46.23
CA LYS G 51 -18.92 1.07 -46.56
C LYS G 51 -17.83 0.51 -47.46
N LEU G 52 -17.40 -0.69 -47.10
CA LEU G 52 -16.37 -1.44 -47.80
C LEU G 52 -16.98 -2.04 -49.06
N LEU G 53 -16.48 -1.60 -50.20
CA LEU G 53 -16.94 -2.09 -51.49
C LEU G 53 -16.02 -3.19 -51.95
N ILE G 54 -14.79 -2.78 -52.28
CA ILE G 54 -13.76 -3.69 -52.76
C ILE G 54 -12.64 -3.94 -51.73
N TYR G 55 -12.14 -5.18 -51.68
CA TYR G 55 -11.05 -5.58 -50.81
C TYR G 55 -10.00 -6.32 -51.66
N TRP G 56 -8.77 -6.36 -51.18
CA TRP G 56 -7.70 -7.01 -51.91
C TRP G 56 -7.70 -6.47 -53.33
N ALA G 57 -7.73 -5.15 -53.47
CA ALA G 57 -7.69 -4.46 -54.75
C ALA G 57 -8.78 -4.79 -55.76
N SER G 58 -9.37 -5.98 -55.69
CA SER G 58 -10.40 -6.35 -56.67
C SER G 58 -11.40 -7.43 -56.24
N ALA G 59 -11.58 -7.62 -54.95
CA ALA G 59 -12.52 -8.62 -54.49
C ALA G 59 -13.78 -7.94 -54.01
N ARG G 60 -14.74 -7.72 -54.90
CA ARG G 60 -16.00 -7.05 -54.51
C ARG G 60 -16.66 -7.75 -53.34
N GLU G 61 -17.24 -6.95 -52.44
CA GLU G 61 -17.89 -7.49 -51.27
C GLU G 61 -19.29 -8.08 -51.50
N SER G 62 -19.65 -9.00 -50.63
CA SER G 62 -20.92 -9.74 -50.64
C SER G 62 -22.20 -9.05 -51.16
N GLY G 63 -22.37 -7.76 -50.86
CA GLY G 63 -23.58 -7.11 -51.32
C GLY G 63 -23.44 -6.10 -52.46
N VAL G 64 -22.24 -5.63 -52.73
CA VAL G 64 -22.09 -4.64 -53.77
C VAL G 64 -22.49 -5.06 -55.18
N PRO G 65 -23.19 -4.16 -55.88
CA PRO G 65 -23.67 -4.36 -57.25
C PRO G 65 -22.53 -4.50 -58.25
N ASP G 66 -22.78 -5.29 -59.26
CA ASP G 66 -21.77 -5.56 -60.26
C ASP G 66 -21.21 -4.34 -60.91
N ARG G 67 -22.00 -3.28 -61.07
CA ARG G 67 -21.46 -2.09 -61.76
C ARG G 67 -20.18 -1.57 -61.12
N PHE G 68 -19.82 -2.14 -59.98
CA PHE G 68 -18.62 -1.73 -59.26
C PHE G 68 -17.49 -2.72 -59.37
N SER G 69 -16.35 -2.26 -59.85
CA SER G 69 -15.20 -3.14 -59.99
C SER G 69 -13.83 -2.50 -59.78
N GLY G 70 -12.98 -3.20 -59.02
CA GLY G 70 -11.66 -2.68 -58.77
C GLY G 70 -10.56 -3.50 -59.41
N SER G 71 -9.55 -2.79 -59.89
CA SER G 71 -8.42 -3.44 -60.50
C SER G 71 -7.17 -2.62 -60.19
N GLY G 72 -6.06 -3.07 -60.75
CA GLY G 72 -4.80 -2.40 -60.53
C GLY G 72 -3.90 -3.37 -59.80
N SER G 73 -2.65 -2.96 -59.63
CA SER G 73 -1.68 -3.76 -58.93
C SER G 73 -0.46 -2.92 -58.60
N GLY G 74 0.15 -3.21 -57.47
CA GLY G 74 1.34 -2.48 -57.06
C GLY G 74 1.05 -1.07 -56.62
N THR G 75 1.43 -0.12 -57.46
CA THR G 75 1.27 1.31 -57.19
C THR G 75 -0.07 1.93 -57.59
N ASP G 76 -0.55 1.54 -58.76
CA ASP G 76 -1.75 2.13 -59.34
C ASP G 76 -3.01 1.27 -59.39
N PHE G 77 -4.07 1.78 -58.78
CA PHE G 77 -5.35 1.08 -58.74
C PHE G 77 -6.44 1.95 -59.31
N THR G 78 -7.60 1.35 -59.48
CA THR G 78 -8.71 2.08 -60.02
C THR G 78 -10.04 1.37 -59.78
N LEU G 79 -11.04 2.17 -59.37
CA LEU G 79 -12.40 1.70 -59.11
C LEU G 79 -13.23 2.23 -60.25
N THR G 80 -14.01 1.35 -60.87
CA THR G 80 -14.85 1.73 -61.98
C THR G 80 -16.30 1.28 -61.79
N ILE G 81 -17.22 2.20 -62.10
CA ILE G 81 -18.67 1.98 -62.06
C ILE G 81 -19.09 1.98 -63.54
N SER G 82 -19.47 0.82 -64.09
CA SER G 82 -19.85 0.72 -65.51
C SER G 82 -20.93 1.69 -65.92
N SER G 83 -22.06 1.65 -65.20
CA SER G 83 -23.21 2.53 -65.46
C SER G 83 -23.65 3.17 -64.15
N VAL G 84 -23.21 4.39 -63.88
CA VAL G 84 -23.60 5.09 -62.66
C VAL G 84 -25.09 5.00 -62.41
N GLN G 85 -25.48 5.25 -61.18
CA GLN G 85 -26.88 5.26 -60.84
C GLN G 85 -27.00 6.42 -59.86
N ALA G 86 -28.19 6.95 -59.65
CA ALA G 86 -28.35 8.06 -58.73
C ALA G 86 -27.74 7.78 -57.35
N GLU G 87 -28.00 6.59 -56.82
CA GLU G 87 -27.52 6.18 -55.50
C GLU G 87 -26.02 6.01 -55.34
N ASP G 88 -25.29 6.08 -56.44
CA ASP G 88 -23.85 5.94 -56.34
C ASP G 88 -23.21 7.29 -56.09
N VAL G 89 -24.04 8.30 -55.89
CA VAL G 89 -23.54 9.64 -55.58
C VAL G 89 -23.02 9.47 -54.16
N ALA G 90 -21.75 9.81 -53.97
CA ALA G 90 -21.15 9.69 -52.65
C ALA G 90 -19.68 10.02 -52.79
N VAL G 91 -18.91 9.62 -51.78
CA VAL G 91 -17.48 9.84 -51.81
C VAL G 91 -16.80 8.49 -51.75
N TYR G 92 -15.83 8.32 -52.63
CA TYR G 92 -15.12 7.07 -52.70
C TYR G 92 -13.73 7.22 -52.11
N TYR G 93 -13.34 6.21 -51.32
CA TYR G 93 -12.07 6.17 -50.60
C TYR G 93 -11.27 4.92 -50.85
N CYS G 94 -9.96 5.08 -51.03
CA CYS G 94 -9.09 3.91 -51.14
C CYS G 94 -8.17 3.95 -49.93
N GLN G 95 -7.85 2.77 -49.39
CA GLN G 95 -6.99 2.65 -48.19
C GLN G 95 -6.05 1.46 -48.29
N GLN G 96 -4.77 1.63 -47.94
CA GLN G 96 -3.86 0.49 -47.95
C GLN G 96 -3.65 -0.10 -46.54
N TYR G 97 -3.69 -1.42 -46.43
CA TYR G 97 -3.53 -2.06 -45.13
C TYR G 97 -2.32 -2.96 -45.17
N TYR G 98 -1.42 -2.60 -46.08
CA TYR G 98 -0.17 -3.31 -46.30
C TYR G 98 0.72 -3.24 -45.04
N SER G 99 0.74 -2.04 -44.46
CA SER G 99 1.55 -1.79 -43.30
C SER G 99 0.94 -0.63 -42.55
N TYR G 100 1.21 -0.53 -41.25
CA TYR G 100 0.71 0.61 -40.49
C TYR G 100 1.65 1.80 -40.63
N PRO G 101 1.17 3.02 -40.44
CA PRO G 101 -0.23 3.30 -40.14
C PRO G 101 -1.09 2.96 -41.37
N LEU G 102 -2.35 2.62 -41.14
CA LEU G 102 -3.26 2.33 -42.25
C LEU G 102 -3.34 3.71 -42.85
N THR G 103 -3.52 3.81 -44.16
CA THR G 103 -3.62 5.13 -44.76
C THR G 103 -4.68 5.21 -45.86
N PHE G 104 -5.44 6.30 -45.82
CA PHE G 104 -6.49 6.55 -46.79
C PHE G 104 -6.05 7.60 -47.82
N GLY G 105 -6.88 7.73 -48.85
CA GLY G 105 -6.66 8.69 -49.90
C GLY G 105 -7.62 9.85 -49.63
N ALA G 106 -7.33 11.01 -50.21
CA ALA G 106 -8.15 12.21 -50.02
C ALA G 106 -9.61 11.96 -50.32
N GLY G 107 -9.85 11.00 -51.21
CA GLY G 107 -11.19 10.67 -51.66
C GLY G 107 -11.61 11.44 -52.90
N THR G 108 -12.52 10.83 -53.69
CA THR G 108 -13.06 11.48 -54.87
C THR G 108 -14.56 11.53 -54.63
N LYS G 109 -15.12 12.72 -54.88
CA LYS G 109 -16.54 13.02 -54.72
C LYS G 109 -17.24 12.85 -56.07
N LEU G 110 -18.30 12.04 -56.04
CA LEU G 110 -19.06 11.73 -57.25
C LEU G 110 -20.40 12.43 -57.24
N GLU G 111 -20.55 13.38 -58.18
CA GLU G 111 -21.78 14.17 -58.33
C GLU G 111 -22.43 13.81 -59.67
N LEU G 112 -23.73 13.52 -59.63
CA LEU G 112 -24.46 13.16 -60.84
C LEU G 112 -25.15 14.35 -61.52
N LYS G 113 -25.11 14.35 -62.86
CA LYS G 113 -25.71 15.38 -63.70
C LYS G 113 -27.12 14.93 -64.04
N ARG G 114 -28.07 15.87 -64.13
CA ARG G 114 -29.42 15.47 -64.51
C ARG G 114 -30.28 16.44 -65.32
N THR G 115 -31.45 15.92 -65.71
CA THR G 115 -32.47 16.64 -66.49
C THR G 115 -32.94 17.82 -65.62
N VAL G 116 -33.07 19.01 -66.18
CA VAL G 116 -33.52 20.12 -65.34
C VAL G 116 -34.84 19.79 -64.66
N ALA G 117 -34.93 20.12 -63.39
CA ALA G 117 -36.15 19.91 -62.63
C ALA G 117 -36.34 21.24 -61.92
N ALA G 118 -37.52 21.83 -62.01
CA ALA G 118 -37.74 23.10 -61.35
C ALA G 118 -38.15 22.87 -59.91
N PRO G 119 -37.83 23.83 -59.05
CA PRO G 119 -38.17 23.72 -57.64
C PRO G 119 -39.66 23.89 -57.38
N SER G 120 -40.16 23.14 -56.41
CA SER G 120 -41.56 23.22 -56.00
C SER G 120 -41.53 24.08 -54.70
N VAL G 121 -41.91 25.35 -54.79
CA VAL G 121 -41.83 26.27 -53.65
C VAL G 121 -42.95 26.32 -52.62
N PHE G 122 -42.56 26.56 -51.36
CA PHE G 122 -43.49 26.70 -50.25
C PHE G 122 -42.95 27.79 -49.33
N ILE G 123 -43.82 28.35 -48.51
CA ILE G 123 -43.38 29.38 -47.57
C ILE G 123 -44.15 29.16 -46.26
N PHE G 124 -43.44 29.27 -45.14
CA PHE G 124 -44.04 29.05 -43.83
C PHE G 124 -43.77 30.24 -42.92
N PRO G 125 -44.82 30.77 -42.28
CA PRO G 125 -44.64 31.91 -41.38
C PRO G 125 -44.22 31.41 -40.01
N PRO G 126 -43.70 32.32 -39.17
CA PRO G 126 -43.26 31.95 -37.83
C PRO G 126 -44.43 31.46 -37.02
N SER G 127 -44.20 30.41 -36.25
CA SER G 127 -45.23 29.83 -35.40
C SER G 127 -45.54 30.82 -34.32
N ASP G 128 -46.69 30.67 -33.68
CA ASP G 128 -47.01 31.61 -32.65
C ASP G 128 -46.12 31.31 -31.44
N GLU G 129 -45.87 30.03 -31.20
CA GLU G 129 -45.04 29.64 -30.07
C GLU G 129 -43.69 30.32 -30.16
N GLN G 130 -43.13 30.38 -31.37
CA GLN G 130 -41.84 31.02 -31.58
C GLN G 130 -41.96 32.51 -31.38
N LEU G 131 -43.08 33.09 -31.79
CA LEU G 131 -43.23 34.53 -31.60
C LEU G 131 -43.20 34.85 -30.11
N LYS G 132 -43.82 34.00 -29.31
CA LYS G 132 -43.82 34.20 -27.87
C LYS G 132 -42.41 34.51 -27.41
N SER G 133 -41.46 33.70 -27.86
CA SER G 133 -40.06 33.86 -27.50
C SER G 133 -39.53 35.26 -27.75
N GLY G 134 -39.95 35.88 -28.86
CA GLY G 134 -39.48 37.21 -29.17
C GLY G 134 -38.71 37.27 -30.47
N THR G 135 -38.82 36.22 -31.26
CA THR G 135 -38.12 36.13 -32.53
C THR G 135 -39.02 35.57 -33.61
N ALA G 136 -38.77 36.00 -34.83
CA ALA G 136 -39.56 35.53 -35.94
C ALA G 136 -38.68 35.04 -37.08
N SER G 137 -38.90 33.80 -37.49
CA SER G 137 -38.15 33.23 -38.58
C SER G 137 -39.07 32.63 -39.62
N VAL G 138 -38.97 33.18 -40.83
CA VAL G 138 -39.78 32.73 -41.93
C VAL G 138 -39.00 31.81 -42.84
N VAL G 139 -39.52 30.60 -43.04
CA VAL G 139 -38.85 29.63 -43.89
C VAL G 139 -39.48 29.56 -45.27
N CYS G 140 -38.63 29.33 -46.25
CA CYS G 140 -39.04 29.21 -47.63
C CYS G 140 -38.34 28.01 -48.25
N LEU G 141 -39.12 26.99 -48.61
CA LEU G 141 -38.61 25.74 -49.17
C LEU G 141 -38.60 25.66 -50.71
N LEU G 142 -37.51 25.14 -51.27
CA LEU G 142 -37.37 24.95 -52.71
C LEU G 142 -37.20 23.44 -52.77
N ASN G 143 -38.26 22.70 -53.06
CA ASN G 143 -38.17 21.26 -53.03
C ASN G 143 -37.90 20.47 -54.33
N ASN G 144 -36.82 19.68 -54.30
CA ASN G 144 -36.43 18.79 -55.39
C ASN G 144 -36.14 19.36 -56.77
N PHE G 145 -35.09 20.17 -56.88
CA PHE G 145 -34.73 20.75 -58.18
C PHE G 145 -33.36 20.27 -58.64
N TYR G 146 -32.94 20.67 -59.82
CA TYR G 146 -31.60 20.34 -60.31
C TYR G 146 -31.51 21.29 -61.46
N PRO G 147 -30.38 21.95 -61.73
CA PRO G 147 -29.03 22.09 -61.20
C PRO G 147 -29.10 22.75 -59.85
N ARG G 148 -28.03 22.60 -59.09
CA ARG G 148 -27.98 23.17 -57.75
C ARG G 148 -28.32 24.66 -57.78
N GLU G 149 -27.63 25.42 -58.64
CA GLU G 149 -27.86 26.87 -58.72
C GLU G 149 -29.33 27.20 -58.57
N ALA G 150 -29.62 28.07 -57.63
CA ALA G 150 -30.98 28.50 -57.35
C ALA G 150 -30.86 29.77 -56.49
N LYS G 151 -31.75 30.74 -56.69
CA LYS G 151 -31.67 31.95 -55.87
C LYS G 151 -32.98 32.39 -55.24
N VAL G 152 -32.91 32.63 -53.94
CA VAL G 152 -34.05 33.10 -53.16
C VAL G 152 -33.84 34.56 -52.77
N GLN G 153 -34.90 35.37 -52.94
CA GLN G 153 -34.88 36.79 -52.59
C GLN G 153 -36.04 37.08 -51.67
N TRP G 154 -35.78 37.74 -50.54
CA TRP G 154 -36.86 38.04 -49.61
C TRP G 154 -37.39 39.46 -49.78
N LYS G 155 -38.71 39.58 -49.67
CA LYS G 155 -39.39 40.86 -49.80
C LYS G 155 -40.37 41.06 -48.66
N VAL G 156 -40.10 42.05 -47.81
CA VAL G 156 -40.96 42.38 -46.68
C VAL G 156 -41.63 43.68 -47.10
N ASP G 157 -42.96 43.68 -47.22
CA ASP G 157 -43.68 44.87 -47.65
C ASP G 157 -43.04 45.31 -48.95
N ASN G 158 -42.95 44.37 -49.88
CA ASN G 158 -42.33 44.61 -51.19
C ASN G 158 -40.98 45.33 -51.10
N ALA G 159 -40.25 45.06 -50.02
CA ALA G 159 -38.93 45.67 -49.81
C ALA G 159 -37.85 44.61 -49.81
N LEU G 160 -36.80 44.85 -50.59
CA LEU G 160 -35.70 43.91 -50.70
C LEU G 160 -35.03 43.66 -49.34
N GLN G 161 -34.89 42.38 -48.98
CA GLN G 161 -34.25 41.99 -47.72
C GLN G 161 -32.79 41.53 -47.97
N SER G 162 -31.85 42.02 -47.17
CA SER G 162 -30.46 41.63 -47.35
C SER G 162 -29.65 41.30 -46.09
N GLY G 163 -28.83 40.26 -46.22
CA GLY G 163 -27.96 39.80 -45.14
C GLY G 163 -28.66 39.49 -43.86
N ASN G 164 -29.81 38.83 -43.92
CA ASN G 164 -30.56 38.45 -42.72
C ASN G 164 -31.31 37.17 -43.03
N SER G 165 -30.79 36.44 -44.01
CA SER G 165 -31.34 35.19 -44.48
C SER G 165 -30.23 34.15 -44.51
N GLN G 166 -30.60 32.89 -44.36
CA GLN G 166 -29.62 31.82 -44.37
C GLN G 166 -30.20 30.55 -45.01
N GLU G 167 -29.48 30.02 -46.00
CA GLU G 167 -29.91 28.81 -46.69
C GLU G 167 -29.05 27.54 -46.44
N SER G 168 -29.70 26.38 -46.51
CA SER G 168 -29.05 25.07 -46.34
C SER G 168 -29.52 24.21 -47.49
N VAL G 169 -28.59 23.56 -48.18
CA VAL G 169 -28.93 22.70 -49.31
C VAL G 169 -28.73 21.26 -48.88
N THR G 170 -29.52 20.33 -49.41
CA THR G 170 -29.36 18.93 -49.04
C THR G 170 -28.37 18.26 -49.97
N GLU G 171 -28.09 16.99 -49.69
CA GLU G 171 -27.18 16.23 -50.52
C GLU G 171 -28.04 15.76 -51.69
N GLN G 172 -27.46 15.66 -52.87
CA GLN G 172 -28.18 15.17 -54.06
C GLN G 172 -28.99 13.95 -53.64
N ASP G 173 -30.27 13.89 -53.96
CA ASP G 173 -31.05 12.73 -53.55
C ASP G 173 -30.44 11.45 -54.13
N SER G 174 -30.62 10.36 -53.40
CA SER G 174 -30.11 9.07 -53.80
C SER G 174 -30.96 8.45 -54.90
N LYS G 175 -32.19 8.90 -55.01
CA LYS G 175 -33.12 8.35 -56.00
C LYS G 175 -33.31 9.21 -57.23
N ASP G 176 -33.93 10.36 -57.03
CA ASP G 176 -34.21 11.24 -58.15
C ASP G 176 -33.04 12.14 -58.50
N SER G 177 -32.04 12.14 -57.64
CA SER G 177 -30.85 12.96 -57.82
C SER G 177 -31.07 14.47 -57.80
N THR G 178 -32.06 14.95 -57.05
CA THR G 178 -32.30 16.40 -56.94
C THR G 178 -31.88 17.03 -55.59
N TYR G 179 -31.86 18.35 -55.56
CA TYR G 179 -31.50 19.12 -54.39
C TYR G 179 -32.75 19.74 -53.81
N SER G 180 -32.62 20.24 -52.59
CA SER G 180 -33.70 20.90 -51.88
C SER G 180 -32.97 21.99 -51.11
N LEU G 181 -33.57 23.17 -50.98
CA LEU G 181 -32.90 24.25 -50.29
C LEU G 181 -33.87 24.98 -49.44
N SER G 182 -33.44 25.36 -48.24
CA SER G 182 -34.30 26.10 -47.35
C SER G 182 -33.59 27.40 -46.99
N SER G 183 -34.29 28.52 -47.22
CA SER G 183 -33.79 29.84 -46.89
C SER G 183 -34.65 30.34 -45.74
N THR G 184 -33.99 30.71 -44.65
CA THR G 184 -34.68 31.19 -43.46
C THR G 184 -34.44 32.69 -43.20
N LEU G 185 -35.52 33.46 -43.16
CA LEU G 185 -35.43 34.88 -42.89
C LEU G 185 -35.66 35.03 -41.39
N THR G 186 -34.71 35.67 -40.73
CA THR G 186 -34.81 35.89 -39.29
C THR G 186 -34.85 37.36 -38.91
N LEU G 187 -35.92 37.71 -38.19
CA LEU G 187 -36.16 39.06 -37.73
C LEU G 187 -36.74 39.03 -36.32
N SER G 188 -36.61 40.13 -35.60
CA SER G 188 -37.15 40.21 -34.25
C SER G 188 -38.68 40.30 -34.26
N LYS G 189 -39.33 39.70 -33.26
CA LYS G 189 -40.79 39.70 -33.16
C LYS G 189 -41.33 41.08 -33.43
N ALA G 190 -40.55 42.05 -32.97
CA ALA G 190 -40.88 43.44 -33.13
C ALA G 190 -40.92 43.72 -34.62
N ASP G 191 -39.74 43.76 -35.23
CA ASP G 191 -39.62 44.06 -36.64
C ASP G 191 -40.61 43.28 -37.47
N TYR G 192 -40.88 42.05 -37.07
CA TYR G 192 -41.81 41.21 -37.80
C TYR G 192 -43.21 41.81 -37.83
N GLU G 193 -43.73 42.16 -36.67
CA GLU G 193 -45.09 42.70 -36.62
C GLU G 193 -45.19 44.14 -37.12
N LYS G 194 -44.04 44.79 -37.27
CA LYS G 194 -43.95 46.15 -37.76
C LYS G 194 -44.14 46.24 -39.29
N HIS G 195 -44.02 45.11 -39.98
CA HIS G 195 -44.19 45.07 -41.43
C HIS G 195 -45.30 44.04 -41.79
N LYS G 196 -45.85 44.09 -43.01
CA LYS G 196 -46.99 43.22 -43.38
C LYS G 196 -46.91 42.14 -44.48
N VAL G 197 -46.32 42.48 -45.62
CA VAL G 197 -46.23 41.54 -46.73
C VAL G 197 -44.90 40.77 -46.75
N TYR G 198 -45.00 39.45 -46.65
CA TYR G 198 -43.81 38.61 -46.64
C TYR G 198 -43.73 37.71 -47.86
N ALA G 199 -42.82 38.05 -48.76
CA ALA G 199 -42.67 37.31 -49.99
C ALA G 199 -41.30 36.71 -50.23
N CYS G 200 -41.33 35.49 -50.77
CA CYS G 200 -40.13 34.74 -51.12
C CYS G 200 -40.10 34.58 -52.63
N GLU G 201 -39.00 34.99 -53.26
CA GLU G 201 -38.91 34.90 -54.72
C GLU G 201 -37.81 33.98 -55.29
N VAL G 202 -38.25 32.78 -55.68
CA VAL G 202 -37.38 31.74 -56.25
C VAL G 202 -37.03 31.98 -57.72
N THR G 203 -35.76 31.79 -58.05
CA THR G 203 -35.30 32.00 -59.41
C THR G 203 -34.42 30.84 -59.83
N HIS G 204 -35.02 29.83 -60.45
CA HIS G 204 -34.31 28.64 -60.90
C HIS G 204 -34.22 28.61 -62.44
N GLN G 205 -33.50 27.60 -62.94
CA GLN G 205 -33.31 27.41 -64.37
C GLN G 205 -34.54 26.76 -65.00
N GLY G 206 -35.14 25.83 -64.28
CA GLY G 206 -36.31 25.12 -64.78
C GLY G 206 -37.56 25.96 -64.72
N LEU G 207 -37.43 27.18 -64.23
CA LEU G 207 -38.58 28.08 -64.16
C LEU G 207 -38.44 29.10 -65.27
N SER G 208 -39.50 29.22 -66.06
CA SER G 208 -39.52 30.14 -67.20
C SER G 208 -39.46 31.57 -66.70
N SER G 209 -40.04 31.78 -65.52
CA SER G 209 -40.10 33.10 -64.92
C SER G 209 -40.14 33.01 -63.40
N PRO G 210 -39.31 33.83 -62.71
CA PRO G 210 -39.25 33.85 -61.25
C PRO G 210 -40.58 33.56 -60.57
N VAL G 211 -40.56 32.61 -59.62
CA VAL G 211 -41.75 32.24 -58.89
C VAL G 211 -41.76 32.98 -57.57
N THR G 212 -42.94 33.13 -56.98
CA THR G 212 -43.04 33.82 -55.71
C THR G 212 -44.22 33.26 -54.92
N LYS G 213 -43.93 32.84 -53.70
CA LYS G 213 -44.94 32.34 -52.78
C LYS G 213 -44.87 33.37 -51.67
N SER G 214 -45.99 33.61 -50.99
CA SER G 214 -45.96 34.59 -49.92
C SER G 214 -47.19 34.59 -49.02
N PHE G 215 -47.12 35.41 -47.99
CA PHE G 215 -48.19 35.54 -47.02
C PHE G 215 -48.25 36.96 -46.48
N ASN G 216 -49.46 37.38 -46.13
CA ASN G 216 -49.65 38.71 -45.57
C ASN G 216 -49.97 38.56 -44.12
N ARG G 217 -49.40 39.44 -43.32
CA ARG G 217 -49.62 39.44 -41.89
C ARG G 217 -48.58 40.37 -41.26
N GLY G 218 -47.75 39.83 -40.36
CA GLY G 218 -46.78 40.65 -39.69
C GLY G 218 -47.58 41.14 -38.51
N GLU G 219 -48.44 40.23 -38.03
CA GLU G 219 -49.35 40.49 -36.93
C GLU G 219 -49.73 39.18 -36.24
N CYS G 220 -50.19 38.21 -37.03
CA CYS G 220 -50.65 36.91 -36.53
C CYS G 220 -49.87 35.69 -37.07
N GLN H 1 -26.71 -9.15 -37.55
CA GLN H 1 -26.58 -9.36 -36.09
C GLN H 1 -25.34 -8.65 -35.52
N VAL H 2 -24.28 -8.59 -36.33
CA VAL H 2 -23.02 -7.92 -35.94
C VAL H 2 -23.31 -6.42 -35.77
N GLN H 3 -22.94 -5.87 -34.62
CA GLN H 3 -23.21 -4.45 -34.39
C GLN H 3 -22.23 -3.69 -33.49
N LEU H 4 -21.74 -2.55 -33.99
CA LEU H 4 -20.83 -1.67 -33.23
C LEU H 4 -21.64 -0.45 -32.87
N VAL H 5 -21.82 -0.20 -31.58
CA VAL H 5 -22.60 0.95 -31.13
C VAL H 5 -21.75 1.87 -30.30
N GLN H 6 -21.41 3.01 -30.87
CA GLN H 6 -20.58 3.94 -30.14
C GLN H 6 -21.37 4.78 -29.15
N SER H 7 -20.63 5.54 -28.35
CA SER H 7 -21.19 6.40 -27.34
C SER H 7 -21.66 7.69 -28.02
N GLY H 8 -22.43 8.48 -27.27
CA GLY H 8 -22.98 9.71 -27.81
C GLY H 8 -22.04 10.87 -27.99
N ALA H 9 -22.38 11.74 -28.94
CA ALA H 9 -21.58 12.90 -29.25
C ALA H 9 -21.50 13.79 -28.03
N GLU H 10 -20.46 14.60 -27.92
CA GLU H 10 -20.39 15.50 -26.79
C GLU H 10 -19.34 16.59 -26.93
N VAL H 11 -19.57 17.67 -26.21
CA VAL H 11 -18.64 18.76 -26.25
C VAL H 11 -17.59 18.49 -25.17
N VAL H 12 -16.40 19.05 -25.40
CA VAL H 12 -15.33 18.86 -24.48
C VAL H 12 -14.53 20.12 -24.31
N LYS H 13 -14.36 20.53 -23.06
CA LYS H 13 -13.60 21.72 -22.80
C LYS H 13 -12.19 21.57 -23.36
N PRO H 14 -11.62 22.66 -23.89
CA PRO H 14 -10.26 22.62 -24.43
C PRO H 14 -9.31 22.22 -23.30
N GLY H 15 -8.44 21.26 -23.54
CA GLY H 15 -7.54 20.83 -22.49
C GLY H 15 -8.10 19.62 -21.75
N ALA H 16 -9.41 19.43 -21.81
CA ALA H 16 -10.00 18.29 -21.14
C ALA H 16 -9.89 17.01 -21.99
N SER H 17 -10.25 15.89 -21.38
CA SER H 17 -10.20 14.59 -22.04
C SER H 17 -11.60 14.09 -22.25
N VAL H 18 -11.74 13.03 -23.04
CA VAL H 18 -13.05 12.45 -23.26
C VAL H 18 -12.80 10.95 -23.46
N LYS H 19 -13.82 10.12 -23.25
CA LYS H 19 -13.62 8.67 -23.44
C LYS H 19 -14.77 7.99 -24.17
N ILE H 20 -14.63 7.86 -25.49
CA ILE H 20 -15.64 7.25 -26.36
C ILE H 20 -15.71 5.75 -26.16
N SER H 21 -16.87 5.15 -26.40
CA SER H 21 -17.02 3.71 -26.28
C SER H 21 -17.49 3.07 -27.59
N CYS H 22 -17.31 1.76 -27.68
CA CYS H 22 -17.65 0.95 -28.85
C CYS H 22 -18.17 -0.39 -28.31
N LYS H 23 -19.49 -0.56 -28.29
CA LYS H 23 -20.13 -1.79 -27.78
C LYS H 23 -20.37 -2.85 -28.85
N ALA H 24 -19.54 -3.89 -28.88
CA ALA H 24 -19.69 -4.94 -29.88
C ALA H 24 -20.73 -6.00 -29.53
N SER H 25 -21.44 -6.44 -30.56
CA SER H 25 -22.50 -7.43 -30.40
C SER H 25 -22.67 -8.27 -31.66
N GLY H 26 -22.98 -9.55 -31.48
CA GLY H 26 -23.18 -10.40 -32.64
C GLY H 26 -21.98 -11.24 -33.03
N TYR H 27 -20.98 -11.28 -32.17
CA TYR H 27 -19.80 -12.07 -32.47
C TYR H 27 -18.94 -12.09 -31.20
N THR H 28 -17.92 -12.96 -31.18
CA THR H 28 -17.06 -13.08 -30.00
C THR H 28 -16.09 -11.91 -29.98
N PHE H 29 -16.29 -11.01 -29.02
CA PHE H 29 -15.50 -9.79 -28.88
C PHE H 29 -14.02 -10.01 -29.10
N THR H 30 -13.51 -11.08 -28.54
CA THR H 30 -12.09 -11.41 -28.61
C THR H 30 -11.61 -12.03 -29.92
N ASP H 31 -12.42 -11.94 -30.97
CA ASP H 31 -12.05 -12.51 -32.26
C ASP H 31 -11.38 -11.49 -33.14
N HIS H 32 -11.75 -10.23 -32.99
CA HIS H 32 -11.13 -9.20 -33.79
C HIS H 32 -10.78 -7.98 -32.99
N ALA H 33 -9.75 -7.28 -33.45
CA ALA H 33 -9.31 -6.07 -32.79
C ALA H 33 -10.17 -4.93 -33.26
N ILE H 34 -10.35 -3.93 -32.42
CA ILE H 34 -11.15 -2.79 -32.81
C ILE H 34 -10.20 -1.67 -33.22
N HIS H 35 -10.40 -1.11 -34.40
CA HIS H 35 -9.55 0.00 -34.86
C HIS H 35 -10.34 1.28 -34.74
N TRP H 36 -9.62 2.36 -34.52
CA TRP H 36 -10.25 3.63 -34.37
C TRP H 36 -9.80 4.48 -35.50
N VAL H 37 -10.75 5.21 -36.06
CA VAL H 37 -10.51 6.09 -37.18
C VAL H 37 -11.19 7.44 -36.98
N LYS H 38 -10.37 8.48 -37.06
CA LYS H 38 -10.87 9.85 -36.92
C LYS H 38 -11.24 10.39 -38.30
N GLN H 39 -12.25 11.23 -38.35
CA GLN H 39 -12.66 11.81 -39.60
C GLN H 39 -12.84 13.29 -39.40
N ASN H 40 -11.83 14.04 -39.82
CA ASN H 40 -11.85 15.47 -39.67
C ASN H 40 -13.05 15.98 -40.40
N PRO H 41 -13.61 17.10 -39.94
CA PRO H 41 -14.80 17.81 -40.47
C PRO H 41 -15.36 17.48 -41.87
N GLY H 42 -15.82 16.23 -42.06
CA GLY H 42 -16.41 15.77 -43.32
C GLY H 42 -15.51 15.01 -44.28
N GLN H 43 -14.32 15.57 -44.42
CA GLN H 43 -13.28 15.08 -45.29
C GLN H 43 -12.42 13.99 -44.65
N ARG H 44 -11.11 14.29 -44.67
CA ARG H 44 -10.00 13.48 -44.21
C ARG H 44 -10.12 12.42 -43.12
N LEU H 45 -9.78 11.20 -43.51
CA LEU H 45 -9.80 10.04 -42.64
C LEU H 45 -8.40 9.71 -42.20
N GLU H 46 -8.27 9.46 -40.91
CA GLU H 46 -6.98 9.11 -40.33
C GLU H 46 -7.20 7.91 -39.44
N TRP H 47 -6.30 6.93 -39.54
CA TRP H 47 -6.40 5.74 -38.69
C TRP H 47 -5.64 6.07 -37.41
N ILE H 48 -6.32 5.93 -36.27
CA ILE H 48 -5.70 6.20 -34.98
C ILE H 48 -4.88 5.03 -34.42
N GLY H 49 -5.41 3.82 -34.54
CA GLY H 49 -4.71 2.64 -34.04
C GLY H 49 -5.73 1.55 -33.74
N TYR H 50 -5.27 0.44 -33.20
CA TYR H 50 -6.24 -0.58 -32.85
C TYR H 50 -5.84 -1.19 -31.54
N PHE H 51 -6.78 -1.87 -30.94
CA PHE H 51 -6.52 -2.53 -29.69
C PHE H 51 -7.21 -3.84 -29.85
N SER H 52 -6.51 -4.91 -29.56
CA SER H 52 -7.07 -6.21 -29.73
C SER H 52 -7.51 -6.90 -28.47
N PRO H 53 -8.84 -6.88 -28.19
CA PRO H 53 -9.35 -7.55 -26.99
C PRO H 53 -8.98 -9.02 -27.08
N GLY H 54 -8.45 -9.56 -26.00
CA GLY H 54 -8.05 -10.95 -26.05
C GLY H 54 -6.59 -11.08 -25.65
N ASN H 55 -5.70 -10.68 -26.55
CA ASN H 55 -4.29 -10.74 -26.24
C ASN H 55 -3.84 -9.35 -25.73
N ASP H 56 -4.78 -8.40 -25.67
CA ASP H 56 -4.48 -7.05 -25.19
C ASP H 56 -3.32 -6.38 -25.96
N ASP H 57 -3.07 -6.89 -27.14
CA ASP H 57 -2.04 -6.39 -28.00
C ASP H 57 -2.60 -5.12 -28.61
N PHE H 58 -1.74 -4.14 -28.87
CA PHE H 58 -2.21 -2.88 -29.43
C PHE H 58 -1.19 -2.19 -30.34
N LYS H 59 -1.67 -1.35 -31.25
CA LYS H 59 -0.79 -0.59 -32.15
C LYS H 59 -1.34 0.82 -32.35
N TYR H 60 -0.44 1.78 -32.36
CA TYR H 60 -0.83 3.18 -32.52
C TYR H 60 -0.26 3.83 -33.75
N ASN H 61 -0.99 4.75 -34.32
CA ASN H 61 -0.45 5.53 -35.43
C ASN H 61 0.45 6.60 -34.73
N GLU H 62 1.72 6.69 -35.07
CA GLU H 62 2.58 7.67 -34.45
C GLU H 62 1.92 9.07 -34.27
N ARG H 63 1.09 9.49 -35.23
CA ARG H 63 0.41 10.78 -35.11
C ARG H 63 -0.38 10.84 -33.81
N PHE H 64 -1.18 9.82 -33.57
CA PHE H 64 -1.99 9.78 -32.36
C PHE H 64 -1.30 9.35 -31.10
N LYS H 65 -0.03 8.99 -31.20
CA LYS H 65 0.71 8.58 -30.01
C LYS H 65 0.69 9.78 -29.10
N GLY H 66 0.19 9.59 -27.87
CA GLY H 66 0.20 10.69 -26.93
C GLY H 66 -1.02 11.59 -26.99
N LYS H 67 -2.01 11.22 -27.78
CA LYS H 67 -3.24 11.97 -27.90
C LYS H 67 -4.35 10.94 -27.60
N ALA H 68 -4.11 9.69 -27.96
CA ALA H 68 -5.10 8.65 -27.76
C ALA H 68 -4.65 7.50 -26.83
N THR H 69 -5.63 6.84 -26.21
CA THR H 69 -5.33 5.70 -25.35
C THR H 69 -6.43 4.65 -25.55
N LEU H 70 -6.04 3.60 -26.27
CA LEU H 70 -6.90 2.50 -26.59
C LEU H 70 -6.93 1.53 -25.44
N THR H 71 -8.12 1.00 -25.16
CA THR H 71 -8.35 0.05 -24.08
C THR H 71 -9.58 -0.79 -24.44
N ALA H 72 -9.87 -1.79 -23.63
CA ALA H 72 -11.03 -2.61 -23.92
C ALA H 72 -11.43 -3.36 -22.67
N ASP H 73 -12.71 -3.67 -22.53
CA ASP H 73 -13.14 -4.43 -21.38
C ASP H 73 -13.91 -5.62 -21.89
N THR H 74 -13.22 -6.74 -22.03
CA THR H 74 -13.87 -7.91 -22.56
C THR H 74 -15.15 -8.27 -21.86
N SER H 75 -15.14 -8.33 -20.52
CA SER H 75 -16.38 -8.66 -19.81
C SER H 75 -17.55 -7.83 -20.36
N ALA H 76 -17.31 -6.55 -20.57
CA ALA H 76 -18.32 -5.63 -21.10
C ALA H 76 -18.51 -5.83 -22.61
N SER H 77 -17.48 -6.34 -23.28
CA SER H 77 -17.56 -6.56 -24.70
C SER H 77 -17.46 -5.16 -25.36
N THR H 78 -16.74 -4.25 -24.71
CA THR H 78 -16.60 -2.89 -25.23
C THR H 78 -15.17 -2.36 -25.39
N ALA H 79 -14.95 -1.54 -26.40
CA ALA H 79 -13.63 -0.98 -26.65
C ALA H 79 -13.69 0.51 -26.44
N TYR H 80 -12.60 1.08 -25.92
CA TYR H 80 -12.56 2.50 -25.67
C TYR H 80 -11.33 3.14 -26.23
N VAL H 81 -11.48 4.45 -26.45
CA VAL H 81 -10.39 5.29 -26.91
C VAL H 81 -10.62 6.53 -26.10
N GLU H 82 -9.59 6.99 -25.40
CA GLU H 82 -9.68 8.18 -24.59
C GLU H 82 -8.73 9.21 -25.17
N LEU H 83 -9.31 10.35 -25.50
CA LEU H 83 -8.59 11.46 -26.10
C LEU H 83 -8.15 12.54 -25.11
N SER H 84 -6.87 12.75 -24.96
CA SER H 84 -6.36 13.72 -24.00
C SER H 84 -6.09 15.16 -24.46
N SER H 85 -6.28 16.07 -23.51
CA SER H 85 -6.04 17.51 -23.68
C SER H 85 -6.45 18.05 -25.04
N LEU H 86 -7.74 17.91 -25.34
CA LEU H 86 -8.32 18.30 -26.63
C LEU H 86 -8.29 19.75 -27.06
N ARG H 87 -7.97 19.96 -28.35
CA ARG H 87 -7.97 21.30 -28.93
C ARG H 87 -8.82 21.30 -30.21
N SER H 88 -9.11 22.49 -30.72
CA SER H 88 -9.95 22.64 -31.93
C SER H 88 -9.74 21.53 -32.93
N GLU H 89 -8.48 21.40 -33.33
CA GLU H 89 -8.08 20.43 -34.31
C GLU H 89 -8.63 19.02 -34.04
N ASP H 90 -8.99 18.73 -32.79
CA ASP H 90 -9.51 17.41 -32.45
C ASP H 90 -11.00 17.24 -32.70
N THR H 91 -11.69 18.36 -32.89
CA THR H 91 -13.12 18.33 -33.18
C THR H 91 -13.22 17.50 -34.44
N ALA H 92 -13.92 16.38 -34.37
CA ALA H 92 -14.04 15.50 -35.52
C ALA H 92 -14.99 14.37 -35.18
N VAL H 93 -15.17 13.44 -36.12
CA VAL H 93 -16.02 12.31 -35.82
C VAL H 93 -15.12 11.11 -35.68
N TYR H 94 -15.13 10.52 -34.48
CA TYR H 94 -14.34 9.32 -34.22
C TYR H 94 -15.18 8.07 -34.49
N PHE H 95 -14.65 7.20 -35.35
CA PHE H 95 -15.33 5.98 -35.74
C PHE H 95 -14.61 4.75 -35.22
N CYS H 96 -15.36 3.78 -34.69
CA CYS H 96 -14.69 2.55 -34.29
C CYS H 96 -15.08 1.58 -35.38
N THR H 97 -14.26 0.55 -35.58
CA THR H 97 -14.50 -0.43 -36.63
C THR H 97 -13.87 -1.75 -36.19
N ARG H 98 -14.23 -2.85 -36.86
CA ARG H 98 -13.72 -4.19 -36.51
C ARG H 98 -12.84 -4.90 -37.53
N SER H 99 -11.65 -5.34 -37.10
CA SER H 99 -10.66 -6.05 -37.94
C SER H 99 -9.95 -5.23 -39.05
N LEU H 100 -8.92 -5.79 -39.66
CA LEU H 100 -8.20 -5.06 -40.69
C LEU H 100 -9.00 -5.02 -41.97
N ASN H 101 -10.02 -5.85 -41.98
CA ASN H 101 -10.96 -5.98 -43.07
C ASN H 101 -12.16 -5.26 -42.42
N MET H 102 -12.16 -3.94 -42.60
CA MET H 102 -13.15 -3.06 -41.99
C MET H 102 -14.54 -3.15 -42.58
N ALA H 103 -15.09 -4.35 -42.44
CA ALA H 103 -16.42 -4.70 -42.91
C ALA H 103 -17.48 -3.98 -42.11
N TYR H 104 -17.33 -3.98 -40.80
CA TYR H 104 -18.31 -3.32 -39.96
C TYR H 104 -17.81 -2.07 -39.30
N TRP H 105 -18.69 -1.10 -39.12
CA TRP H 105 -18.29 0.14 -38.49
C TRP H 105 -19.26 0.55 -37.41
N GLY H 106 -18.82 1.53 -36.61
CA GLY H 106 -19.66 2.08 -35.57
C GLY H 106 -20.45 3.16 -36.27
N GLN H 107 -21.24 3.90 -35.52
CA GLN H 107 -22.03 4.93 -36.17
C GLN H 107 -21.32 6.28 -36.09
N GLY H 108 -20.22 6.29 -35.33
CA GLY H 108 -19.41 7.49 -35.17
C GLY H 108 -19.82 8.31 -33.97
N THR H 109 -18.87 9.01 -33.37
CA THR H 109 -19.18 9.87 -32.24
C THR H 109 -18.62 11.24 -32.57
N LEU H 110 -19.46 12.25 -32.55
CA LEU H 110 -18.98 13.57 -32.87
C LEU H 110 -18.41 14.33 -31.66
N VAL H 111 -17.09 14.40 -31.58
CA VAL H 111 -16.52 15.18 -30.48
C VAL H 111 -16.34 16.64 -30.92
N THR H 112 -16.94 17.52 -30.13
CA THR H 112 -16.89 18.96 -30.34
C THR H 112 -16.11 19.63 -29.21
N VAL H 113 -14.91 20.12 -29.52
CA VAL H 113 -14.08 20.76 -28.51
C VAL H 113 -14.49 22.22 -28.41
N SER H 114 -15.19 22.56 -27.33
CA SER H 114 -15.70 23.93 -27.12
C SER H 114 -15.75 24.46 -25.69
N SER H 115 -15.90 25.77 -25.56
CA SER H 115 -16.03 26.38 -24.24
C SER H 115 -17.51 26.39 -23.96
N ALA H 116 -18.28 26.57 -25.03
CA ALA H 116 -19.74 26.58 -24.97
C ALA H 116 -20.32 25.41 -24.20
N SER H 117 -21.53 25.59 -23.71
CA SER H 117 -22.19 24.56 -22.93
C SER H 117 -23.21 23.94 -23.82
N THR H 118 -23.67 22.77 -23.43
CA THR H 118 -24.67 22.04 -24.19
C THR H 118 -26.00 22.76 -23.99
N LYS H 119 -26.76 22.94 -25.07
CA LYS H 119 -28.09 23.59 -25.02
C LYS H 119 -29.13 22.81 -25.82
N GLY H 120 -30.27 22.53 -25.18
CA GLY H 120 -31.32 21.80 -25.86
C GLY H 120 -31.90 22.66 -26.96
N PRO H 121 -32.55 22.05 -27.93
CA PRO H 121 -33.16 22.77 -29.06
C PRO H 121 -34.62 23.16 -28.82
N SER H 122 -35.03 24.29 -29.40
CA SER H 122 -36.42 24.74 -29.29
C SER H 122 -37.05 24.17 -30.55
N VAL H 123 -38.23 23.57 -30.46
CA VAL H 123 -38.85 22.99 -31.65
C VAL H 123 -40.16 23.64 -32.08
N PHE H 124 -40.07 24.55 -33.04
CA PHE H 124 -41.21 25.27 -33.55
C PHE H 124 -41.79 24.61 -34.78
N PRO H 125 -43.09 24.81 -35.06
CA PRO H 125 -43.76 24.23 -36.23
C PRO H 125 -43.86 25.09 -37.49
N LEU H 126 -43.67 24.47 -38.65
CA LEU H 126 -43.78 25.14 -39.94
C LEU H 126 -45.09 24.64 -40.54
N ALA H 127 -46.15 25.40 -40.29
CA ALA H 127 -47.49 25.04 -40.73
C ALA H 127 -47.79 25.28 -42.19
N PRO H 128 -48.66 24.41 -42.75
CA PRO H 128 -49.14 24.40 -44.14
C PRO H 128 -49.65 25.77 -44.65
N SER H 129 -50.45 25.75 -45.72
CA SER H 129 -50.99 26.97 -46.33
C SER H 129 -52.51 27.10 -46.38
N SER H 130 -53.16 26.27 -47.21
CA SER H 130 -54.62 26.32 -47.34
C SER H 130 -55.19 24.97 -47.83
N LYS H 131 -56.49 24.99 -48.17
CA LYS H 131 -57.23 23.82 -48.65
C LYS H 131 -56.67 23.30 -49.98
N SER H 132 -57.00 23.98 -51.08
CA SER H 132 -56.51 23.61 -52.42
C SER H 132 -55.49 24.67 -52.92
N THR H 133 -55.24 25.69 -52.09
CA THR H 133 -54.28 26.76 -52.38
C THR H 133 -52.90 26.10 -52.41
N SER H 134 -52.65 25.28 -51.39
CA SER H 134 -51.41 24.52 -51.28
C SER H 134 -51.38 23.58 -52.49
N GLY H 135 -52.56 23.41 -53.11
CA GLY H 135 -52.69 22.55 -54.28
C GLY H 135 -53.10 21.13 -53.94
N GLY H 136 -52.54 20.18 -54.69
CA GLY H 136 -52.84 18.78 -54.44
C GLY H 136 -52.01 18.29 -53.27
N THR H 137 -50.75 18.73 -53.23
CA THR H 137 -49.82 18.37 -52.16
C THR H 137 -49.25 19.63 -51.49
N ALA H 138 -49.25 19.64 -50.16
CA ALA H 138 -48.76 20.78 -49.37
C ALA H 138 -47.51 20.42 -48.55
N ALA H 139 -46.77 21.45 -48.13
CA ALA H 139 -45.56 21.24 -47.35
C ALA H 139 -45.69 21.72 -45.93
N LEU H 140 -45.23 20.91 -44.99
CA LEU H 140 -45.25 21.26 -43.58
C LEU H 140 -43.92 20.81 -42.98
N GLY H 141 -43.63 21.22 -41.76
CA GLY H 141 -42.37 20.81 -41.15
C GLY H 141 -42.07 21.30 -39.75
N CYS H 142 -40.86 21.01 -39.31
CA CYS H 142 -40.37 21.39 -37.99
C CYS H 142 -39.11 22.22 -38.07
N LEU H 143 -39.06 23.26 -37.26
CA LEU H 143 -37.89 24.10 -37.18
C LEU H 143 -37.29 23.80 -35.82
N VAL H 144 -36.15 23.09 -35.82
CA VAL H 144 -35.39 22.75 -34.61
C VAL H 144 -34.35 23.88 -34.39
N LYS H 145 -34.66 24.82 -33.50
CA LYS H 145 -33.77 25.96 -33.30
C LYS H 145 -33.00 26.08 -31.99
N ASP H 146 -31.89 26.80 -32.11
CA ASP H 146 -30.96 27.12 -31.02
C ASP H 146 -30.55 25.98 -30.06
N TYR H 147 -29.76 25.04 -30.56
CA TYR H 147 -29.31 23.92 -29.75
C TYR H 147 -27.81 23.86 -29.90
N PHE H 148 -27.18 23.04 -29.08
CA PHE H 148 -25.73 22.85 -29.11
C PHE H 148 -25.36 21.65 -28.27
N PRO H 149 -24.42 20.83 -28.75
CA PRO H 149 -23.71 20.98 -30.02
C PRO H 149 -24.37 20.05 -31.00
N GLU H 150 -23.71 19.83 -32.13
CA GLU H 150 -24.24 18.88 -33.08
C GLU H 150 -24.27 17.58 -32.29
N PRO H 151 -25.13 16.62 -32.64
CA PRO H 151 -26.10 16.66 -33.74
C PRO H 151 -27.46 16.31 -33.18
N VAL H 152 -28.48 16.66 -33.94
CA VAL H 152 -29.85 16.38 -33.54
C VAL H 152 -30.45 15.41 -34.59
N THR H 153 -31.50 14.67 -34.22
CA THR H 153 -32.12 13.72 -35.15
C THR H 153 -33.62 13.86 -35.25
N VAL H 154 -34.08 14.29 -36.42
CA VAL H 154 -35.50 14.46 -36.68
C VAL H 154 -36.04 13.31 -37.49
N SER H 155 -37.21 12.83 -37.09
CA SER H 155 -37.90 11.75 -37.79
C SER H 155 -39.39 12.13 -37.72
N TRP H 156 -40.18 11.66 -38.67
CA TRP H 156 -41.60 12.00 -38.64
C TRP H 156 -42.52 10.85 -38.30
N ASN H 157 -43.55 11.18 -37.54
CA ASN H 157 -44.51 10.21 -37.07
C ASN H 157 -43.87 8.93 -36.63
N SER H 158 -42.77 9.10 -35.91
CA SER H 158 -41.98 8.01 -35.36
C SER H 158 -41.46 7.00 -36.36
N GLY H 159 -40.89 7.47 -37.47
CA GLY H 159 -40.36 6.56 -38.47
C GLY H 159 -41.30 6.19 -39.60
N ALA H 160 -42.61 6.21 -39.35
CA ALA H 160 -43.57 5.87 -40.39
C ALA H 160 -43.50 6.81 -41.59
N LEU H 161 -43.62 8.12 -41.35
CA LEU H 161 -43.54 9.07 -42.45
C LEU H 161 -42.08 9.23 -42.80
N THR H 162 -41.72 8.82 -44.00
CA THR H 162 -40.34 8.88 -44.46
C THR H 162 -40.28 9.37 -45.88
N SER H 163 -41.26 8.95 -46.65
CA SER H 163 -41.35 9.33 -48.03
C SER H 163 -41.53 10.85 -48.18
N GLY H 164 -40.61 11.49 -48.90
CA GLY H 164 -40.71 12.92 -49.13
C GLY H 164 -40.14 13.82 -48.04
N VAL H 165 -39.57 13.21 -47.01
CA VAL H 165 -38.98 13.94 -45.89
C VAL H 165 -37.68 14.61 -46.30
N HIS H 166 -37.37 15.75 -45.69
CA HIS H 166 -36.13 16.46 -45.99
C HIS H 166 -35.65 17.22 -44.77
N THR H 167 -34.74 16.60 -44.01
CA THR H 167 -34.21 17.24 -42.83
C THR H 167 -32.93 17.92 -43.22
N PHE H 168 -33.01 19.21 -43.56
CA PHE H 168 -31.83 19.95 -43.97
C PHE H 168 -30.64 19.87 -43.00
N PRO H 169 -29.45 20.23 -43.48
CA PRO H 169 -28.19 20.25 -42.75
C PRO H 169 -28.18 21.47 -41.81
N ALA H 170 -27.75 21.27 -40.56
CA ALA H 170 -27.71 22.34 -39.57
C ALA H 170 -26.83 23.50 -39.95
N VAL H 171 -27.15 24.65 -39.41
CA VAL H 171 -26.43 25.86 -39.70
C VAL H 171 -26.00 26.54 -38.44
N LEU H 172 -24.77 27.01 -38.43
CA LEU H 172 -24.20 27.69 -37.28
C LEU H 172 -24.60 29.15 -37.35
N GLN H 173 -25.38 29.59 -36.39
CA GLN H 173 -25.83 30.96 -36.34
C GLN H 173 -24.76 31.87 -35.78
N SER H 174 -24.98 33.17 -35.89
CA SER H 174 -24.03 34.12 -35.35
C SER H 174 -24.11 34.07 -33.84
N SER H 175 -25.21 33.52 -33.33
CA SER H 175 -25.41 33.40 -31.89
C SER H 175 -24.38 32.42 -31.37
N GLY H 176 -24.18 31.35 -32.13
CA GLY H 176 -23.23 30.34 -31.71
C GLY H 176 -24.03 29.10 -31.40
N LEU H 177 -25.22 29.00 -31.94
CA LEU H 177 -26.01 27.80 -31.73
C LEU H 177 -26.30 27.24 -33.08
N TYR H 178 -26.76 26.00 -33.10
CA TYR H 178 -27.08 25.38 -34.37
C TYR H 178 -28.58 25.41 -34.55
N SER H 179 -29.01 25.41 -35.80
CA SER H 179 -30.44 25.46 -36.14
C SER H 179 -30.65 24.72 -37.45
N LEU H 180 -31.78 24.02 -37.58
CA LEU H 180 -32.07 23.29 -38.80
C LEU H 180 -33.56 23.12 -38.97
N SER H 181 -33.97 22.70 -40.17
CA SER H 181 -35.38 22.54 -40.44
C SER H 181 -35.68 21.22 -41.12
N SER H 182 -36.78 20.58 -40.74
CA SER H 182 -37.13 19.29 -41.34
C SER H 182 -38.52 19.27 -42.00
N VAL H 183 -38.55 19.39 -43.33
CA VAL H 183 -39.83 19.40 -44.05
C VAL H 183 -40.27 18.08 -44.68
N VAL H 184 -41.56 18.00 -44.94
CA VAL H 184 -42.16 16.79 -45.52
C VAL H 184 -43.23 17.27 -46.48
N THR H 185 -43.45 16.54 -47.57
CA THR H 185 -44.49 16.89 -48.52
C THR H 185 -45.59 15.84 -48.37
N VAL H 186 -46.83 16.33 -48.29
CA VAL H 186 -48.00 15.49 -48.08
C VAL H 186 -49.21 15.98 -48.88
N PRO H 187 -50.17 15.09 -49.14
CA PRO H 187 -51.38 15.45 -49.88
C PRO H 187 -52.29 16.36 -49.04
N SER H 188 -52.78 17.44 -49.64
CA SER H 188 -53.69 18.34 -48.94
C SER H 188 -54.89 17.52 -48.48
N SER H 189 -55.09 16.36 -49.10
CA SER H 189 -56.19 15.43 -48.78
C SER H 189 -56.06 14.98 -47.31
N SER H 190 -54.92 14.40 -46.97
CA SER H 190 -54.64 13.92 -45.62
C SER H 190 -54.49 15.10 -44.67
N LEU H 191 -53.93 16.20 -45.18
CA LEU H 191 -53.72 17.40 -44.38
C LEU H 191 -55.03 17.76 -43.71
N GLY H 192 -55.15 17.46 -42.41
CA GLY H 192 -56.38 17.78 -41.72
C GLY H 192 -57.15 16.56 -41.26
N THR H 193 -56.79 15.40 -41.79
CA THR H 193 -57.44 14.16 -41.39
C THR H 193 -56.38 13.18 -40.87
N GLN H 194 -55.13 13.43 -41.27
CA GLN H 194 -53.99 12.64 -40.86
C GLN H 194 -53.08 13.50 -39.99
N THR H 195 -52.68 12.98 -38.84
CA THR H 195 -51.81 13.74 -37.94
C THR H 195 -50.34 13.61 -38.33
N TYR H 196 -49.62 14.72 -38.22
CA TYR H 196 -48.21 14.77 -38.54
C TYR H 196 -47.41 15.34 -37.38
N ILE H 197 -46.60 14.49 -36.75
CA ILE H 197 -45.76 14.92 -35.63
C ILE H 197 -44.29 14.61 -35.92
N CYS H 198 -43.40 15.57 -35.67
CA CYS H 198 -41.98 15.33 -35.89
C CYS H 198 -41.35 14.96 -34.53
N ASN H 199 -40.48 13.96 -34.55
CA ASN H 199 -39.80 13.46 -33.36
C ASN H 199 -38.35 13.93 -33.37
N VAL H 200 -38.08 14.99 -32.64
CA VAL H 200 -36.76 15.57 -32.55
C VAL H 200 -36.02 15.00 -31.34
N ASN H 201 -34.74 14.65 -31.52
CA ASN H 201 -33.92 14.16 -30.42
C ASN H 201 -32.47 14.65 -30.48
N HIS H 202 -32.07 15.37 -29.44
CA HIS H 202 -30.74 15.92 -29.31
C HIS H 202 -30.19 15.31 -28.06
N LYS H 203 -29.54 14.16 -28.21
CA LYS H 203 -28.98 13.45 -27.05
C LYS H 203 -27.91 14.17 -26.24
N PRO H 204 -27.13 15.09 -26.85
CA PRO H 204 -26.12 15.77 -26.04
C PRO H 204 -26.76 16.41 -24.80
N SER H 205 -27.95 16.94 -24.96
CA SER H 205 -28.66 17.59 -23.85
C SER H 205 -29.79 16.73 -23.30
N ASN H 206 -29.84 15.48 -23.73
CA ASN H 206 -30.87 14.51 -23.34
C ASN H 206 -32.29 15.04 -23.42
N THR H 207 -32.55 15.86 -24.43
CA THR H 207 -33.88 16.42 -24.63
C THR H 207 -34.55 15.88 -25.90
N LYS H 208 -35.75 15.34 -25.76
CA LYS H 208 -36.47 14.82 -26.90
C LYS H 208 -37.83 15.48 -26.92
N VAL H 209 -38.24 15.94 -28.09
CA VAL H 209 -39.51 16.62 -28.26
C VAL H 209 -40.31 15.89 -29.31
N ASP H 210 -41.59 16.21 -29.40
CA ASP H 210 -42.49 15.63 -30.40
C ASP H 210 -43.52 16.70 -30.71
N LYS H 211 -43.12 17.77 -31.36
CA LYS H 211 -44.09 18.81 -31.67
C LYS H 211 -44.91 18.38 -32.88
N LYS H 212 -46.24 18.47 -32.72
CA LYS H 212 -47.17 18.09 -33.74
C LYS H 212 -47.57 19.31 -34.56
N VAL H 213 -47.20 19.33 -35.83
CA VAL H 213 -47.55 20.44 -36.70
C VAL H 213 -48.97 20.25 -37.18
N GLU H 214 -49.63 21.34 -37.56
CA GLU H 214 -51.01 21.31 -38.05
C GLU H 214 -51.31 22.71 -38.59
N PRO H 215 -52.03 22.80 -39.70
CA PRO H 215 -52.37 24.10 -40.29
C PRO H 215 -53.33 24.95 -39.46
N LYS H 216 -53.28 26.27 -39.66
CA LYS H 216 -54.16 27.22 -38.95
C LYS H 216 -54.04 28.58 -39.65
N SER H 217 -55.20 29.13 -40.05
CA SER H 217 -55.29 30.42 -40.76
C SER H 217 -55.91 31.59 -39.98
N CYS H 218 -55.25 32.75 -40.04
CA CYS H 218 -55.70 33.97 -39.34
C CYS H 218 -56.89 34.56 -40.09
N GLN H 239 -64.02 34.98 -22.36
CA GLN H 239 -62.84 34.18 -22.69
C GLN H 239 -61.88 34.18 -21.52
N PRO H 240 -61.96 33.14 -20.65
CA PRO H 240 -61.07 33.06 -19.48
C PRO H 240 -59.59 33.12 -19.84
N ARG H 241 -58.80 33.63 -18.90
CA ARG H 241 -57.36 33.74 -19.09
C ARG H 241 -56.68 33.25 -17.82
N GLU H 242 -55.74 32.33 -17.99
CA GLU H 242 -54.98 31.74 -16.91
C GLU H 242 -54.02 32.75 -16.30
N PRO H 243 -54.23 33.12 -15.04
CA PRO H 243 -53.39 34.09 -14.34
C PRO H 243 -51.94 33.64 -14.17
N GLN H 244 -51.00 34.58 -14.31
CA GLN H 244 -49.58 34.31 -14.16
C GLN H 244 -49.28 34.64 -12.71
N VAL H 245 -48.47 33.83 -12.06
CA VAL H 245 -48.15 34.10 -10.66
C VAL H 245 -46.64 34.20 -10.49
N TYR H 246 -46.18 35.38 -10.09
CA TYR H 246 -44.77 35.58 -9.85
C TYR H 246 -44.65 36.05 -8.40
N THR H 247 -43.55 35.68 -7.76
CA THR H 247 -43.30 36.09 -6.39
C THR H 247 -42.07 36.99 -6.42
N LEU H 248 -42.09 38.01 -5.56
CA LEU H 248 -41.01 38.96 -5.49
C LEU H 248 -40.60 39.21 -4.04
N PRO H 249 -39.30 39.12 -3.77
CA PRO H 249 -38.79 39.34 -2.41
C PRO H 249 -38.84 40.82 -2.04
N PRO H 250 -38.52 41.17 -0.79
CA PRO H 250 -38.55 42.58 -0.39
C PRO H 250 -37.43 43.45 -1.00
N SER H 251 -37.74 44.69 -1.35
CA SER H 251 -36.73 45.59 -1.92
C SER H 251 -35.57 45.69 -0.92
N ARG H 252 -34.34 45.54 -1.39
CA ARG H 252 -33.21 45.59 -0.49
C ARG H 252 -33.23 46.80 0.45
N ASP H 253 -33.89 47.89 0.02
CA ASP H 253 -33.97 49.09 0.83
C ASP H 253 -34.88 48.83 2.02
N GLU H 254 -35.86 47.97 1.81
CA GLU H 254 -36.82 47.62 2.86
C GLU H 254 -36.17 46.77 3.96
N LEU H 255 -35.02 46.18 3.65
CA LEU H 255 -34.29 45.36 4.61
C LEU H 255 -33.58 46.25 5.60
N THR H 256 -34.15 47.43 5.78
CA THR H 256 -33.67 48.42 6.72
C THR H 256 -34.64 48.32 7.91
N LYS H 257 -35.88 48.06 7.57
CA LYS H 257 -36.94 47.94 8.56
C LYS H 257 -37.00 46.58 9.21
N ASN H 258 -37.52 46.53 10.43
CA ASN H 258 -37.72 45.27 11.11
C ASN H 258 -39.09 44.99 10.50
N GLN H 259 -39.32 43.78 10.02
CA GLN H 259 -40.59 43.42 9.34
C GLN H 259 -40.60 43.94 7.91
N VAL H 260 -40.38 43.02 6.97
CA VAL H 260 -40.35 43.36 5.55
C VAL H 260 -41.57 42.77 4.83
N SER H 261 -41.63 42.93 3.51
CA SER H 261 -42.79 42.46 2.79
C SER H 261 -42.55 41.57 1.60
N LEU H 262 -43.37 40.54 1.53
CA LEU H 262 -43.30 39.56 0.47
C LEU H 262 -44.46 39.79 -0.49
N THR H 263 -44.12 40.08 -1.74
CA THR H 263 -45.10 40.35 -2.77
C THR H 263 -45.46 39.18 -3.66
N CYS H 264 -46.70 39.14 -4.11
CA CYS H 264 -47.19 38.09 -5.01
C CYS H 264 -48.01 38.77 -6.07
N LEU H 265 -47.44 38.88 -7.25
CA LEU H 265 -48.09 39.54 -8.37
C LEU H 265 -48.80 38.54 -9.24
N VAL H 266 -50.11 38.66 -9.35
CA VAL H 266 -50.91 37.77 -10.20
C VAL H 266 -51.36 38.64 -11.37
N LYS H 267 -50.96 38.29 -12.59
CA LYS H 267 -51.33 39.12 -13.72
C LYS H 267 -51.81 38.37 -14.94
N GLY H 268 -52.43 39.11 -15.85
CA GLY H 268 -52.94 38.54 -17.08
C GLY H 268 -54.03 37.51 -16.89
N PHE H 269 -54.94 37.76 -15.95
CA PHE H 269 -56.04 36.82 -15.72
C PHE H 269 -57.41 37.40 -16.11
N TYR H 270 -58.33 36.51 -16.48
CA TYR H 270 -59.64 36.95 -16.94
C TYR H 270 -60.85 37.04 -16.13
N PRO H 271 -61.59 36.00 -15.74
CA PRO H 271 -62.58 36.80 -14.99
C PRO H 271 -61.90 37.53 -13.80
N SER H 272 -62.26 38.79 -13.51
CA SER H 272 -61.64 39.52 -12.40
C SER H 272 -61.84 38.84 -11.04
N ASP H 273 -62.48 37.67 -11.05
CA ASP H 273 -62.73 36.92 -9.83
C ASP H 273 -61.55 36.04 -9.53
N ILE H 274 -61.00 36.21 -8.34
CA ILE H 274 -59.83 35.42 -7.98
C ILE H 274 -59.61 35.48 -6.46
N ALA H 275 -58.87 34.51 -5.94
CA ALA H 275 -58.57 34.44 -4.51
C ALA H 275 -57.10 34.13 -4.25
N VAL H 276 -56.45 35.02 -3.51
CA VAL H 276 -55.04 34.85 -3.18
C VAL H 276 -54.84 34.82 -1.66
N GLU H 277 -54.09 33.82 -1.23
CA GLU H 277 -53.79 33.60 0.19
C GLU H 277 -52.36 33.05 0.35
N TRP H 278 -51.66 33.50 1.39
CA TRP H 278 -50.30 33.04 1.64
C TRP H 278 -50.26 32.00 2.75
N GLU H 279 -49.12 31.33 2.85
CA GLU H 279 -48.92 30.32 3.86
C GLU H 279 -47.41 29.98 3.89
N SER H 280 -46.88 29.60 5.06
CA SER H 280 -45.45 29.27 5.20
C SER H 280 -45.23 27.75 5.22
N ASN H 281 -45.22 27.17 6.42
CA ASN H 281 -45.04 25.73 6.54
C ASN H 281 -46.38 25.12 6.14
N GLY H 282 -46.93 24.28 7.00
CA GLY H 282 -48.23 23.72 6.70
C GLY H 282 -49.23 24.82 7.02
N GLN H 283 -48.89 25.60 8.04
CA GLN H 283 -49.72 26.71 8.50
C GLN H 283 -49.81 27.85 7.50
N PRO H 284 -50.98 28.52 7.45
CA PRO H 284 -51.24 29.64 6.55
C PRO H 284 -50.76 30.92 7.21
N GLU H 285 -50.16 31.80 6.44
CA GLU H 285 -49.73 33.08 6.98
C GLU H 285 -51.00 33.91 7.02
N ASN H 286 -51.09 34.80 8.01
CA ASN H 286 -52.28 35.59 8.15
C ASN H 286 -52.14 37.09 7.86
N ASN H 287 -51.00 37.67 8.22
CA ASN H 287 -50.80 39.09 8.01
C ASN H 287 -50.46 39.50 6.58
N TYR H 288 -51.49 39.65 5.75
CA TYR H 288 -51.27 40.05 4.38
C TYR H 288 -52.48 40.84 3.91
N LYS H 289 -52.35 41.45 2.73
CA LYS H 289 -53.41 42.26 2.14
C LYS H 289 -53.30 42.14 0.62
N THR H 290 -54.40 41.80 -0.03
CA THR H 290 -54.41 41.68 -1.49
C THR H 290 -54.99 43.01 -1.97
N THR H 291 -54.75 43.36 -3.22
CA THR H 291 -55.30 44.59 -3.75
C THR H 291 -56.43 44.21 -4.72
N PRO H 292 -57.38 45.13 -4.96
CA PRO H 292 -58.49 44.85 -5.88
C PRO H 292 -57.98 44.60 -7.31
N PRO H 293 -58.57 43.64 -8.04
CA PRO H 293 -58.06 43.44 -9.39
C PRO H 293 -57.98 44.78 -10.07
N VAL H 294 -57.10 44.91 -11.05
CA VAL H 294 -56.97 46.16 -11.76
C VAL H 294 -56.95 45.83 -13.25
N LEU H 295 -57.82 46.49 -14.01
CA LEU H 295 -57.86 46.25 -15.45
C LEU H 295 -56.54 46.66 -16.10
N ASP H 296 -55.84 45.72 -16.74
CA ASP H 296 -54.60 46.10 -17.38
C ASP H 296 -54.85 46.48 -18.84
N SER H 297 -53.89 47.20 -19.41
CA SER H 297 -53.99 47.69 -20.79
C SER H 297 -54.16 46.63 -21.86
N ASP H 298 -54.41 45.38 -21.46
CA ASP H 298 -54.61 44.31 -22.45
C ASP H 298 -55.99 43.64 -22.33
N GLY H 299 -56.79 44.10 -21.37
CA GLY H 299 -58.10 43.51 -21.19
C GLY H 299 -58.13 42.41 -20.15
N SER H 300 -57.04 42.28 -19.41
CA SER H 300 -56.97 41.26 -18.39
C SER H 300 -56.77 42.03 -17.10
N PHE H 301 -56.78 41.33 -15.99
CA PHE H 301 -56.56 41.98 -14.72
C PHE H 301 -55.30 41.50 -14.03
N PHE H 302 -54.85 42.29 -13.07
CA PHE H 302 -53.67 42.00 -12.28
C PHE H 302 -53.93 42.53 -10.87
N LEU H 303 -53.17 42.04 -9.91
CA LEU H 303 -53.27 42.49 -8.54
C LEU H 303 -52.06 42.01 -7.79
N TYR H 304 -51.75 42.73 -6.72
CA TYR H 304 -50.64 42.36 -5.89
C TYR H 304 -51.15 41.89 -4.53
N SER H 305 -50.39 41.05 -3.84
CA SER H 305 -50.76 40.60 -2.52
C SER H 305 -49.51 40.87 -1.69
N LYS H 306 -49.69 41.47 -0.51
CA LYS H 306 -48.54 41.81 0.32
C LYS H 306 -48.50 41.15 1.70
N LEU H 307 -47.76 40.04 1.81
CA LEU H 307 -47.61 39.34 3.08
C LEU H 307 -46.51 39.94 3.96
N THR H 308 -46.89 40.46 5.11
CA THR H 308 -45.93 41.06 6.00
C THR H 308 -45.36 40.04 6.95
N VAL H 309 -44.05 40.10 7.17
CA VAL H 309 -43.40 39.18 8.08
C VAL H 309 -42.26 39.91 8.76
N ASP H 310 -41.77 39.35 9.87
CA ASP H 310 -40.66 39.93 10.61
C ASP H 310 -39.44 39.72 9.73
N LYS H 311 -38.59 40.74 9.63
CA LYS H 311 -37.39 40.62 8.80
C LYS H 311 -36.53 39.42 9.21
N SER H 312 -36.70 39.00 10.46
CA SER H 312 -35.92 37.89 11.00
C SER H 312 -36.39 36.53 10.52
N ARG H 313 -37.67 36.39 10.22
CA ARG H 313 -38.16 35.11 9.76
C ARG H 313 -37.83 34.97 8.28
N TRP H 314 -37.84 36.09 7.58
CA TRP H 314 -37.52 36.08 6.17
C TRP H 314 -36.09 35.58 6.07
N GLN H 315 -35.20 36.25 6.78
CA GLN H 315 -33.80 35.90 6.77
C GLN H 315 -33.43 34.51 7.29
N GLN H 316 -34.28 33.86 8.08
CA GLN H 316 -33.95 32.51 8.56
C GLN H 316 -34.20 31.52 7.42
N GLY H 317 -34.45 32.04 6.22
CA GLY H 317 -34.73 31.16 5.09
C GLY H 317 -36.24 30.93 4.99
N ASN H 318 -36.67 29.72 5.36
CA ASN H 318 -38.08 29.29 5.32
C ASN H 318 -38.75 29.60 3.99
N VAL H 319 -39.73 28.79 3.60
CA VAL H 319 -40.40 29.03 2.34
C VAL H 319 -41.87 29.41 2.49
N PHE H 320 -42.22 30.57 1.97
CA PHE H 320 -43.60 31.03 2.01
C PHE H 320 -44.08 30.90 0.59
N SER H 321 -45.38 30.76 0.39
CA SER H 321 -45.91 30.63 -0.94
C SER H 321 -47.31 31.21 -1.01
N CYS H 322 -47.66 31.80 -2.17
CA CYS H 322 -49.01 32.33 -2.33
C CYS H 322 -49.81 31.37 -3.19
N SER H 323 -51.04 31.13 -2.76
CA SER H 323 -51.94 30.25 -3.47
C SER H 323 -52.96 31.16 -4.13
N VAL H 324 -53.07 31.01 -5.43
CA VAL H 324 -54.05 31.80 -6.14
C VAL H 324 -55.16 30.89 -6.56
N MET H 325 -56.20 31.44 -7.01
CA MET H 325 -57.27 30.61 -7.41
C MET H 325 -58.06 31.33 -8.46
N HIS H 326 -58.41 30.53 -9.39
CA HIS H 326 -59.06 31.11 -10.48
C HIS H 326 -59.49 30.05 -11.44
N GLU H 327 -60.65 30.29 -11.99
CA GLU H 327 -61.33 29.40 -12.92
C GLU H 327 -60.44 28.90 -14.09
N ALA H 328 -59.50 29.72 -14.54
CA ALA H 328 -58.64 29.35 -15.66
C ALA H 328 -57.38 28.54 -15.31
N LEU H 329 -57.26 28.08 -14.07
CA LEU H 329 -56.09 27.30 -13.67
C LEU H 329 -56.41 25.80 -13.69
N HIS H 330 -55.44 24.96 -14.06
CA HIS H 330 -55.67 23.50 -14.17
C HIS H 330 -56.59 22.90 -13.14
N ASN H 331 -56.50 23.35 -11.90
CA ASN H 331 -57.40 22.81 -10.90
C ASN H 331 -57.89 23.99 -10.12
N HIS H 332 -58.14 25.07 -10.85
CA HIS H 332 -58.62 26.30 -10.26
C HIS H 332 -57.76 26.69 -9.08
N TYR H 333 -56.54 26.18 -9.05
CA TYR H 333 -55.59 26.48 -7.98
C TYR H 333 -54.17 26.31 -8.45
N THR H 334 -53.28 27.09 -7.84
CA THR H 334 -51.86 27.04 -8.13
C THR H 334 -51.14 27.78 -7.00
N GLN H 335 -49.92 27.34 -6.70
CA GLN H 335 -49.12 28.00 -5.68
C GLN H 335 -47.70 28.15 -6.20
N LYS H 336 -47.06 29.24 -5.82
CA LYS H 336 -45.70 29.55 -6.23
C LYS H 336 -44.94 29.95 -4.99
N SER H 337 -43.89 29.23 -4.67
CA SER H 337 -43.11 29.51 -3.46
C SER H 337 -42.03 30.58 -3.63
N LEU H 338 -41.62 31.17 -2.51
CA LEU H 338 -40.56 32.17 -2.49
C LEU H 338 -39.88 32.17 -1.12
N SER H 339 -38.55 32.22 -1.13
CA SER H 339 -37.76 32.18 0.09
C SER H 339 -36.43 32.88 -0.08
N LEU H 340 -35.77 33.22 1.03
CA LEU H 340 -34.48 33.90 0.93
C LEU H 340 -33.54 33.06 0.10
N SER H 341 -33.05 33.65 -0.98
CA SER H 341 -32.16 32.93 -1.89
C SER H 341 -30.67 33.00 -1.58
N PRO H 342 -30.06 31.85 -1.30
CA PRO H 342 -28.63 31.79 -0.99
C PRO H 342 -27.81 32.10 -2.27
N GLY H 343 -27.64 33.39 -2.57
CA GLY H 343 -26.93 33.82 -3.76
C GLY H 343 -25.40 33.78 -3.70
N LYS H 344 -24.81 33.60 -4.89
CA LYS H 344 -23.36 33.52 -5.08
C LYS H 344 -22.74 34.90 -5.34
#